data_2P7E
# 
_entry.id   2P7E 
# 
_audit_conform.dict_name       mmcif_pdbx.dic 
_audit_conform.dict_version    5.377 
_audit_conform.dict_location   http://mmcif.pdb.org/dictionaries/ascii/mmcif_pdbx.dic 
# 
loop_
_database_2.database_id 
_database_2.database_code 
_database_2.pdbx_database_accession 
_database_2.pdbx_DOI 
PDB   2P7E         pdb_00002p7e 10.2210/pdb2p7e/pdb 
NDB   UR0117       ?            ?                   
RCSB  RCSB042059   ?            ?                   
WWPDB D_1000042059 ?            ?                   
# 
loop_
_pdbx_database_related.db_name 
_pdbx_database_related.db_id 
_pdbx_database_related.details 
_pdbx_database_related.content_type 
PDB 2OUE 
;A related minimal, all-RNA hairpin ribozyme construct solved to 2.05 angstroms resolution with waters identified in the active site.
;
unspecified 
PDB 1M5O 'A 4-WAY JUNCTION VARIANT OF THE HAIRPIN RIBOZYME CRYSTALLIZED WITH VANADATE AT THE ACTIVE SITE' unspecified 
PDB 2P7D . unspecified 
PDB 2P7F . unspecified 
# 
_pdbx_database_status.entry_id                        2P7E 
_pdbx_database_status.status_code                     REL 
_pdbx_database_status.status_code_sf                  REL 
_pdbx_database_status.recvd_initial_deposition_date   2007-03-20 
_pdbx_database_status.deposit_site                    RCSB 
_pdbx_database_status.process_site                    RCSB 
_pdbx_database_status.SG_entry                        N 
_pdbx_database_status.status_code_mr                  ? 
_pdbx_database_status.status_code_cs                  ? 
_pdbx_database_status.methods_development_category    ? 
_pdbx_database_status.pdb_format_compatible           Y 
_pdbx_database_status.status_code_nmr_data            ? 
# 
loop_
_audit_author.name 
_audit_author.pdbx_ordinal 
'Torelli, A.T.'  1 
'Krucinska, J.'  2 
'Wedekind, J.E.' 3 
# 
loop_
_citation.id 
_citation.title 
_citation.journal_abbrev 
_citation.journal_volume 
_citation.page_first 
_citation.page_last 
_citation.year 
_citation.journal_id_ASTM 
_citation.country 
_citation.journal_id_ISSN 
_citation.journal_id_CSD 
_citation.book_publisher 
_citation.pdbx_database_id_PubMed 
_citation.pdbx_database_id_DOI 
primary 
;A comparison of vanadate to a 2'-5' linkage at the active site of a small ribozyme suggests a role for water in transition-state stabilization
;
Rna          13 1052  1070  2007 RNARFU UK 1355-8382 2122 ? 17488874 10.1261/rna.510807 
1       
'Water in the active site of an all-RNA hairpin ribozyme and effects of Gua8 base variants on the geometry of phosphoryl transfer.' 
Biochemistry 45 686   700   2006 BICHAW US 0006-2960 0033 ? 16411744 10.1021/bi051887k  
2       
;Conformational heterogeneity at position U37 of an all-RNA hairpin ribozyme with implications for metal binding and the catalytic structure of the S-turn.
;
Biochemistry 44 14396 14408 2005 BICHAW US 0006-2960 0033 ? 16262240 10.1021/bi051550i  
# 
loop_
_citation_author.citation_id 
_citation_author.name 
_citation_author.ordinal 
_citation_author.identifier_ORCID 
primary 'Torelli, A.T.'   1  ? 
primary 'Krucinska, J.'   2  ? 
primary 'Wedekind, J.E.'  3  ? 
1       'Salter, J.'      4  ? 
1       'Krucinska, J.'   5  ? 
1       'Alam, S.'        6  ? 
1       'Grum-Tokars, V.' 7  ? 
1       'Wedekind, J.E.'  8  ? 
2       'Alam, S.'        9  ? 
2       'Grum-Tokars, V.' 10 ? 
2       'Krucinska, J.'   11 ? 
2       'Kundracik, M.L.' 12 ? 
2       'Wedekind, J.E.'  13 ? 
# 
_cell.entry_id           2P7E 
_cell.length_a           94.1 
_cell.length_b           94.1 
_cell.length_c           132.4 
_cell.angle_alpha        90.0 
_cell.angle_beta         90.0 
_cell.angle_gamma        120.0 
_cell.Z_PDB              12 
_cell.pdbx_unique_axis   ? 
_cell.length_a_esd       ? 
_cell.length_b_esd       ? 
_cell.length_c_esd       ? 
_cell.angle_alpha_esd    ? 
_cell.angle_beta_esd     ? 
_cell.angle_gamma_esd    ? 
# 
_symmetry.entry_id                         2P7E 
_symmetry.space_group_name_H-M             'P 61 2 2' 
_symmetry.pdbx_full_space_group_name_H-M   ? 
_symmetry.Int_Tables_number                178 
_symmetry.cell_setting                     ? 
_symmetry.space_group_name_Hall            ? 
# 
loop_
_entity.id 
_entity.type 
_entity.src_method 
_entity.pdbx_description 
_entity.formula_weight 
_entity.pdbx_number_of_molecules 
_entity.pdbx_ec 
_entity.pdbx_mutation 
_entity.pdbx_fragment 
_entity.details 
1 polymer     syn 
;5' substrate strand, pentameric fragment
;
1587.893 1  ? ? ? 
;vanadium oxide at the 2' and 3' oxygens of the 3'-end A
;
2 polymer     syn 'Ribozyme strand I'                        4182.585 1  ? ? ? 
;domain-linking residue S9L at the 3'-end
;
3 polymer     syn 'Ribozyme strand II'                       5535.445 1  ? ? ? 
;domain-linking residue S9L at the 5'-end
;
4 polymer     syn 'Ribozyme strand III'                      5991.568 1  ? ? ? 'contains the S-turn' 
5 polymer     syn 
;3' substrate strand, octameric fragment
;
2501.553 1  ? ? ? 
;vanadium oxide at the O5' oxygen of the 5'-end
;
6 non-polymer syn 'SULFATE ION'                              96.063   1  ? ? ? ? 
7 non-polymer syn 'COBALT HEXAMMINE(III)'                    161.116  2  ? ? ? ? 
8 water       nat water                                      18.015   61 ? ? ? ? 
# 
loop_
_entity_poly.entity_id 
_entity_poly.type 
_entity_poly.nstd_linkage 
_entity_poly.nstd_monomer 
_entity_poly.pdbx_seq_one_letter_code 
_entity_poly.pdbx_seq_one_letter_code_can 
_entity_poly.pdbx_strand_id 
_entity_poly.pdbx_target_identifier 
1 polyribonucleotide                                  no yes 'UCCC(AVC)'         UCCCA               A ? 
2 'polydeoxyribonucleotide/polyribonucleotide hybrid' no yes 'CGGUGAGAAGGG(S9L)' CGGUGAGAAGGGX       B ? 
3 polyribonucleotide                                  no no  GGCAGAGAAACACACGA   GGCAGAGAAACACACGA   C ? 
4 polyribonucleotide                                  no no  UCGUGGUACAUUACCUGCC UCGUGGUACAUUACCUGCC D ? 
5 polyribonucleotide                                  no no  GUCCACCG            GUCCACCG            P ? 
# 
loop_
_entity_poly_seq.entity_id 
_entity_poly_seq.num 
_entity_poly_seq.mon_id 
_entity_poly_seq.hetero 
1 1  U   n 
1 2  C   n 
1 3  C   n 
1 4  C   n 
1 5  AVC n 
2 1  C   n 
2 2  G   n 
2 3  G   n 
2 4  U   n 
2 5  G   n 
2 6  A   n 
2 7  G   n 
2 8  A   n 
2 9  A   n 
2 10 G   n 
2 11 G   n 
2 12 G   n 
2 13 S9L n 
3 1  G   n 
3 2  G   n 
3 3  C   n 
3 4  A   n 
3 5  G   n 
3 6  A   n 
3 7  G   n 
3 8  A   n 
3 9  A   n 
3 10 A   n 
3 11 C   n 
3 12 A   n 
3 13 C   n 
3 14 A   n 
3 15 C   n 
3 16 G   n 
3 17 A   n 
4 1  U   n 
4 2  C   n 
4 3  G   n 
4 4  U   n 
4 5  G   n 
4 6  G   n 
4 7  U   n 
4 8  A   n 
4 9  C   n 
4 10 A   n 
4 11 U   n 
4 12 U   n 
4 13 A   n 
4 14 C   n 
4 15 C   n 
4 16 U   n 
4 17 G   n 
4 18 C   n 
4 19 C   n 
5 1  G   n 
5 2  U   n 
5 3  C   n 
5 4  C   n 
5 5  A   n 
5 6  C   n 
5 7  C   n 
5 8  G   n 
# 
loop_
_pdbx_entity_src_syn.entity_id 
_pdbx_entity_src_syn.pdbx_src_id 
_pdbx_entity_src_syn.pdbx_alt_source_flag 
_pdbx_entity_src_syn.pdbx_beg_seq_num 
_pdbx_entity_src_syn.pdbx_end_seq_num 
_pdbx_entity_src_syn.organism_scientific 
_pdbx_entity_src_syn.organism_common_name 
_pdbx_entity_src_syn.ncbi_taxonomy_id 
_pdbx_entity_src_syn.details 
1 1 sample ? ? ? ? ? 'sequence occurs naturally in tobacco ringspot virus satellite RNA' 
2 1 sample ? ? ? ? ? 'sequence occurs naturally in tobacco ringspot virus satellite RNA' 
3 1 sample ? ? ? ? ? 'sequence occurs naturally in tobacco ringspot virus satellite RNA' 
4 1 sample ? ? ? ? ? 'sequence occurs naturally in tobacco ringspot virus satellite RNA' 
5 1 sample ? ? ? ? ? 'sequence occurs naturally in tobacco ringspot virus satellite RNA' 
# 
loop_
_struct_ref.id 
_struct_ref.entity_id 
_struct_ref.db_name 
_struct_ref.db_code 
_struct_ref.pdbx_db_accession 
_struct_ref.pdbx_align_begin 
_struct_ref.pdbx_seq_one_letter_code 
_struct_ref.pdbx_db_isoform 
1 1 PDB 2P7E 2P7E ? ? ? 
2 2 PDB 2P7E 2P7E ? ? ? 
3 3 PDB 2P7E 2P7E ? ? ? 
4 4 PDB 2P7E 2P7E ? ? ? 
5 5 PDB 2P7E 2P7E ? ? ? 
# 
loop_
_struct_ref_seq.align_id 
_struct_ref_seq.ref_id 
_struct_ref_seq.pdbx_PDB_id_code 
_struct_ref_seq.pdbx_strand_id 
_struct_ref_seq.seq_align_beg 
_struct_ref_seq.pdbx_seq_align_beg_ins_code 
_struct_ref_seq.seq_align_end 
_struct_ref_seq.pdbx_seq_align_end_ins_code 
_struct_ref_seq.pdbx_db_accession 
_struct_ref_seq.db_align_beg 
_struct_ref_seq.pdbx_db_align_beg_ins_code 
_struct_ref_seq.db_align_end 
_struct_ref_seq.pdbx_db_align_end_ins_code 
_struct_ref_seq.pdbx_auth_seq_align_beg 
_struct_ref_seq.pdbx_auth_seq_align_end 
1 1 2P7E A 1 ? 5  ? 2P7E 1  ? 5  ? 1  5  
2 2 2P7E B 1 ? 13 ? 2P7E 2  ? 14 ? 2  14 
3 3 2P7E C 1 ? 17 ? 2P7E 15 ? 31 ? 15 31 
4 4 2P7E D 1 ? 19 ? 2P7E 31 ? 49 ? 31 49 
5 5 2P7E P 1 ? 8  ? 2P7E 6  ? 13 ? 6  13 
# 
loop_
_chem_comp.id 
_chem_comp.type 
_chem_comp.mon_nstd_flag 
_chem_comp.name 
_chem_comp.pdbx_synonyms 
_chem_comp.formula 
_chem_comp.formula_weight 
A   'RNA linking' y "ADENOSINE-5'-MONOPHOSPHATE"                              ? 'C10 H14 N5 O7 P'   347.221 
AVC 'RNA linking' n "ADENOSINE-5'-MONOPHOSPHATE-2',3'-VANADATE"               ? 'C10 H13 N5 O9 P V' 429.154 
C   'RNA linking' y "CYTIDINE-5'-MONOPHOSPHATE"                               ? 'C9 H14 N3 O8 P'    323.197 
G   'RNA linking' y "GUANOSINE-5'-MONOPHOSPHATE"                              ? 'C10 H14 N5 O8 P'   363.221 
HOH non-polymer   . WATER                                                     ? 'H2 O'              18.015  
NCO non-polymer   . 'COBALT HEXAMMINE(III)'                                   ? 'Co H18 N6 3'       161.116 
S9L non-polymer   . '2-[2-(2-HYDROXYETHOXY)ETHOXY]ETHYL DIHYDROGEN PHOSPHATE' ? 'C6 H15 O7 P'       230.153 
SO4 non-polymer   . 'SULFATE ION'                                             ? 'O4 S -2'           96.063  
U   'RNA linking' y "URIDINE-5'-MONOPHOSPHATE"                                ? 'C9 H13 N2 O9 P'    324.181 
# 
_exptl.entry_id          2P7E 
_exptl.method            'X-RAY DIFFRACTION' 
_exptl.crystals_number   1 
# 
_exptl_crystal.id                    1 
_exptl_crystal.density_meas          ? 
_exptl_crystal.density_Matthews      4.27 
_exptl_crystal.density_percent_sol   80.57 
_exptl_crystal.description           ? 
_exptl_crystal.F_000                 ? 
_exptl_crystal.preparation           ? 
# 
_exptl_crystal_grow.crystal_id      1 
_exptl_crystal_grow.method          'VAPOR DIFFUSION, HANGING DROP' 
_exptl_crystal_grow.temp            293 
_exptl_crystal_grow.pH              6.0 
_exptl_crystal_grow.pdbx_details    
;250 mM Li2SO4, 2.5 mM [Co(NH3)6]Cl3, 2 mM spermidine-HCl, 4.5 mM ammonium metavanadate, 100 mM sodium cacodylate buffer and 20% PEG 2000 MME, pH 6.0, VAPOR DIFFUSION, HANGING DROP, temperature 293K
;
_exptl_crystal_grow.temp_details    ? 
_exptl_crystal_grow.pdbx_pH_range   . 
# 
loop_
_exptl_crystal_grow_comp.crystal_id 
_exptl_crystal_grow_comp.id 
_exptl_crystal_grow_comp.sol_id 
_exptl_crystal_grow_comp.name 
_exptl_crystal_grow_comp.conc 
_exptl_crystal_grow_comp.volume 
_exptl_crystal_grow_comp.details 
1 1 1 Li2SO4                  ? ? ? 
1 2 1 '[Co(NH3)6]Cl3'         ? ? ? 
1 3 1 spermidine-HCl          ? ? ? 
1 4 1 'ammonium metavanadate' ? ? ? 
1 5 1 'sodium cacodylate'     ? ? ? 
1 6 1 'PEG 2000 MME'          ? ? ? 
1 7 2 Li2SO4                  ? ? ? 
1 8 2 spermidine-HCl          ? ? ? 
1 9 2 'PEG 2000 MME'          ? ? ? 
# 
_diffrn.id                     1 
_diffrn.ambient_temp           100 
_diffrn.ambient_temp_details   ? 
_diffrn.crystal_id             1 
# 
_diffrn_detector.diffrn_id              1 
_diffrn_detector.detector               CCD 
_diffrn_detector.type                   'ADSC QUANTUM 315' 
_diffrn_detector.pdbx_collection_date   2006-04-12 
_diffrn_detector.details                'Vertical focusing mirror; single crystal Si(311) bent monochromator (horizontal focusing)' 
# 
_diffrn_radiation.diffrn_id                        1 
_diffrn_radiation.wavelength_id                    1 
_diffrn_radiation.pdbx_monochromatic_or_laue_m_l   M 
_diffrn_radiation.monochromator                    'Side-scattering cuberoot I-beam bent single crystal; asymmetric cut 12.2 degs' 
_diffrn_radiation.pdbx_diffrn_protocol             'SINGLE WAVELENGTH' 
_diffrn_radiation.pdbx_scattering_type             x-ray 
# 
_diffrn_radiation_wavelength.id           1 
_diffrn_radiation_wavelength.wavelength   0.98789 
_diffrn_radiation_wavelength.wt           1.0 
# 
_diffrn_source.diffrn_id                   1 
_diffrn_source.source                      SYNCHROTRON 
_diffrn_source.type                        'SSRL BEAMLINE BL9-1' 
_diffrn_source.pdbx_synchrotron_site       SSRL 
_diffrn_source.pdbx_synchrotron_beamline   BL9-1 
_diffrn_source.pdbx_wavelength             ? 
_diffrn_source.pdbx_wavelength_list        0.98789 
# 
_reflns.entry_id                     2P7E 
_reflns.observed_criterion_sigma_I   -3 
_reflns.observed_criterion_sigma_F   ? 
_reflns.d_resolution_low             30.67 
_reflns.d_resolution_high            2.05 
_reflns.number_obs                   21610 
_reflns.number_all                   21610 
_reflns.percent_possible_obs         96.3 
_reflns.pdbx_Rmerge_I_obs            ? 
_reflns.pdbx_Rsym_value              0.046 
_reflns.pdbx_netI_over_sigmaI        14.9 
_reflns.B_iso_Wilson_estimate        52.6 
_reflns.pdbx_redundancy              5.45 
_reflns.R_free_details               ? 
_reflns.pdbx_chi_squared             ? 
_reflns.pdbx_scaling_rejects         ? 
_reflns.pdbx_diffrn_id               1 
_reflns.pdbx_ordinal                 1 
# 
_reflns_shell.d_res_high             2.05 
_reflns_shell.d_res_low              2.12 
_reflns_shell.percent_possible_all   85.8 
_reflns_shell.Rmerge_I_obs           ? 
_reflns_shell.pdbx_Rsym_value        0.429 
_reflns_shell.meanI_over_sigI_obs    3.5 
_reflns_shell.pdbx_redundancy        4.86 
_reflns_shell.percent_possible_obs   ? 
_reflns_shell.number_unique_all      ? 
_reflns_shell.number_measured_all    ? 
_reflns_shell.number_measured_obs    ? 
_reflns_shell.number_unique_obs      ? 
_reflns_shell.pdbx_chi_squared       ? 
_reflns_shell.pdbx_diffrn_id         ? 
_reflns_shell.pdbx_ordinal           1 
# 
_refine.entry_id                                 2P7E 
_refine.ls_number_reflns_obs                     21580 
_refine.ls_number_reflns_all                     21580 
_refine.pdbx_ls_sigma_I                          ? 
_refine.pdbx_ls_sigma_F                          0.0 
_refine.pdbx_data_cutoff_high_absF               2624271.15 
_refine.pdbx_data_cutoff_low_absF                0.000000 
_refine.pdbx_data_cutoff_high_rms_absF           ? 
_refine.ls_d_res_low                             29.93 
_refine.ls_d_res_high                            2.05 
_refine.ls_percent_reflns_obs                    96.4 
_refine.ls_R_factor_obs                          0.2591 
_refine.ls_R_factor_all                          0.2591 
_refine.ls_R_factor_R_work                       0.258 
_refine.ls_R_factor_R_free                       0.271 
_refine.ls_R_factor_R_free_error                 0.008 
_refine.ls_R_factor_R_free_error_details         ? 
_refine.ls_percent_reflns_R_free                 4.8 
_refine.ls_number_reflns_R_free                  1046 
_refine.ls_number_parameters                     ? 
_refine.ls_number_restraints                     ? 
_refine.occupancy_min                            ? 
_refine.occupancy_max                            ? 
_refine.correlation_coeff_Fo_to_Fc               ? 
_refine.correlation_coeff_Fo_to_Fc_free          ? 
_refine.B_iso_mean                               61.0 
_refine.aniso_B[1][1]                            -5.99 
_refine.aniso_B[2][2]                            -5.99 
_refine.aniso_B[3][3]                            11.98 
_refine.aniso_B[1][2]                            1.25 
_refine.aniso_B[1][3]                            0.00 
_refine.aniso_B[2][3]                            0.00 
_refine.solvent_model_details                    'FLAT MODEL' 
_refine.solvent_model_param_ksol                 0.316013 
_refine.solvent_model_param_bsol                 55.4615 
_refine.pdbx_solvent_vdw_probe_radii             ? 
_refine.pdbx_solvent_ion_probe_radii             ? 
_refine.pdbx_solvent_shrinkage_radii             ? 
_refine.pdbx_ls_cross_valid_method               THROUGHOUT 
_refine.details                                  ? 
_refine.pdbx_starting_model                      'PDB ENTRY 1ZFR' 
_refine.pdbx_method_to_determine_struct          'FOURIER SYNTHESIS' 
_refine.pdbx_isotropic_thermal_model             RESTRAINED 
_refine.pdbx_stereochemistry_target_values       'Parkinson et al. Acta Cryst.D,52,57 (1996)' 
_refine.pdbx_stereochem_target_val_spec_case     ? 
_refine.pdbx_R_Free_selection_details            RANDOM 
_refine.pdbx_overall_ESU_R_Free                  ? 
_refine.overall_SU_ML                            ? 
_refine.overall_SU_B                             ? 
_refine.ls_redundancy_reflns_obs                 ? 
_refine.overall_SU_R_Cruickshank_DPI             ? 
_refine.overall_SU_R_free                        ? 
_refine.ls_wR_factor_R_free                      ? 
_refine.ls_wR_factor_R_work                      ? 
_refine.overall_FOM_free_R_set                   ? 
_refine.overall_FOM_work_R_set                   ? 
_refine.pdbx_refine_id                           'X-RAY DIFFRACTION' 
_refine.pdbx_overall_ESU_R                       ? 
_refine.pdbx_overall_phase_error                 ? 
_refine.pdbx_diffrn_id                           1 
_refine.pdbx_TLS_residual_ADP_flag               ? 
_refine.pdbx_overall_SU_R_free_Cruickshank_DPI   ? 
_refine.pdbx_overall_SU_R_Blow_DPI               ? 
_refine.pdbx_overall_SU_R_free_Blow_DPI          ? 
# 
_refine_analyze.entry_id                        2P7E 
_refine_analyze.Luzzati_coordinate_error_obs    0.40 
_refine_analyze.Luzzati_sigma_a_obs             0.81 
_refine_analyze.Luzzati_d_res_low_obs           30.67 
_refine_analyze.Luzzati_coordinate_error_free   0.46 
_refine_analyze.Luzzati_sigma_a_free            0.76 
_refine_analyze.Luzzati_d_res_low_free          ? 
_refine_analyze.number_disordered_residues      ? 
_refine_analyze.occupancy_sum_hydrogen          ? 
_refine_analyze.occupancy_sum_non_hydrogen      ? 
_refine_analyze.pdbx_refine_id                  'X-RAY DIFFRACTION' 
# 
_refine_hist.pdbx_refine_id                   'X-RAY DIFFRACTION' 
_refine_hist.cycle_id                         LAST 
_refine_hist.pdbx_number_atoms_protein        0 
_refine_hist.pdbx_number_atoms_nucleic_acid   1350 
_refine_hist.pdbx_number_atoms_ligand         19 
_refine_hist.number_atoms_solvent             61 
_refine_hist.number_atoms_total               1430 
_refine_hist.d_res_high                       2.05 
_refine_hist.d_res_low                        29.93 
# 
loop_
_refine_ls_restr.type 
_refine_ls_restr.dev_ideal 
_refine_ls_restr.dev_ideal_target 
_refine_ls_restr.weight 
_refine_ls_restr.number 
_refine_ls_restr.pdbx_refine_id 
_refine_ls_restr.pdbx_restraint_function 
c_bond_d           0.008 ? ? ? 'X-RAY DIFFRACTION' ? 
c_angle_deg        1.6   ? ? ? 'X-RAY DIFFRACTION' ? 
c_dihedral_angle_d 18.4  ? ? ? 'X-RAY DIFFRACTION' ? 
c_improper_angle_d 1.77  ? ? ? 'X-RAY DIFFRACTION' ? 
c_mcbond_it        ?     ? ? ? 'X-RAY DIFFRACTION' ? 
c_mcangle_it       ?     ? ? ? 'X-RAY DIFFRACTION' ? 
c_scbond_it        ?     ? ? ? 'X-RAY DIFFRACTION' ? 
c_scangle_it       ?     ? ? ? 'X-RAY DIFFRACTION' ? 
# 
_refine_ls_shell.pdbx_total_number_of_bins_used   6 
_refine_ls_shell.d_res_high                       2.05 
_refine_ls_shell.d_res_low                        2.18 
_refine_ls_shell.number_reflns_R_work             3178 
_refine_ls_shell.R_factor_R_work                  0.609 
_refine_ls_shell.percent_reflns_obs               92.1 
_refine_ls_shell.R_factor_R_free                  0.586 
_refine_ls_shell.R_factor_R_free_error            0.047 
_refine_ls_shell.percent_reflns_R_free            4.7 
_refine_ls_shell.number_reflns_R_free             157 
_refine_ls_shell.number_reflns_all                ? 
_refine_ls_shell.R_factor_all                     ? 
_refine_ls_shell.number_reflns_obs                ? 
_refine_ls_shell.redundancy_reflns_obs            ? 
_refine_ls_shell.pdbx_refine_id                   'X-RAY DIFFRACTION' 
# 
loop_
_pdbx_xplor_file.serial_no 
_pdbx_xplor_file.param_file 
_pdbx_xplor_file.topol_file 
_pdbx_xplor_file.pdbx_refine_id 
1 dna-rnaATT             dna-rnaATT            'X-RAY DIFFRACTION' 
2 cobalt.par             cobalt.top            'X-RAY DIFFRACTION' 
3 water_rep.param        water.top             'X-RAY DIFFRACTION' 
4 ion.param              ion.top               'X-RAY DIFFRACTION' 
5 &_1_PARAMETER_INFILE_5 &_1_TOPOLOGY_INFILE_5 'X-RAY DIFFRACTION' 
# 
_struct.entry_id                  2P7E 
_struct.title                     
'Vanadate at the Active Site of a Small Ribozyme Suggests a Role for Water in Transition-State Stabilization' 
_struct.pdbx_model_details        ? 
_struct.pdbx_CASP_flag            N 
_struct.pdbx_model_type_details   ? 
# 
_struct_keywords.entry_id        2P7E 
_struct_keywords.pdbx_keywords   RNA 
_struct_keywords.text            
'hairpin ribozyme; vanadate; reaction intermediate; transition-state stabilization; active site waters; induced fit, RNA' 
# 
loop_
_struct_asym.id 
_struct_asym.pdbx_blank_PDB_chainid_flag 
_struct_asym.pdbx_modified 
_struct_asym.entity_id 
_struct_asym.details 
A N N 1 ? 
B N N 2 ? 
C N N 3 ? 
D N N 4 ? 
E N N 5 ? 
F N N 6 ? 
G N N 7 ? 
H N N 7 ? 
I N N 8 ? 
J N N 8 ? 
K N N 8 ? 
L N N 8 ? 
M N N 8 ? 
# 
_struct_biol.id                    1 
_struct_biol.details               'The ribozyme-substrate complex in the asymmetric unit also represents the biological unit' 
_struct_biol.pdbx_parent_biol_id   ? 
# 
loop_
_struct_conn.id 
_struct_conn.conn_type_id 
_struct_conn.pdbx_leaving_atom_flag 
_struct_conn.pdbx_PDB_id 
_struct_conn.ptnr1_label_asym_id 
_struct_conn.ptnr1_label_comp_id 
_struct_conn.ptnr1_label_seq_id 
_struct_conn.ptnr1_label_atom_id 
_struct_conn.pdbx_ptnr1_label_alt_id 
_struct_conn.pdbx_ptnr1_PDB_ins_code 
_struct_conn.pdbx_ptnr1_standard_comp_id 
_struct_conn.ptnr1_symmetry 
_struct_conn.ptnr2_label_asym_id 
_struct_conn.ptnr2_label_comp_id 
_struct_conn.ptnr2_label_seq_id 
_struct_conn.ptnr2_label_atom_id 
_struct_conn.pdbx_ptnr2_label_alt_id 
_struct_conn.pdbx_ptnr2_PDB_ins_code 
_struct_conn.ptnr1_auth_asym_id 
_struct_conn.ptnr1_auth_comp_id 
_struct_conn.ptnr1_auth_seq_id 
_struct_conn.ptnr2_auth_asym_id 
_struct_conn.ptnr2_auth_comp_id 
_struct_conn.ptnr2_auth_seq_id 
_struct_conn.ptnr2_symmetry 
_struct_conn.pdbx_ptnr3_label_atom_id 
_struct_conn.pdbx_ptnr3_label_seq_id 
_struct_conn.pdbx_ptnr3_label_comp_id 
_struct_conn.pdbx_ptnr3_label_asym_id 
_struct_conn.pdbx_ptnr3_label_alt_id 
_struct_conn.pdbx_ptnr3_PDB_ins_code 
_struct_conn.details 
_struct_conn.pdbx_dist_value 
_struct_conn.pdbx_value_order 
_struct_conn.pdbx_role 
covale1  covale both ? A C   4  "O3'" ? ? ? 1_555 A AVC 5  P     ? ? A C   4  A AVC 5  1_555 ? ? ? ? ? ? ?                    
1.613 ? ? 
covale2  covale both ? B G   12 "O3'" ? ? ? 1_555 B S9L 13 P     ? ? B G   13 B S9L 14 1_555 ? ? ? ? ? ? ?                    
1.612 ? ? 
covale3  covale both ? B S9L 13 "O3'" ? ? ? 1_555 C G   1  P     ? ? B S9L 14 C G   15 1_555 ? ? ? ? ? ? ?                    
1.602 ? ? 
metalc1  metalc ?    ? A AVC 5  V     ? ? ? 1_555 E G   1  "O5'" ? ? A AVC 5  P G   6  1_555 ? ? ? ? ? ? ?                    
1.985 ? ? 
hydrog1  hydrog ?    ? A C   2  N3    ? ? ? 1_555 B G   12 N1    ? ? A C   2  B G   13 1_555 ? ? ? ? ? ? WATSON-CRICK         ? ? 
? 
hydrog2  hydrog ?    ? A C   2  N4    ? ? ? 1_555 B G   12 O6    ? ? A C   2  B G   13 1_555 ? ? ? ? ? ? WATSON-CRICK         ? ? 
? 
hydrog3  hydrog ?    ? A C   2  O2    ? ? ? 1_555 B G   12 N2    ? ? A C   2  B G   13 1_555 ? ? ? ? ? ? WATSON-CRICK         ? ? 
? 
hydrog4  hydrog ?    ? A C   3  N3    ? ? ? 1_555 B G   11 N1    ? ? A C   3  B G   12 1_555 ? ? ? ? ? ? WATSON-CRICK         ? ? 
? 
hydrog5  hydrog ?    ? A C   3  N4    ? ? ? 1_555 B G   11 O6    ? ? A C   3  B G   12 1_555 ? ? ? ? ? ? WATSON-CRICK         ? ? 
? 
hydrog6  hydrog ?    ? A C   3  O2    ? ? ? 1_555 B G   11 N2    ? ? A C   3  B G   12 1_555 ? ? ? ? ? ? WATSON-CRICK         ? ? 
? 
hydrog7  hydrog ?    ? A C   4  N3    ? ? ? 1_555 B G   10 N1    ? ? A C   4  B G   11 1_555 ? ? ? ? ? ? WATSON-CRICK         ? ? 
? 
hydrog8  hydrog ?    ? A C   4  N4    ? ? ? 1_555 B G   10 O6    ? ? A C   4  B G   11 1_555 ? ? ? ? ? ? WATSON-CRICK         ? ? 
? 
hydrog9  hydrog ?    ? A C   4  O2    ? ? ? 1_555 B G   10 N2    ? ? A C   4  B G   11 1_555 ? ? ? ? ? ? WATSON-CRICK         ? ? 
? 
hydrog10 hydrog ?    ? A AVC 5  N3    ? ? ? 1_555 B A   8  N6    ? ? A AVC 5  B A   9  1_555 ? ? ? ? ? ? 'AVC-A MISPAIR'      ? ? 
? 
hydrog11 hydrog ?    ? A AVC 5  N3    ? ? ? 1_555 B A   9  N6    ? ? A AVC 5  B A   10 1_555 ? ? ? ? ? ? 'AVC-A MISPAIR'      ? ? 
? 
hydrog12 hydrog ?    ? B C   1  N3    ? ? ? 1_555 E G   8  N1    ? ? B C   2  P G   13 1_555 ? ? ? ? ? ? WATSON-CRICK         ? ? 
? 
hydrog13 hydrog ?    ? B C   1  N4    ? ? ? 1_555 E G   8  O6    ? ? B C   2  P G   13 1_555 ? ? ? ? ? ? WATSON-CRICK         ? ? 
? 
hydrog14 hydrog ?    ? B C   1  O2    ? ? ? 1_555 E G   8  N2    ? ? B C   2  P G   13 1_555 ? ? ? ? ? ? WATSON-CRICK         ? ? 
? 
hydrog15 hydrog ?    ? B G   2  N1    ? ? ? 1_555 E C   7  N3    ? ? B G   3  P C   12 1_555 ? ? ? ? ? ? WATSON-CRICK         ? ? 
? 
hydrog16 hydrog ?    ? B G   2  N2    ? ? ? 1_555 E C   7  O2    ? ? B G   3  P C   12 1_555 ? ? ? ? ? ? WATSON-CRICK         ? ? 
? 
hydrog17 hydrog ?    ? B G   2  O6    ? ? ? 1_555 E C   7  N4    ? ? B G   3  P C   12 1_555 ? ? ? ? ? ? WATSON-CRICK         ? ? 
? 
hydrog18 hydrog ?    ? B G   3  N1    ? ? ? 1_555 E C   6  N3    ? ? B G   4  P C   11 1_555 ? ? ? ? ? ? WATSON-CRICK         ? ? 
? 
hydrog19 hydrog ?    ? B G   3  N2    ? ? ? 1_555 E C   6  O2    ? ? B G   4  P C   11 1_555 ? ? ? ? ? ? WATSON-CRICK         ? ? 
? 
hydrog20 hydrog ?    ? B G   3  O6    ? ? ? 1_555 E C   6  N4    ? ? B G   4  P C   11 1_555 ? ? ? ? ? ? WATSON-CRICK         ? ? 
? 
hydrog21 hydrog ?    ? B U   4  N3    ? ? ? 1_555 E A   5  N1    ? ? B U   5  P A   10 1_555 ? ? ? ? ? ? WATSON-CRICK         ? ? 
? 
hydrog22 hydrog ?    ? B U   4  O4    ? ? ? 1_555 E A   5  N6    ? ? B U   5  P A   10 1_555 ? ? ? ? ? ? WATSON-CRICK         ? ? 
? 
hydrog23 hydrog ?    ? B G   5  N1    ? ? ? 1_555 E C   4  N3    ? ? B G   6  P C   9  1_555 ? ? ? ? ? ? WATSON-CRICK         ? ? 
? 
hydrog24 hydrog ?    ? B G   5  N2    ? ? ? 1_555 E C   4  O2    ? ? B G   6  P C   9  1_555 ? ? ? ? ? ? WATSON-CRICK         ? ? 
? 
hydrog25 hydrog ?    ? B G   5  O6    ? ? ? 1_555 E C   4  N4    ? ? B G   6  P C   9  1_555 ? ? ? ? ? ? WATSON-CRICK         ? ? 
? 
hydrog26 hydrog ?    ? B A   6  N1    ? ? ? 1_555 E C   3  N4    ? ? B A   7  P C   8  1_555 ? ? ? ? ? ? 'A-C MISPAIR'        ? ? 
? 
hydrog27 hydrog ?    ? B G   7  N2    A ? ? 1_555 E U   2  O4    ? ? B G   8  P U   7  1_555 ? ? ? ? ? ? 'G-U MISPAIR'        ? ? 
? 
hydrog28 hydrog ?    ? C G   1  N1    ? ? ? 1_555 D C   19 N3    ? ? C G   15 D C   49 1_555 ? ? ? ? ? ? WATSON-CRICK         ? ? 
? 
hydrog29 hydrog ?    ? C G   1  N2    ? ? ? 1_555 D C   19 O2    ? ? C G   15 D C   49 1_555 ? ? ? ? ? ? WATSON-CRICK         ? ? 
? 
hydrog30 hydrog ?    ? C G   1  O6    ? ? ? 1_555 D C   19 N4    ? ? C G   15 D C   49 1_555 ? ? ? ? ? ? WATSON-CRICK         ? ? 
? 
hydrog31 hydrog ?    ? C G   2  N1    ? ? ? 1_555 D C   18 N3    ? ? C G   16 D C   48 1_555 ? ? ? ? ? ? WATSON-CRICK         ? ? 
? 
hydrog32 hydrog ?    ? C G   2  N2    ? ? ? 1_555 D C   18 O2    ? ? C G   16 D C   48 1_555 ? ? ? ? ? ? WATSON-CRICK         ? ? 
? 
hydrog33 hydrog ?    ? C G   2  O6    ? ? ? 1_555 D C   18 N4    ? ? C G   16 D C   48 1_555 ? ? ? ? ? ? WATSON-CRICK         ? ? 
? 
hydrog34 hydrog ?    ? C C   3  N3    ? ? ? 1_555 D G   17 N1    ? ? C C   17 D G   47 1_555 ? ? ? ? ? ? WATSON-CRICK         ? ? 
? 
hydrog35 hydrog ?    ? C C   3  N4    ? ? ? 1_555 D G   17 O6    ? ? C C   17 D G   47 1_555 ? ? ? ? ? ? WATSON-CRICK         ? ? 
? 
hydrog36 hydrog ?    ? C C   3  O2    ? ? ? 1_555 D G   17 N2    ? ? C C   17 D G   47 1_555 ? ? ? ? ? ? WATSON-CRICK         ? ? 
? 
hydrog37 hydrog ?    ? C A   4  N1    ? ? ? 1_555 D U   16 N3    ? ? C A   18 D U   46 1_555 ? ? ? ? ? ? WATSON-CRICK         ? ? 
? 
hydrog38 hydrog ?    ? C A   4  N6    ? ? ? 1_555 D U   16 O4    ? ? C A   18 D U   46 1_555 ? ? ? ? ? ? WATSON-CRICK         ? ? 
? 
hydrog39 hydrog ?    ? C G   5  N1    ? ? ? 1_555 D C   15 N3    ? ? C G   19 D C   45 1_555 ? ? ? ? ? ? WATSON-CRICK         ? ? 
? 
hydrog40 hydrog ?    ? C G   5  N2    ? ? ? 1_555 D C   15 O2    ? ? C G   19 D C   45 1_555 ? ? ? ? ? ? WATSON-CRICK         ? ? 
? 
hydrog41 hydrog ?    ? C G   5  O6    ? ? ? 1_555 D C   15 N4    ? ? C G   19 D C   45 1_555 ? ? ? ? ? ? WATSON-CRICK         ? ? 
? 
hydrog42 hydrog ?    ? C A   6  N1    ? ? ? 1_555 D C   14 N4    ? ? C A   20 D C   44 1_555 ? ? ? ? ? ? 'A-C MISPAIR'        ? ? 
? 
hydrog43 hydrog ?    ? C G   7  N2    ? ? ? 1_555 D A   13 N7    ? ? C G   21 D A   43 1_555 ? ? ? ? ? ? TYPE_11_PAIR         ? ? 
? 
hydrog44 hydrog ?    ? C G   7  N3    ? ? ? 1_555 D A   13 N6    ? ? C G   21 D A   43 1_555 ? ? ? ? ? ? TYPE_11_PAIR         ? ? 
? 
hydrog45 hydrog ?    ? C A   8  N6    ? ? ? 1_555 D U   11 O2    ? ? C A   22 D U   41 1_555 ? ? ? ? ? ? 'REVERSED HOOGSTEEN' ? ? 
? 
hydrog46 hydrog ?    ? C A   8  N7    ? ? ? 1_555 D U   11 N3    ? ? C A   22 D U   41 1_555 ? ? ? ? ? ? 'REVERSED HOOGSTEEN' ? ? 
? 
hydrog47 hydrog ?    ? C A   9  N6    ? ? ? 1_555 D A   10 N1    ? ? C A   23 D A   40 1_555 ? ? ? ? ? ? TYPE_5_PAIR          ? ? 
? 
hydrog48 hydrog ?    ? C A   9  N7    ? ? ? 1_555 D A   10 N6    ? ? C A   23 D A   40 1_555 ? ? ? ? ? ? TYPE_5_PAIR          ? ? 
? 
hydrog49 hydrog ?    ? C A   10 N6    ? ? ? 1_555 D A   8  N7    ? ? C A   24 D A   38 1_555 ? ? ? ? ? ? 'A-A MISPAIR'        ? ? 
? 
hydrog50 hydrog ?    ? C C   11 N3    ? ? ? 1_555 E G   1  N1    ? ? C C   25 P G   6  1_555 ? ? ? ? ? ? WATSON-CRICK         ? ? 
? 
hydrog51 hydrog ?    ? C C   11 N4    ? ? ? 1_555 E G   1  O6    ? ? C C   25 P G   6  1_555 ? ? ? ? ? ? WATSON-CRICK         ? ? 
? 
hydrog52 hydrog ?    ? C C   11 O2    ? ? ? 1_555 E G   1  N2    ? ? C C   25 P G   6  1_555 ? ? ? ? ? ? WATSON-CRICK         ? ? 
? 
hydrog53 hydrog ?    ? C A   12 N1    ? ? ? 1_555 D G   6  N1    ? ? C A   26 D G   36 1_555 ? ? ? ? ? ? TYPE_8_PAIR          ? ? 
? 
hydrog54 hydrog ?    ? C A   12 N6    ? ? ? 1_555 D G   6  O6    ? ? C A   26 D G   36 1_555 ? ? ? ? ? ? TYPE_8_PAIR          ? ? 
? 
hydrog55 hydrog ?    ? C C   13 N3    ? ? ? 1_555 D G   5  N1    ? ? C C   27 D G   35 1_555 ? ? ? ? ? ? WATSON-CRICK         ? ? 
? 
hydrog56 hydrog ?    ? C C   13 N4    ? ? ? 1_555 D G   5  O6    ? ? C C   27 D G   35 1_555 ? ? ? ? ? ? WATSON-CRICK         ? ? 
? 
hydrog57 hydrog ?    ? C C   13 O2    ? ? ? 1_555 D G   5  N2    ? ? C C   27 D G   35 1_555 ? ? ? ? ? ? WATSON-CRICK         ? ? 
? 
hydrog58 hydrog ?    ? C A   14 N1    ? ? ? 1_555 D U   4  N3    ? ? C A   28 D U   34 1_555 ? ? ? ? ? ? WATSON-CRICK         ? ? 
? 
hydrog59 hydrog ?    ? C A   14 N6    ? ? ? 1_555 D U   4  O4    ? ? C A   28 D U   34 1_555 ? ? ? ? ? ? WATSON-CRICK         ? ? 
? 
hydrog60 hydrog ?    ? C C   15 N3    ? ? ? 1_555 D G   3  N1    ? ? C C   29 D G   33 1_555 ? ? ? ? ? ? WATSON-CRICK         ? ? 
? 
hydrog61 hydrog ?    ? C C   15 N4    ? ? ? 1_555 D G   3  O6    ? ? C C   29 D G   33 1_555 ? ? ? ? ? ? WATSON-CRICK         ? ? 
? 
hydrog62 hydrog ?    ? C C   15 O2    ? ? ? 1_555 D G   3  N2    ? ? C C   29 D G   33 1_555 ? ? ? ? ? ? WATSON-CRICK         ? ? 
? 
hydrog63 hydrog ?    ? C G   16 N1    ? ? ? 1_555 D C   2  N3    ? ? C G   30 D C   32 1_555 ? ? ? ? ? ? WATSON-CRICK         ? ? 
? 
hydrog64 hydrog ?    ? C G   16 N2    ? ? ? 1_555 D C   2  O2    ? ? C G   30 D C   32 1_555 ? ? ? ? ? ? WATSON-CRICK         ? ? 
? 
hydrog65 hydrog ?    ? C G   16 O6    ? ? ? 1_555 D C   2  N4    ? ? C G   30 D C   32 1_555 ? ? ? ? ? ? WATSON-CRICK         ? ? 
? 
hydrog66 hydrog ?    ? C A   17 N1    ? ? ? 1_555 D U   1  N3    ? ? C A   31 D U   31 1_555 ? ? ? ? ? ? WATSON-CRICK         ? ? 
? 
hydrog67 hydrog ?    ? C A   17 N6    ? ? ? 1_555 D U   1  O4    ? ? C A   31 D U   31 1_555 ? ? ? ? ? ? WATSON-CRICK         ? ? 
? 
# 
loop_
_struct_conn_type.id 
_struct_conn_type.criteria 
_struct_conn_type.reference 
covale ? ? 
metalc ? ? 
hydrog ? ? 
# 
loop_
_struct_site.id 
_struct_site.pdbx_evidence_code 
_struct_site.pdbx_auth_asym_id 
_struct_site.pdbx_auth_comp_id 
_struct_site.pdbx_auth_seq_id 
_struct_site.pdbx_auth_ins_code 
_struct_site.pdbx_num_residues 
_struct_site.details 
AC1 Software A SO4 103 ? 5 'BINDING SITE FOR RESIDUE SO4 A 103' 
AC2 Software C NCO 101 ? 4 'BINDING SITE FOR RESIDUE NCO C 101' 
AC3 Software B NCO 102 ? 6 'BINDING SITE FOR RESIDUE NCO B 102' 
# 
loop_
_struct_site_gen.id 
_struct_site_gen.site_id 
_struct_site_gen.pdbx_num_res 
_struct_site_gen.label_comp_id 
_struct_site_gen.label_asym_id 
_struct_site_gen.label_seq_id 
_struct_site_gen.pdbx_auth_ins_code 
_struct_site_gen.auth_comp_id 
_struct_site_gen.auth_asym_id 
_struct_site_gen.auth_seq_id 
_struct_site_gen.label_atom_id 
_struct_site_gen.label_alt_id 
_struct_site_gen.symmetry 
_struct_site_gen.details 
1  AC1 5 U   A 1  ? U   A 1   . ? 1_555 ? 
2  AC1 5 C   A 2  ? C   A 2   . ? 1_555 ? 
3  AC1 5 HOH I .  ? HOH A 108 . ? 1_555 ? 
4  AC1 5 HOH I .  ? HOH A 109 . ? 1_555 ? 
5  AC1 5 NCO G .  ? NCO B 102 . ? 1_555 ? 
6  AC2 4 A   C 6  ? A   C 20  . ? 1_555 ? 
7  AC2 4 G   C 7  ? G   C 21  . ? 1_555 ? 
8  AC2 4 A   D 10 ? A   D 40  . ? 1_555 ? 
9  AC2 4 U   D 11 ? U   D 41  . ? 1_555 ? 
10 AC3 6 C   A 2  ? C   A 2   . ? 1_555 ? 
11 AC3 6 C   A 3  ? C   A 3   . ? 1_555 ? 
12 AC3 6 SO4 F .  ? SO4 A 103 . ? 1_555 ? 
13 AC3 6 G   B 10 ? G   B 11  . ? 1_555 ? 
14 AC3 6 G   B 11 ? G   B 12  . ? 1_555 ? 
15 AC3 6 G   B 12 ? G   B 13  . ? 1_555 ? 
# 
_atom_sites.entry_id                    2P7E 
_atom_sites.fract_transf_matrix[1][1]   0.00665291 
_atom_sites.fract_transf_matrix[1][2]   -0.01030194 
_atom_sites.fract_transf_matrix[1][3]   -0.00042446 
_atom_sites.fract_transf_matrix[2][1]   0.01034696 
_atom_sites.fract_transf_matrix[2][2]   -0.00035421 
_atom_sites.fract_transf_matrix[2][3]   -0.00658729 
_atom_sites.fract_transf_matrix[3][1]   0.00392185 
_atom_sites.fract_transf_matrix[3][2]   0.00228394 
_atom_sites.fract_transf_matrix[3][3]   0.00603742 
_atom_sites.fract_transf_vector[1]      0.434947 
_atom_sites.fract_transf_vector[2]      0.211485 
_atom_sites.fract_transf_vector[3]      0.385158 
# 
loop_
_atom_type.symbol 
C  
CO 
N  
O  
P  
S  
V  
# 
loop_
_atom_site.group_PDB 
_atom_site.id 
_atom_site.type_symbol 
_atom_site.label_atom_id 
_atom_site.label_alt_id 
_atom_site.label_comp_id 
_atom_site.label_asym_id 
_atom_site.label_entity_id 
_atom_site.label_seq_id 
_atom_site.pdbx_PDB_ins_code 
_atom_site.Cartn_x 
_atom_site.Cartn_y 
_atom_site.Cartn_z 
_atom_site.occupancy 
_atom_site.B_iso_or_equiv 
_atom_site.pdbx_formal_charge 
_atom_site.auth_seq_id 
_atom_site.auth_comp_id 
_atom_site.auth_asym_id 
_atom_site.auth_atom_id 
_atom_site.pdbx_PDB_model_num 
ATOM   1    O  "O5'" A U   A 1 1  ? 17.228  -5.770  4.044   0.50 71.76  ? 1   U   A "O5'" 1 
ATOM   2    O  "O5'" B U   A 1 1  ? 17.447  -6.052  3.820   0.50 73.18  ? 1   U   A "O5'" 1 
ATOM   3    C  "C5'" A U   A 1 1  ? 18.160  -6.223  3.045   0.50 68.28  ? 1   U   A "C5'" 1 
ATOM   4    C  "C5'" B U   A 1 1  ? 18.845  -5.922  4.125   0.50 70.12  ? 1   U   A "C5'" 1 
ATOM   5    C  "C4'" A U   A 1 1  ? 19.048  -5.058  2.586   0.50 67.85  ? 1   U   A "C4'" 1 
ATOM   6    C  "C4'" B U   A 1 1  ? 19.485  -4.848  3.271   0.50 67.83  ? 1   U   A "C4'" 1 
ATOM   7    O  "O4'" A U   A 1 1  ? 19.471  -5.295  1.227   0.50 70.01  ? 1   U   A "O4'" 1 
ATOM   8    O  "O4'" B U   A 1 1  ? 20.012  -5.432  2.053   0.50 69.19  ? 1   U   A "O4'" 1 
ATOM   9    C  "C3'" A U   A 1 1  ? 18.350  -3.698  2.516   0.50 69.40  ? 1   U   A "C3'" 1 
ATOM   10   C  "C3'" B U   A 1 1  ? 18.558  -3.739  2.803   0.50 69.39  ? 1   U   A "C3'" 1 
ATOM   11   O  "O3'" A U   A 1 1  ? 18.260  -3.021  3.755   0.50 68.25  ? 1   U   A "O3'" 1 
ATOM   12   O  "O3'" B U   A 1 1  ? 18.385  -2.773  3.825   0.50 68.11  ? 1   U   A "O3'" 1 
ATOM   13   C  "C2'" A U   A 1 1  ? 19.173  -2.933  1.499   0.50 68.98  ? 1   U   A "C2'" 1 
ATOM   14   C  "C2'" B U   A 1 1  ? 19.271  -3.238  1.549   0.50 69.88  ? 1   U   A "C2'" 1 
ATOM   15   O  "O2'" A U   A 1 1  ? 20.375  -2.412  2.034   0.50 71.45  ? 1   U   A "O2'" 1 
ATOM   16   O  "O2'" B U   A 1 1  ? 20.387  -2.406  1.778   0.50 72.03  ? 1   U   A "O2'" 1 
ATOM   17   C  "C1'" A U   A 1 1  ? 19.580  -4.067  0.542   0.50 67.10  ? 1   U   A "C1'" 1 
ATOM   18   C  "C1'" B U   A 1 1  ? 19.755  -4.566  0.956   0.50 68.57  ? 1   U   A "C1'" 1 
ATOM   19   N  N1    A U   A 1 1  ? 18.716  -4.139  -0.637  0.50 63.25  ? 1   U   A N1    1 
ATOM   20   N  N1    B U   A 1 1  ? 18.656  -5.204  0.232   0.50 65.08  ? 1   U   A N1    1 
ATOM   21   C  C2    A U   A 1 1  ? 19.022  -3.250  -1.637  0.50 61.37  ? 1   U   A C2    1 
ATOM   22   C  C2    B U   A 1 1  ? 18.330  -4.785  -1.047  0.50 63.85  ? 1   U   A C2    1 
ATOM   23   O  O2    A U   A 1 1  ? 19.900  -2.403  -1.543  0.50 59.69  ? 1   U   A O2    1 
ATOM   24   O  O2    B U   A 1 1  ? 18.918  -3.876  -1.640  0.50 64.40  ? 1   U   A O2    1 
ATOM   25   N  N3    A U   A 1 1  ? 18.283  -3.377  -2.768  0.50 58.61  ? 1   U   A N3    1 
ATOM   26   N  N3    B U   A 1 1  ? 17.281  -5.473  -1.602  0.50 62.39  ? 1   U   A N3    1 
ATOM   27   C  C4    A U   A 1 1  ? 17.279  -4.258  -2.983  0.50 60.07  ? 1   U   A C4    1 
ATOM   28   C  C4    B U   A 1 1  ? 16.575  -6.510  -1.009  0.50 60.87  ? 1   U   A C4    1 
ATOM   29   O  O4    A U   A 1 1  ? 16.685  -4.233  -4.062  0.50 61.21  ? 1   U   A O4    1 
ATOM   30   O  O4    B U   A 1 1  ? 15.697  -7.079  -1.631  0.50 57.58  ? 1   U   A O4    1 
ATOM   31   C  C5    A U   A 1 1  ? 16.995  -5.162  -1.909  0.50 61.19  ? 1   U   A C5    1 
ATOM   32   C  C5    B U   A 1 1  ? 16.980  -6.860  0.292   0.50 61.53  ? 1   U   A C5    1 
ATOM   33   C  C6    A U   A 1 1  ? 17.711  -5.069  -0.789  0.50 62.10  ? 1   U   A C6    1 
ATOM   34   C  C6    B U   A 1 1  ? 17.973  -6.224  0.854   0.50 62.77  ? 1   U   A C6    1 
ATOM   35   P  P     . C   A 1 2  ? 16.934  -2.163  4.098   1.00 69.50  ? 2   C   A P     1 
ATOM   36   O  OP1   . C   A 1 2  ? 17.224  -1.083  5.064   1.00 68.20  ? 2   C   A OP1   1 
ATOM   37   O  OP2   . C   A 1 2  ? 15.891  -3.173  4.419   1.00 58.90  ? 2   C   A OP2   1 
ATOM   38   O  "O5'" . C   A 1 2  ? 16.565  -1.471  2.719   1.00 61.98  ? 2   C   A "O5'" 1 
ATOM   39   C  "C5'" . C   A 1 2  ? 17.363  -0.410  2.221   1.00 49.45  ? 2   C   A "C5'" 1 
ATOM   40   C  "C4'" . C   A 1 2  ? 16.877  0.018   0.862   1.00 48.53  ? 2   C   A "C4'" 1 
ATOM   41   O  "O4'" . C   A 1 2  ? 16.983  -1.106  -0.050  1.00 51.22  ? 2   C   A "O4'" 1 
ATOM   42   C  "C3'" . C   A 1 2  ? 15.403  0.381   0.792   1.00 46.89  ? 2   C   A "C3'" 1 
ATOM   43   O  "O3'" . C   A 1 2  ? 15.127  1.701   1.251   1.00 44.99  ? 2   C   A "O3'" 1 
ATOM   44   C  "C2'" . C   A 1 2  ? 15.101  0.191   -0.689  1.00 46.15  ? 2   C   A "C2'" 1 
ATOM   45   O  "O2'" . C   A 1 2  ? 15.591  1.271   -1.464  1.00 41.97  ? 2   C   A "O2'" 1 
ATOM   46   C  "C1'" . C   A 1 2  ? 15.925  -1.054  -0.996  1.00 41.83  ? 2   C   A "C1'" 1 
ATOM   47   N  N1    . C   A 1 2  ? 15.130  -2.289  -0.917  1.00 42.08  ? 2   C   A N1    1 
ATOM   48   C  C2    . C   A 1 2  ? 14.299  -2.594  -1.967  1.00 43.83  ? 2   C   A C2    1 
ATOM   49   O  O2    . C   A 1 2  ? 14.253  -1.827  -2.935  1.00 45.83  ? 2   C   A O2    1 
ATOM   50   N  N3    . C   A 1 2  ? 13.561  -3.722  -1.916  1.00 37.86  ? 2   C   A N3    1 
ATOM   51   C  C4    . C   A 1 2  ? 13.648  -4.532  -0.862  1.00 41.19  ? 2   C   A C4    1 
ATOM   52   N  N4    . C   A 1 2  ? 12.905  -5.652  -0.863  1.00 40.77  ? 2   C   A N4    1 
ATOM   53   C  C5    . C   A 1 2  ? 14.493  -4.239  0.230   1.00 37.17  ? 2   C   A C5    1 
ATOM   54   C  C6    . C   A 1 2  ? 15.205  -3.115  0.163   1.00 37.49  ? 2   C   A C6    1 
ATOM   55   P  P     . C   A 1 3  ? 13.725  2.000   1.980   1.00 43.59  ? 3   C   A P     1 
ATOM   56   O  OP1   . C   A 1 3  ? 13.793  3.334   2.627   1.00 45.91  ? 3   C   A OP1   1 
ATOM   57   O  OP2   . C   A 1 3  ? 13.369  0.802   2.788   1.00 41.03  ? 3   C   A OP2   1 
ATOM   58   O  "O5'" . C   A 1 3  ? 12.692  2.078   0.771   1.00 44.32  ? 3   C   A "O5'" 1 
ATOM   59   C  "C5'" . C   A 1 3  ? 12.719  3.185   -0.101  1.00 37.89  ? 3   C   A "C5'" 1 
ATOM   60   C  "C4'" . C   A 1 3  ? 11.638  3.073   -1.119  1.00 41.92  ? 3   C   A "C4'" 1 
ATOM   61   O  "O4'" . C   A 1 3  ? 11.853  1.847   -1.853  1.00 46.06  ? 3   C   A "O4'" 1 
ATOM   62   C  "C3'" . C   A 1 3  ? 10.247  2.912   -0.546  1.00 43.86  ? 3   C   A "C3'" 1 
ATOM   63   O  "O3'" . C   A 1 3  ? 9.681   4.170   -0.241  1.00 37.99  ? 3   C   A "O3'" 1 
ATOM   64   C  "C2'" . C   A 1 3  ? 9.533   2.265   -1.719  1.00 40.71  ? 3   C   A "C2'" 1 
ATOM   65   O  "O2'" . C   A 1 3  ? 9.305   3.216   -2.743  1.00 42.41  ? 3   C   A "O2'" 1 
ATOM   66   C  "C1'" . C   A 1 3  ? 10.608  1.306   -2.223  1.00 44.03  ? 3   C   A "C1'" 1 
ATOM   67   N  N1    . C   A 1 3  ? 10.488  -0.056  -1.684  1.00 45.28  ? 3   C   A N1    1 
ATOM   68   C  C2    . C   A 1 3  ? 9.572   -0.914  -2.278  1.00 43.34  ? 3   C   A C2    1 
ATOM   69   O  O2    . C   A 1 3  ? 8.893   -0.494  -3.227  1.00 46.84  ? 3   C   A O2    1 
ATOM   70   N  N3    . C   A 1 3  ? 9.438   -2.168  -1.812  1.00 42.11  ? 3   C   A N3    1 
ATOM   71   C  C4    . C   A 1 3  ? 10.174  -2.574  -0.786  1.00 43.11  ? 3   C   A C4    1 
ATOM   72   N  N4    . C   A 1 3  ? 10.007  -3.819  -0.368  1.00 37.62  ? 3   C   A N4    1 
ATOM   73   C  C5    . C   A 1 3  ? 11.113  -1.722  -0.151  1.00 38.95  ? 3   C   A C5    1 
ATOM   74   C  C6    . C   A 1 3  ? 11.242  -0.481  -0.630  1.00 42.65  ? 3   C   A C6    1 
ATOM   75   P  P     . C   A 1 4  ? 8.718   4.311   1.023   1.00 46.37  ? 4   C   A P     1 
ATOM   76   O  OP1   . C   A 1 4  ? 8.324   5.737   1.138   1.00 52.04  ? 4   C   A OP1   1 
ATOM   77   O  OP2   . C   A 1 4  ? 9.392   3.626   2.148   1.00 43.96  ? 4   C   A OP2   1 
ATOM   78   O  "O5'" . C   A 1 4  ? 7.424   3.485   0.601   1.00 45.51  ? 4   C   A "O5'" 1 
ATOM   79   C  "C5'" . C   A 1 4  ? 6.661   3.890   -0.528  1.00 45.14  ? 4   C   A "C5'" 1 
ATOM   80   C  "C4'" . C   A 1 4  ? 5.555   2.911   -0.814  1.00 51.03  ? 4   C   A "C4'" 1 
ATOM   81   O  "O4'" . C   A 1 4  ? 6.136   1.637   -1.185  1.00 48.90  ? 4   C   A "O4'" 1 
ATOM   82   C  "C3'" . C   A 1 4  ? 4.699   2.576   0.393   1.00 52.18  ? 4   C   A "C3'" 1 
ATOM   83   O  "O3'" . C   A 1 4  ? 3.661   3.548   0.528   1.00 52.52  ? 4   C   A "O3'" 1 
ATOM   84   C  "C2'" . C   A 1 4  ? 4.127   1.216   0.010   1.00 51.82  ? 4   C   A "C2'" 1 
ATOM   85   O  "O2'" . C   A 1 4  ? 2.993   1.258   -0.820  1.00 50.03  ? 4   C   A "O2'" 1 
ATOM   86   C  "C1'" . C   A 1 4  ? 5.276   0.599   -0.777  1.00 50.16  ? 4   C   A "C1'" 1 
ATOM   87   N  N1    . C   A 1 4  ? 6.008   -0.467  -0.082  1.00 49.61  ? 4   C   A N1    1 
ATOM   88   C  C2    . C   A 1 4  ? 5.528   -1.751  -0.219  1.00 47.28  ? 4   C   A C2    1 
ATOM   89   O  O2    . C   A 1 4  ? 4.550   -1.931  -0.933  1.00 51.96  ? 4   C   A O2    1 
ATOM   90   N  N3    . C   A 1 4  ? 6.128   -2.764  0.422   1.00 47.28  ? 4   C   A N3    1 
ATOM   91   C  C4    . C   A 1 4  ? 7.182   -2.527  1.186   1.00 47.23  ? 4   C   A C4    1 
ATOM   92   N  N4    . C   A 1 4  ? 7.727   -3.556  1.819   1.00 46.12  ? 4   C   A N4    1 
ATOM   93   C  C5    . C   A 1 4  ? 7.717   -1.223  1.337   1.00 45.59  ? 4   C   A C5    1 
ATOM   94   C  C6    . C   A 1 4  ? 7.105   -0.226  0.687   1.00 46.58  ? 4   C   A C6    1 
HETATM 95   P  P     . AVC A 1 5  ? 3.253   4.104   1.986   1.00 56.38  ? 5   AVC A P     1 
HETATM 96   O  OP1   . AVC A 1 5  ? 2.268   5.189   1.735   1.00 58.29  ? 5   AVC A OP1   1 
HETATM 97   O  OP2   . AVC A 1 5  ? 4.453   4.380   2.813   1.00 52.20  ? 5   AVC A OP2   1 
HETATM 98   O  "O5'" . AVC A 1 5  ? 2.524   2.877   2.690   1.00 54.91  ? 5   AVC A "O5'" 1 
HETATM 99   C  "C5'" . AVC A 1 5  ? 1.535   2.152   1.980   1.00 57.31  ? 5   AVC A "C5'" 1 
HETATM 100  C  "C4'" . AVC A 1 5  ? 1.030   0.970   2.783   1.00 55.29  ? 5   AVC A "C4'" 1 
HETATM 101  O  "O4'" . AVC A 1 5  ? 1.977   -0.125  2.733   1.00 53.00  ? 5   AVC A "O4'" 1 
HETATM 102  C  "C3'" . AVC A 1 5  ? 0.985   1.394   4.234   1.00 55.61  ? 5   AVC A "C3'" 1 
HETATM 103  O  "O3'" . AVC A 1 5  ? -0.227  1.018   4.829   1.00 61.09  ? 5   AVC A "O3'" 1 
HETATM 104  C  "C2'" . AVC A 1 5  ? 2.044   0.710   5.012   1.00 55.06  ? 5   AVC A "C2'" 1 
HETATM 105  O  "O2'" . AVC A 1 5  ? 1.591   -0.055  6.117   1.00 57.30  ? 5   AVC A "O2'" 1 
HETATM 106  C  "C1'" . AVC A 1 5  ? 2.508   -0.351  4.026   1.00 54.44  ? 5   AVC A "C1'" 1 
HETATM 107  V  V     . AVC A 1 5  ? -0.329  -0.667  5.801   0.50 60.10  ? 5   AVC A V     1 
HETATM 108  O  O1V   . AVC A 1 5  ? -0.483  -0.946  7.387   0.50 54.18  ? 5   AVC A O1V   1 
HETATM 109  O  O2V   . AVC A 1 5  ? -0.223  -2.091  5.035   0.50 49.64  ? 5   AVC A O2V   1 
HETATM 110  N  N9    . AVC A 1 5  ? 3.944   -0.459  4.049   1.00 54.34  ? 5   AVC A N9    1 
HETATM 111  C  C8    . AVC A 1 5  ? 4.828   0.534   3.759   1.00 54.51  ? 5   AVC A C8    1 
HETATM 112  N  N7    . AVC A 1 5  ? 6.074   0.242   4.026   1.00 56.40  ? 5   AVC A N7    1 
HETATM 113  C  C5    . AVC A 1 5  ? 6.015   -1.062  4.489   1.00 56.91  ? 5   AVC A C5    1 
HETATM 114  C  C6    . AVC A 1 5  ? 7.005   -1.946  4.926   1.00 57.82  ? 5   AVC A C6    1 
HETATM 115  N  N6    . AVC A 1 5  ? 8.303   -1.625  4.976   1.00 61.85  ? 5   AVC A N6    1 
HETATM 116  N  N1    . AVC A 1 5  ? 6.620   -3.176  5.322   1.00 56.60  ? 5   AVC A N1    1 
HETATM 117  C  C2    . AVC A 1 5  ? 5.321   -3.485  5.282   1.00 55.87  ? 5   AVC A C2    1 
HETATM 118  N  N3    . AVC A 1 5  ? 4.289   -2.745  4.890   1.00 57.35  ? 5   AVC A N3    1 
HETATM 119  C  C4    . AVC A 1 5  ? 4.712   -1.525  4.494   1.00 56.35  ? 5   AVC A C4    1 
ATOM   120  O  "O5'" . C   B 2 1  ? -10.471 6.112   14.578  1.00 86.34  ? 2   C   B "O5'" 1 
ATOM   121  C  "C5'" . C   B 2 1  ? -11.468 7.082   14.275  1.00 88.98  ? 2   C   B "C5'" 1 
ATOM   122  C  "C4'" . C   B 2 1  ? -10.936 8.480   14.497  1.00 91.66  ? 2   C   B "C4'" 1 
ATOM   123  O  "O4'" . C   B 2 1  ? -10.886 8.754   15.925  1.00 91.81  ? 2   C   B "O4'" 1 
ATOM   124  C  "C3'" . C   B 2 1  ? -9.494  8.699   14.063  1.00 94.74  ? 2   C   B "C3'" 1 
ATOM   125  O  "O3'" . C   B 2 1  ? -9.316  8.882   12.671  1.00 99.55  ? 2   C   B "O3'" 1 
ATOM   126  C  "C2'" . C   B 2 1  ? -9.075  9.901   14.900  1.00 91.73  ? 2   C   B "C2'" 1 
ATOM   127  O  "O2'" . C   B 2 1  ? -9.536  11.145  14.410  1.00 92.95  ? 2   C   B "O2'" 1 
ATOM   128  C  "C1'" . C   B 2 1  ? -9.754  9.566   16.221  1.00 86.04  ? 2   C   B "C1'" 1 
ATOM   129  N  N1    . C   B 2 1  ? -8.820  8.789   17.040  1.00 79.87  ? 2   C   B N1    1 
ATOM   130  C  C2    . C   B 2 1  ? -7.806  9.481   17.711  1.00 77.88  ? 2   C   B C2    1 
ATOM   131  O  O2    . C   B 2 1  ? -7.748  10.727  17.594  1.00 77.78  ? 2   C   B O2    1 
ATOM   132  N  N3    . C   B 2 1  ? -6.919  8.788   18.466  1.00 74.95  ? 2   C   B N3    1 
ATOM   133  C  C4    . C   B 2 1  ? -7.013  7.454   18.556  1.00 75.52  ? 2   C   B C4    1 
ATOM   134  N  N4    . C   B 2 1  ? -6.107  6.808   19.308  1.00 74.10  ? 2   C   B N4    1 
ATOM   135  C  C5    . C   B 2 1  ? -8.041  6.723   17.879  1.00 75.65  ? 2   C   B C5    1 
ATOM   136  C  C6    . C   B 2 1  ? -8.915  7.425   17.140  1.00 77.86  ? 2   C   B C6    1 
ATOM   137  P  P     . G   B 2 2  ? -7.906  8.489   12.005  1.00 102.09 ? 3   G   B P     1 
ATOM   138  O  OP1   . G   B 2 2  ? -8.093  8.682   10.543  1.00 102.90 ? 3   G   B OP1   1 
ATOM   139  O  OP2   . G   B 2 2  ? -7.507  7.145   12.527  1.00 99.81  ? 3   G   B OP2   1 
ATOM   140  O  "O5'" . G   B 2 2  ? -6.892  9.597   12.569  1.00 99.15  ? 3   G   B "O5'" 1 
ATOM   141  C  "C5'" . G   B 2 2  ? -7.056  10.969  12.204  1.00 96.50  ? 3   G   B "C5'" 1 
ATOM   142  C  "C4'" . G   B 2 2  ? -6.010  11.845  12.850  1.00 95.13  ? 3   G   B "C4'" 1 
ATOM   143  O  "O4'" . G   B 2 2  ? -6.161  11.767  14.291  1.00 93.56  ? 3   G   B "O4'" 1 
ATOM   144  C  "C3'" . G   B 2 2  ? -4.552  11.468  12.620  1.00 95.83  ? 3   G   B "C3'" 1 
ATOM   145  O  "O3'" . G   B 2 2  ? -4.034  11.926  11.381  1.00 98.87  ? 3   G   B "O3'" 1 
ATOM   146  C  "C2'" . G   B 2 2  ? -3.866  12.132  13.805  1.00 91.93  ? 3   G   B "C2'" 1 
ATOM   147  O  "O2'" . G   B 2 2  ? -3.674  13.529  13.663  1.00 93.68  ? 3   G   B "O2'" 1 
ATOM   148  C  "C1'" . G   B 2 2  ? -4.885  11.869  14.906  1.00 87.65  ? 3   G   B "C1'" 1 
ATOM   149  N  N9    . G   B 2 2  ? -4.562  10.611  15.561  1.00 82.22  ? 3   G   B N9    1 
ATOM   150  C  C8    . G   B 2 2  ? -5.208  9.404   15.438  1.00 80.52  ? 3   G   B C8    1 
ATOM   151  N  N7    . G   B 2 2  ? -4.654  8.456   16.147  1.00 78.43  ? 3   G   B N7    1 
ATOM   152  C  C5    . G   B 2 2  ? -3.582  9.080   16.779  1.00 78.17  ? 3   G   B C5    1 
ATOM   153  C  C6    . G   B 2 2  ? -2.600  8.559   17.675  1.00 77.31  ? 3   G   B C6    1 
ATOM   154  O  O6    . G   B 2 2  ? -2.486  7.398   18.111  1.00 77.80  ? 3   G   B O6    1 
ATOM   155  N  N1    . G   B 2 2  ? -1.684  9.542   18.060  1.00 76.65  ? 3   G   B N1    1 
ATOM   156  C  C2    . G   B 2 2  ? -1.702  10.855  17.639  1.00 78.50  ? 3   G   B C2    1 
ATOM   157  N  N2    . G   B 2 2  ? -0.723  11.654  18.118  1.00 76.42  ? 3   G   B N2    1 
ATOM   158  N  N3    . G   B 2 2  ? -2.610  11.348  16.807  1.00 78.12  ? 3   G   B N3    1 
ATOM   159  C  C4    . G   B 2 2  ? -3.512  10.410  16.423  1.00 79.41  ? 3   G   B C4    1 
ATOM   160  P  P     . G   B 2 3  ? -2.812  11.135  10.693  1.00 99.68  ? 4   G   B P     1 
ATOM   161  O  OP1   . G   B 2 3  ? -2.554  11.820  9.403   1.00 99.51  ? 4   G   B OP1   1 
ATOM   162  O  OP2   . G   B 2 3  ? -3.075  9.672   10.723  1.00 95.29  ? 4   G   B OP2   1 
ATOM   163  O  "O5'" . G   B 2 3  ? -1.574  11.400  11.650  1.00 94.42  ? 4   G   B "O5'" 1 
ATOM   164  C  "C5'" . G   B 2 3  ? -1.176  12.727  11.940  1.00 93.15  ? 4   G   B "C5'" 1 
ATOM   165  C  "C4'" . G   B 2 3  ? 0.086   12.727  12.759  1.00 91.50  ? 4   G   B "C4'" 1 
ATOM   166  O  "O4'" . G   B 2 3  ? -0.217  12.385  14.141  1.00 90.06  ? 4   G   B "O4'" 1 
ATOM   167  C  "C3'" . G   B 2 3  ? 1.105   11.679  12.355  1.00 91.02  ? 4   G   B "C3'" 1 
ATOM   168  O  "O3'" . G   B 2 3  ? 1.845   12.015  11.196  1.00 95.72  ? 4   G   B "O3'" 1 
ATOM   169  C  "C2'" . G   B 2 3  ? 1.940   11.543  13.619  1.00 88.41  ? 4   G   B "C2'" 1 
ATOM   170  O  "O2'" . G   B 2 3  ? 2.838   12.619  13.794  1.00 85.66  ? 4   G   B "O2'" 1 
ATOM   171  C  "C1'" . G   B 2 3  ? 0.854   11.621  14.684  1.00 85.31  ? 4   G   B "C1'" 1 
ATOM   172  N  N9    . G   B 2 3  ? 0.374   10.274  14.967  1.00 79.89  ? 4   G   B N9    1 
ATOM   173  C  C8    . G   B 2 3  ? -0.732  9.652   14.442  1.00 77.98  ? 4   G   B C8    1 
ATOM   174  N  N7    . G   B 2 3  ? -0.884  8.428   14.871  1.00 77.34  ? 4   G   B N7    1 
ATOM   175  C  C5    . G   B 2 3  ? 0.184   8.237   15.739  1.00 75.97  ? 4   G   B C5    1 
ATOM   176  C  C6    . G   B 2 3  ? 0.546   7.104   16.513  1.00 76.71  ? 4   G   B C6    1 
ATOM   177  O  O6    . G   B 2 3  ? -0.029  6.014   16.602  1.00 77.73  ? 4   G   B O6    1 
ATOM   178  N  N1    . G   B 2 3  ? 1.713   7.335   17.242  1.00 76.43  ? 4   G   B N1    1 
ATOM   179  C  C2    . G   B 2 3  ? 2.436   8.514   17.237  1.00 75.72  ? 4   G   B C2    1 
ATOM   180  N  N2    . G   B 2 3  ? 3.555   8.546   18.001  1.00 74.68  ? 4   G   B N2    1 
ATOM   181  N  N3    . G   B 2 3  ? 2.094   9.583   16.530  1.00 76.18  ? 4   G   B N3    1 
ATOM   182  C  C4    . G   B 2 3  ? 0.969   9.371   15.807  1.00 76.59  ? 4   G   B C4    1 
ATOM   183  P  P     . U   B 2 4  ? 2.724   10.883  10.479  1.00 98.68  ? 5   U   B P     1 
ATOM   184  O  OP1   . U   B 2 4  ? 2.827   11.191  9.026   1.00 97.84  ? 5   U   B OP1   1 
ATOM   185  O  OP2   . U   B 2 4  ? 2.212   9.550   10.914  1.00 99.24  ? 5   U   B OP2   1 
ATOM   186  O  "O5'" . U   B 2 4  ? 4.145   11.070  11.166  1.00 95.93  ? 5   U   B "O5'" 1 
ATOM   187  C  "C5'" . U   B 2 4  ? 5.072   10.010  11.153  1.00 90.64  ? 5   U   B "C5'" 1 
ATOM   188  C  "C4'" . U   B 2 4  ? 5.762   9.900   12.477  1.00 89.25  ? 5   U   B "C4'" 1 
ATOM   189  O  "O4'" . U   B 2 4  ? 4.787   9.856   13.541  1.00 89.62  ? 5   U   B "O4'" 1 
ATOM   190  C  "C3'" . U   B 2 4  ? 6.550   8.626   12.646  1.00 90.15  ? 5   U   B "C3'" 1 
ATOM   191  O  "O3'" . U   B 2 4  ? 7.770   8.722   11.970  1.00 92.07  ? 5   U   B "O3'" 1 
ATOM   192  C  "C2'" . U   B 2 4  ? 6.636   8.507   14.153  1.00 87.69  ? 5   U   B "C2'" 1 
ATOM   193  O  "O2'" . U   B 2 4  ? 7.590   9.379   14.737  1.00 89.82  ? 5   U   B "O2'" 1 
ATOM   194  C  "C1'" . U   B 2 4  ? 5.220   8.938   14.533  1.00 87.41  ? 5   U   B "C1'" 1 
ATOM   195  N  N1    . U   B 2 4  ? 4.315   7.784   14.456  1.00 84.34  ? 5   U   B N1    1 
ATOM   196  C  C2    . U   B 2 4  ? 4.640   6.642   15.174  1.00 83.07  ? 5   U   B C2    1 
ATOM   197  O  O2    . U   B 2 4  ? 5.646   6.550   15.873  1.00 82.91  ? 5   U   B O2    1 
ATOM   198  N  N3    . U   B 2 4  ? 3.745   5.613   15.045  1.00 81.30  ? 5   U   B N3    1 
ATOM   199  C  C4    . U   B 2 4  ? 2.591   5.611   14.302  1.00 81.01  ? 5   U   B C4    1 
ATOM   200  O  O4    . U   B 2 4  ? 1.874   4.620   14.316  1.00 81.58  ? 5   U   B O4    1 
ATOM   201  C  C5    . U   B 2 4  ? 2.329   6.822   13.591  1.00 81.71  ? 5   U   B C5    1 
ATOM   202  C  C6    . U   B 2 4  ? 3.177   7.840   13.688  1.00 82.71  ? 5   U   B C6    1 
ATOM   203  P  P     . G   B 2 5  ? 8.001   7.819   10.679  1.00 92.22  ? 6   G   B P     1 
ATOM   204  O  OP1   . G   B 2 5  ? 9.063   8.497   9.888   1.00 93.22  ? 6   G   B OP1   1 
ATOM   205  O  OP2   . G   B 2 5  ? 6.680   7.531   10.067  1.00 90.26  ? 6   G   B OP2   1 
ATOM   206  O  "O5'" . G   B 2 5  ? 8.567   6.476   11.298  1.00 84.76  ? 6   G   B "O5'" 1 
ATOM   207  C  "C5'" . G   B 2 5  ? 9.714   6.543   12.109  1.00 80.44  ? 6   G   B "C5'" 1 
ATOM   208  C  "C4'" . G   B 2 5  ? 9.734   5.427   13.108  1.00 79.82  ? 6   G   B "C4'" 1 
ATOM   209  O  "O4'" . G   B 2 5  ? 8.536   5.487   13.935  1.00 78.58  ? 6   G   B "O4'" 1 
ATOM   210  C  "C3'" . G   B 2 5  ? 9.641   4.047   12.488  1.00 79.26  ? 6   G   B "C3'" 1 
ATOM   211  O  "O3'" . G   B 2 5  ? 10.869  3.653   11.909  1.00 80.70  ? 6   G   B "O3'" 1 
ATOM   212  C  "C2'" . G   B 2 5  ? 9.165   3.210   13.668  1.00 77.59  ? 6   G   B "C2'" 1 
ATOM   213  O  "O2'" . G   B 2 5  ? 10.177  2.940   14.627  1.00 76.09  ? 6   G   B "O2'" 1 
ATOM   214  C  "C1'" . G   B 2 5  ? 8.164   4.167   14.308  1.00 75.43  ? 6   G   B "C1'" 1 
ATOM   215  N  N9    . G   B 2 5  ? 6.815   3.867   13.847  1.00 73.81  ? 6   G   B N9    1 
ATOM   216  C  C8    . G   B 2 5  ? 6.027   4.573   12.978  1.00 73.01  ? 6   G   B C8    1 
ATOM   217  N  N7    . G   B 2 5  ? 4.888   3.983   12.735  1.00 71.79  ? 6   G   B N7    1 
ATOM   218  C  C5    . G   B 2 5  ? 4.928   2.826   13.506  1.00 72.19  ? 6   G   B C5    1 
ATOM   219  C  C6    . G   B 2 5  ? 3.982   1.768   13.650  1.00 72.14  ? 6   G   B C6    1 
ATOM   220  O  O6    . G   B 2 5  ? 2.877   1.627   13.087  1.00 71.98  ? 6   G   B O6    1 
ATOM   221  N  N1    . G   B 2 5  ? 4.436   0.798   14.541  1.00 70.36  ? 6   G   B N1    1 
ATOM   222  C  C2    . G   B 2 5  ? 5.639   0.828   15.194  1.00 70.47  ? 6   G   B C2    1 
ATOM   223  N  N2    . G   B 2 5  ? 5.900   -0.201  16.007  1.00 71.25  ? 6   G   B N2    1 
ATOM   224  N  N3    . G   B 2 5  ? 6.523   1.794   15.061  1.00 70.59  ? 6   G   B N3    1 
ATOM   225  C  C4    . G   B 2 5  ? 6.104   2.753   14.208  1.00 71.95  ? 6   G   B C4    1 
ATOM   226  P  P     . A   B 2 6  ? 10.866  2.866   10.514  1.00 79.20  ? 7   A   B P     1 
ATOM   227  O  OP1   . A   B 2 6  ? 12.205  3.071   9.900   1.00 81.43  ? 7   A   B OP1   1 
ATOM   228  O  OP2   . A   B 2 6  ? 9.645   3.246   9.756   1.00 76.30  ? 7   A   B OP2   1 
ATOM   229  O  "O5'" . A   B 2 6  ? 10.715  1.351   10.976  1.00 79.73  ? 7   A   B "O5'" 1 
ATOM   230  C  "C5'" . A   B 2 6  ? 11.417  0.882   12.114  1.00 75.67  ? 7   A   B "C5'" 1 
ATOM   231  C  "C4'" . A   B 2 6  ? 10.678  -0.261  12.761  1.00 76.91  ? 7   A   B "C4'" 1 
ATOM   232  O  "O4'" . A   B 2 6  ? 9.430   0.213   13.327  1.00 76.96  ? 7   A   B "O4'" 1 
ATOM   233  C  "C3'" . A   B 2 6  ? 10.253  -1.362  11.814  1.00 75.13  ? 7   A   B "C3'" 1 
ATOM   234  O  "O3'" . A   B 2 6  ? 11.304  -2.286  11.618  1.00 74.44  ? 7   A   B "O3'" 1 
ATOM   235  C  "C2'" . A   B 2 6  ? 9.096   -2.010  12.560  1.00 74.92  ? 7   A   B "C2'" 1 
ATOM   236  O  "O2'" . A   B 2 6  ? 9.507   -2.946  13.530  1.00 74.25  ? 7   A   B "O2'" 1 
ATOM   237  C  "C1'" . A   B 2 6  ? 8.440   -0.797  13.211  1.00 75.79  ? 7   A   B "C1'" 1 
ATOM   238  N  N9    . A   B 2 6  ? 7.348   -0.290  12.388  1.00 76.12  ? 7   A   B N9    1 
ATOM   239  C  C8    . A   B 2 6  ? 7.343   0.803   11.556  1.00 74.73  ? 7   A   B C8    1 
ATOM   240  N  N7    . A   B 2 6  ? 6.197   1.000   10.949  1.00 75.01  ? 7   A   B N7    1 
ATOM   241  C  C5    . A   B 2 6  ? 5.392   -0.033  11.415  1.00 74.88  ? 7   A   B C5    1 
ATOM   242  C  C6    . A   B 2 6  ? 4.051   -0.376  11.166  1.00 74.11  ? 7   A   B C6    1 
ATOM   243  N  N6    . A   B 2 6  ? 3.246   0.320   10.365  1.00 72.43  ? 7   A   B N6    1 
ATOM   244  N  N1    . A   B 2 6  ? 3.555   -1.470  11.785  1.00 72.85  ? 7   A   B N1    1 
ATOM   245  C  C2    . A   B 2 6  ? 4.354   -2.156  12.607  1.00 72.97  ? 7   A   B C2    1 
ATOM   246  N  N3    . A   B 2 6  ? 5.624   -1.929  12.933  1.00 72.90  ? 7   A   B N3    1 
ATOM   247  C  C4    . A   B 2 6  ? 6.089   -0.838  12.295  1.00 74.87  ? 7   A   B C4    1 
ATOM   248  P  P     A G   B 2 7  ? 11.545  -2.899  10.152  0.75 74.47  ? 8   G   B P     1 
ATOM   249  P  P     B G   B 2 7  ? 11.467  -3.024  10.206  0.25 74.07  ? 8   G   B P     1 
ATOM   250  O  OP1   A G   B 2 7  ? 12.855  -3.598  10.143  0.75 77.16  ? 8   G   B OP1   1 
ATOM   251  O  OP1   B G   B 2 7  ? 12.553  -4.026  10.338  0.25 73.91  ? 8   G   B OP1   1 
ATOM   252  O  OP2   A G   B 2 7  ? 11.310  -1.765  9.214   0.75 70.65  ? 8   G   B OP2   1 
ATOM   253  O  OP2   B G   B 2 7  ? 11.558  -1.965  9.167   0.25 72.27  ? 8   G   B OP2   1 
ATOM   254  O  "O5'" A G   B 2 7  ? 10.368  -3.966  9.935   0.75 74.18  ? 8   G   B "O5'" 1 
ATOM   255  O  "O5'" B G   B 2 7  ? 10.093  -3.805  10.019  0.25 73.73  ? 8   G   B "O5'" 1 
ATOM   256  C  "C5'" A G   B 2 7  ? 9.789   -4.700  11.025  0.75 70.88  ? 8   G   B "C5'" 1 
ATOM   257  C  "C5'" B G   B 2 7  ? 9.619   -4.697  11.020  0.25 71.43  ? 8   G   B "C5'" 1 
ATOM   258  C  "C4'" A G   B 2 7  ? 8.492   -5.355  10.587  0.75 73.21  ? 8   G   B "C4'" 1 
ATOM   259  C  "C4'" B G   B 2 7  ? 8.359   -5.368  10.550  0.25 71.69  ? 8   G   B "C4'" 1 
ATOM   260  O  "O4'" A G   B 2 7  ? 7.446   -4.358  10.484  0.75 74.95  ? 8   G   B "O4'" 1 
ATOM   261  O  "O4'" B G   B 2 7  ? 7.290   -4.388  10.436  0.25 71.41  ? 8   G   B "O4'" 1 
ATOM   262  C  "C3'" A G   B 2 7  ? 8.640   -5.955  9.192   0.75 72.15  ? 8   G   B "C3'" 1 
ATOM   263  C  "C3'" B G   B 2 7  ? 8.595   -5.914  9.137   0.25 71.17  ? 8   G   B "C3'" 1 
ATOM   264  O  "O3'" A G   B 2 7  ? 8.068   -7.249  9.094   0.75 74.01  ? 8   G   B "O3'" 1 
ATOM   265  O  "O3'" B G   B 2 7  ? 8.017   -7.211  9.035   0.25 73.13  ? 8   G   B "O3'" 1 
ATOM   266  C  "C2'" A G   B 2 7  ? 8.073   -4.925  8.228   0.75 74.01  ? 8   G   B "C2'" 1 
ATOM   267  C  "C2'" B G   B 2 7  ? 8.028   -4.857  8.183   0.25 71.12  ? 8   G   B "C2'" 1 
ATOM   268  O  "O2'" A G   B 2 7  ? 7.375   -5.483  7.126   0.75 74.36  ? 8   G   B "O2'" 1 
ATOM   269  O  "O2'" B G   B 2 7  ? 7.382   -5.375  7.038   0.25 71.03  ? 8   G   B "O2'" 1 
ATOM   270  C  "C1'" A G   B 2 7  ? 7.091   -4.180  9.130   0.75 72.47  ? 8   G   B "C1'" 1 
ATOM   271  C  "C1'" B G   B 2 7  ? 6.962   -4.253  9.082   0.25 69.44  ? 8   G   B "C1'" 1 
ATOM   272  N  N9    A G   B 2 7  ? 6.990   -2.765  8.831   0.75 71.84  ? 8   G   B N9    1 
ATOM   273  N  N9    B G   B 2 7  ? 6.140   -3.083  8.797   0.25 67.39  ? 8   G   B N9    1 
ATOM   274  C  C8    A G   B 2 7  ? 8.016   -1.854  8.754   0.75 71.73  ? 8   G   B C8    1 
ATOM   275  C  C8    B G   B 2 7  ? 4.770   -3.067  8.887   0.25 66.78  ? 8   G   B C8    1 
ATOM   276  N  N7    A G   B 2 7  ? 7.624   -0.682  8.344   0.75 71.48  ? 8   G   B N7    1 
ATOM   277  N  N7    B G   B 2 7  ? 4.239   -1.949  8.485   0.25 66.59  ? 8   G   B N7    1 
ATOM   278  C  C5    A G   B 2 7  ? 6.251   -0.826  8.169   0.75 71.15  ? 8   G   B C5    1 
ATOM   279  C  C5    B G   B 2 7  ? 5.324   -1.163  8.126   0.25 66.33  ? 8   G   B C5    1 
ATOM   280  C  C6    A G   B 2 7  ? 5.282   0.106   7.724   0.75 70.53  ? 8   G   B C6    1 
ATOM   281  C  C6    B G   B 2 7  ? 5.359   0.149   7.604   0.25 66.08  ? 8   G   B C6    1 
ATOM   282  O  O6    A G   B 2 7  ? 5.459   1.282   7.371   0.75 73.10  ? 8   G   B O6    1 
ATOM   283  O  O6    B G   B 2 7  ? 4.407   0.889   7.319   0.25 65.97  ? 8   G   B O6    1 
ATOM   284  N  N1    A G   B 2 7  ? 3.998   -0.453  7.704   0.75 69.84  ? 8   G   B N1    1 
ATOM   285  N  N1    B G   B 2 7  ? 6.665   0.584   7.403   0.25 65.48  ? 8   G   B N1    1 
ATOM   286  C  C2    A G   B 2 7  ? 3.691   -1.746  8.062   0.75 68.94  ? 8   G   B C2    1 
ATOM   287  C  C2    B G   B 2 7  ? 7.793   -0.153  7.661   0.25 64.95  ? 8   G   B C2    1 
ATOM   288  N  N2    A G   B 2 7  ? 2.398   -2.097  7.977   0.75 64.38  ? 8   G   B N2    1 
ATOM   289  N  N2    B G   B 2 7  ? 8.962   0.463   7.413   0.25 63.39  ? 8   G   B N2    1 
ATOM   290  N  N3    A G   B 2 7  ? 4.594   -2.627  8.474   0.75 68.18  ? 8   G   B N3    1 
ATOM   291  N  N3    B G   B 2 7  ? 7.775   -1.396  8.129   0.25 65.98  ? 8   G   B N3    1 
ATOM   292  C  C4    A G   B 2 7  ? 5.844   -2.100  8.498   0.75 70.06  ? 8   G   B C4    1 
ATOM   293  C  C4    B G   B 2 7  ? 6.512   -1.836  8.338   0.25 66.88  ? 8   G   B C4    1 
ATOM   294  P  P     . A   B 2 8  ? 8.513   -8.246  7.918   1.00 73.82  ? 9   A   B P     1 
ATOM   295  O  OP1   . A   B 2 8  ? 9.673   -8.984  8.491   1.00 79.43  ? 9   A   B OP1   1 
ATOM   296  O  OP2   . A   B 2 8  ? 8.663   -7.506  6.629   1.00 73.80  ? 9   A   B OP2   1 
ATOM   297  O  "O5'" . A   B 2 8  ? 7.284   -9.257  7.804   1.00 70.08  ? 9   A   B "O5'" 1 
ATOM   298  C  "C5'" . A   B 2 8  ? 6.939   -10.081 8.912   1.00 63.87  ? 9   A   B "C5'" 1 
ATOM   299  C  "C4'" . A   B 2 8  ? 5.486   -10.481 8.858   1.00 61.15  ? 9   A   B "C4'" 1 
ATOM   300  O  "O4'" . A   B 2 8  ? 4.639   -9.337  9.129   1.00 59.97  ? 9   A   B "O4'" 1 
ATOM   301  C  "C3'" . A   B 2 8  ? 5.026   -10.953 7.500   1.00 63.15  ? 9   A   B "C3'" 1 
ATOM   302  O  "O3'" . A   B 2 8  ? 5.365   -12.309 7.298   1.00 63.88  ? 9   A   B "O3'" 1 
ATOM   303  C  "C2'" . A   B 2 8  ? 3.522   -10.727 7.570   1.00 63.89  ? 9   A   B "C2'" 1 
ATOM   304  O  "O2'" . A   B 2 8  ? 2.868   -11.723 8.330   1.00 62.19  ? 9   A   B "O2'" 1 
ATOM   305  C  "C1'" . A   B 2 8  ? 3.452   -9.429  8.365   1.00 65.15  ? 9   A   B "C1'" 1 
ATOM   306  N  N9    . A   B 2 8  ? 3.305   -8.197  7.592   1.00 65.96  ? 9   A   B N9    1 
ATOM   307  C  C8    . A   B 2 8  ? 4.262   -7.257  7.317   1.00 64.25  ? 9   A   B C8    1 
ATOM   308  N  N7    . A   B 2 8  ? 3.802   -6.209  6.678   1.00 64.83  ? 9   A   B N7    1 
ATOM   309  C  C5    . A   B 2 8  ? 2.453   -6.485  6.508   1.00 65.89  ? 9   A   B C5    1 
ATOM   310  C  C6    . A   B 2 8  ? 1.394   -5.756  5.924   1.00 65.04  ? 9   A   B C6    1 
ATOM   311  N  N6    . A   B 2 8  ? 1.530   -4.525  5.404   1.00 62.50  ? 9   A   B N6    1 
ATOM   312  N  N1    . A   B 2 8  ? 0.172   -6.333  5.907   1.00 63.39  ? 9   A   B N1    1 
ATOM   313  C  C2    . A   B 2 8  ? 0.026   -7.547  6.449   1.00 64.88  ? 9   A   B C2    1 
ATOM   314  N  N3    . A   B 2 8  ? 0.932   -8.321  7.036   1.00 65.70  ? 9   A   B N3    1 
ATOM   315  C  C4    . A   B 2 8  ? 2.138   -7.724  7.038   1.00 65.87  ? 9   A   B C4    1 
ATOM   316  P  P     . A   B 2 9  ? 5.893   -12.771 5.861   1.00 69.40  ? 10  A   B P     1 
ATOM   317  O  OP1   . A   B 2 9  ? 6.221   -14.224 5.922   1.00 72.10  ? 10  A   B OP1   1 
ATOM   318  O  OP2   . A   B 2 9  ? 6.931   -11.783 5.466   1.00 72.42  ? 10  A   B OP2   1 
ATOM   319  O  "O5'" . A   B 2 9  ? 4.632   -12.564 4.917   1.00 67.94  ? 10  A   B "O5'" 1 
ATOM   320  C  "C5'" . A   B 2 9  ? 3.495   -13.386 5.064   1.00 61.99  ? 10  A   B "C5'" 1 
ATOM   321  C  "C4'" . A   B 2 9  ? 2.404   -12.925 4.133   1.00 57.01  ? 10  A   B "C4'" 1 
ATOM   322  O  "O4'" . A   B 2 9  ? 1.878   -11.653 4.600   1.00 55.22  ? 10  A   B "O4'" 1 
ATOM   323  C  "C3'" . A   B 2 9  ? 2.864   -12.629 2.713   1.00 56.96  ? 10  A   B "C3'" 1 
ATOM   324  O  "O3'" . A   B 2 9  ? 2.930   -13.792 1.892   1.00 56.34  ? 10  A   B "O3'" 1 
ATOM   325  C  "C2'" . A   B 2 9  ? 1.785   -11.679 2.223   1.00 58.34  ? 10  A   B "C2'" 1 
ATOM   326  O  "O2'" . A   B 2 9  ? 0.632   -12.403 1.862   1.00 54.64  ? 10  A   B "O2'" 1 
ATOM   327  C  "C1'" . A   B 2 9  ? 1.501   -10.867 3.487   1.00 56.06  ? 10  A   B "C1'" 1 
ATOM   328  N  N9    . A   B 2 9  ? 2.197   -9.585  3.544   1.00 58.16  ? 10  A   B N9    1 
ATOM   329  C  C8    . A   B 2 9  ? 3.391   -9.264  4.126   1.00 57.28  ? 10  A   B C8    1 
ATOM   330  N  N7    . A   B 2 9  ? 3.730   -8.007  3.971   1.00 57.03  ? 10  A   B N7    1 
ATOM   331  C  C5    . A   B 2 9  ? 2.684   -7.467  3.240   1.00 56.09  ? 10  A   B C5    1 
ATOM   332  C  C6    . A   B 2 9  ? 2.440   -6.178  2.740   1.00 56.03  ? 10  A   B C6    1 
ATOM   333  N  N6    . A   B 2 9  ? 3.275   -5.150  2.892   1.00 59.84  ? 10  A   B N6    1 
ATOM   334  N  N1    . A   B 2 9  ? 1.293   -5.978  2.057   1.00 56.23  ? 10  A   B N1    1 
ATOM   335  C  C2    . A   B 2 9  ? 0.461   -7.012  1.878   1.00 55.14  ? 10  A   B C2    1 
ATOM   336  N  N3    . A   B 2 9  ? 0.585   -8.267  2.290   1.00 54.76  ? 10  A   B N3    1 
ATOM   337  C  C4    . A   B 2 9  ? 1.729   -8.428  2.974   1.00 57.01  ? 10  A   B C4    1 
ATOM   338  P  P     . G   B 2 10 ? 3.904   -13.794 0.619   1.00 58.52  ? 11  G   B P     1 
ATOM   339  O  OP1   . G   B 2 10 ? 3.820   -15.096 -0.080  1.00 61.22  ? 11  G   B OP1   1 
ATOM   340  O  OP2   . G   B 2 10 ? 5.215   -13.326 1.138   1.00 57.95  ? 11  G   B OP2   1 
ATOM   341  O  "O5'" . G   B 2 10 ? 3.297   -12.648 -0.307  1.00 55.27  ? 11  G   B "O5'" 1 
ATOM   342  C  "C5'" . G   B 2 10 ? 2.070   -12.841 -0.990  1.00 50.73  ? 11  G   B "C5'" 1 
ATOM   343  C  "C4'" . G   B 2 10 ? 1.669   -11.584 -1.719  1.00 53.79  ? 11  G   B "C4'" 1 
ATOM   344  O  "O4'" . G   B 2 10 ? 1.566   -10.511 -0.749  1.00 55.05  ? 11  G   B "O4'" 1 
ATOM   345  C  "C3'" . G   B 2 10 ? 2.671   -11.051 -2.726  1.00 54.76  ? 11  G   B "C3'" 1 
ATOM   346  O  "O3'" . G   B 2 10 ? 2.598   -11.628 -4.026  1.00 54.02  ? 11  G   B "O3'" 1 
ATOM   347  C  "C2'" . G   B 2 10 ? 2.301   -9.584  -2.794  1.00 53.23  ? 11  G   B "C2'" 1 
ATOM   348  O  "O2'" . G   B 2 10 ? 1.136   -9.389  -3.564  1.00 53.26  ? 11  G   B "O2'" 1 
ATOM   349  C  "C1'" . G   B 2 10 ? 1.987   -9.292  -1.335  1.00 52.83  ? 11  G   B "C1'" 1 
ATOM   350  N  N9    . G   B 2 10 ? 3.152   -8.796  -0.599  1.00 52.14  ? 11  G   B N9    1 
ATOM   351  C  C8    . G   B 2 10 ? 3.977   -9.514  0.239   1.00 49.38  ? 11  G   B C8    1 
ATOM   352  N  N7    . G   B 2 10 ? 4.904   -8.783  0.805   1.00 51.38  ? 11  G   B N7    1 
ATOM   353  C  C5    . G   B 2 10 ? 4.685   -7.504  0.307   1.00 50.14  ? 11  G   B C5    1 
ATOM   354  C  C6    . G   B 2 10 ? 5.362   -6.284  0.576   1.00 51.46  ? 11  G   B C6    1 
ATOM   355  O  O6    . G   B 2 10 ? 6.318   -6.085  1.345   1.00 52.48  ? 11  G   B O6    1 
ATOM   356  N  N1    . G   B 2 10 ? 4.818   -5.225  -0.157  1.00 50.37  ? 11  G   B N1    1 
ATOM   357  C  C2    . G   B 2 10 ? 3.757   -5.330  -1.042  1.00 51.00  ? 11  G   B C2    1 
ATOM   358  N  N2    . G   B 2 10 ? 3.376   -4.207  -1.664  1.00 46.62  ? 11  G   B N2    1 
ATOM   359  N  N3    . G   B 2 10 ? 3.119   -6.460  -1.297  1.00 49.88  ? 11  G   B N3    1 
ATOM   360  C  C4    . G   B 2 10 ? 3.624   -7.499  -0.588  1.00 50.04  ? 11  G   B C4    1 
ATOM   361  P  P     . G   B 2 11 ? 3.850   -11.451 -5.018  1.00 56.36  ? 12  G   B P     1 
ATOM   362  O  OP1   . G   B 2 11 ? 3.683   -12.257 -6.252  1.00 55.66  ? 12  G   B OP1   1 
ATOM   363  O  OP2   . G   B 2 11 ? 5.035   -11.680 -4.146  1.00 56.15  ? 12  G   B OP2   1 
ATOM   364  O  "O5'" . G   B 2 11 ? 3.804   -9.907  -5.425  1.00 57.73  ? 12  G   B "O5'" 1 
ATOM   365  C  "C5'" . G   B 2 11 ? 2.783   -9.420  -6.285  1.00 55.29  ? 12  G   B "C5'" 1 
ATOM   366  C  "C4'" . G   B 2 11 ? 2.943   -7.942  -6.540  1.00 52.02  ? 12  G   B "C4'" 1 
ATOM   367  O  "O4'" . G   B 2 11 ? 2.990   -7.243  -5.270  1.00 51.53  ? 12  G   B "O4'" 1 
ATOM   368  C  "C3'" . G   B 2 11 ? 4.244   -7.528  -7.189  1.00 55.41  ? 12  G   B "C3'" 1 
ATOM   369  O  "O3'" . G   B 2 11 ? 4.244   -7.717  -8.582  1.00 58.00  ? 12  G   B "O3'" 1 
ATOM   370  C  "C2'" . G   B 2 11 ? 4.340   -6.062  -6.804  1.00 53.00  ? 12  G   B "C2'" 1 
ATOM   371  O  "O2'" . G   B 2 11 ? 3.424   -5.265  -7.536  1.00 57.47  ? 12  G   B "O2'" 1 
ATOM   372  C  "C1'" . G   B 2 11 ? 3.847   -6.118  -5.370  1.00 47.89  ? 12  G   B "C1'" 1 
ATOM   373  N  N9    . G   B 2 11 ? 4.937   -6.268  -4.419  1.00 46.42  ? 12  G   B N9    1 
ATOM   374  C  C8    . G   B 2 11 ? 5.316   -7.413  -3.768  1.00 43.64  ? 12  G   B C8    1 
ATOM   375  N  N7    . G   B 2 11 ? 6.308   -7.228  -2.938  1.00 43.49  ? 12  G   B N7    1 
ATOM   376  C  C5    . G   B 2 11 ? 6.596   -5.874  -3.048  1.00 38.38  ? 12  G   B C5    1 
ATOM   377  C  C6    . G   B 2 11 ? 7.555   -5.077  -2.361  1.00 39.68  ? 12  G   B C6    1 
ATOM   378  O  O6    . G   B 2 11 ? 8.360   -5.429  -1.478  1.00 43.00  ? 12  G   B O6    1 
ATOM   379  N  N1    . G   B 2 11 ? 7.513   -3.745  -2.787  1.00 39.31  ? 12  G   B N1    1 
ATOM   380  C  C2    . G   B 2 11 ? 6.659   -3.247  -3.753  1.00 40.96  ? 12  G   B C2    1 
ATOM   381  N  N2    . G   B 2 11 ? 6.778   -1.941  -4.019  1.00 38.12  ? 12  G   B N2    1 
ATOM   382  N  N3    . G   B 2 11 ? 5.759   -3.984  -4.398  1.00 40.60  ? 12  G   B N3    1 
ATOM   383  C  C4    . G   B 2 11 ? 5.777   -5.274  -3.985  1.00 42.04  ? 12  G   B C4    1 
ATOM   384  P  P     . G   B 2 12 ? 5.632   -7.990  -9.327  1.00 55.49  ? 13  G   B P     1 
ATOM   385  O  OP1   . G   B 2 12 ? 5.333   -8.052  -10.772 1.00 56.55  ? 13  G   B OP1   1 
ATOM   386  O  OP2   . G   B 2 12 ? 6.265   -9.145  -8.659  1.00 51.01  ? 13  G   B OP2   1 
ATOM   387  O  "O5'" . G   B 2 12 ? 6.470   -6.665  -9.074  1.00 50.92  ? 13  G   B "O5'" 1 
ATOM   388  C  "C5'" . G   B 2 12 ? 6.073   -5.460  -9.710  1.00 50.25  ? 13  G   B "C5'" 1 
ATOM   389  C  "C4'" . G   B 2 12 ? 6.900   -4.282  -9.244  1.00 55.47  ? 13  G   B "C4'" 1 
ATOM   390  O  "O4'" . G   B 2 12 ? 6.860   -4.200  -7.794  1.00 54.17  ? 13  G   B "O4'" 1 
ATOM   391  C  "C3'" . G   B 2 12 ? 8.389   -4.366  -9.541  1.00 54.69  ? 13  G   B "C3'" 1 
ATOM   392  O  "O3'" . G   B 2 12 ? 8.658   -3.954  -10.886 1.00 61.64  ? 13  G   B "O3'" 1 
ATOM   393  C  "C2'" . G   B 2 12 ? 8.968   -3.397  -8.515  1.00 50.79  ? 13  G   B "C2'" 1 
ATOM   394  O  "O2'" . G   B 2 12 ? 8.812   -2.045  -8.892  1.00 52.30  ? 13  G   B "O2'" 1 
ATOM   395  C  "C1'" . G   B 2 12 ? 8.078   -3.657  -7.314  1.00 45.99  ? 13  G   B "C1'" 1 
ATOM   396  N  N9    . G   B 2 12 ? 8.711   -4.553  -6.369  1.00 40.79  ? 13  G   B N9    1 
ATOM   397  C  C8    . G   B 2 12 ? 8.460   -5.879  -6.131  1.00 40.28  ? 13  G   B C8    1 
ATOM   398  N  N7    . G   B 2 12 ? 9.203   -6.377  -5.177  1.00 40.02  ? 13  G   B N7    1 
ATOM   399  C  C5    . G   B 2 12 ? 9.995   -5.310  -4.777  1.00 41.27  ? 13  G   B C5    1 
ATOM   400  C  C6    . G   B 2 12 ? 10.986  -5.228  -3.767  1.00 43.37  ? 13  G   B C6    1 
ATOM   401  O  O6    . G   B 2 12 ? 11.377  -6.116  -2.999  1.00 43.34  ? 13  G   B O6    1 
ATOM   402  N  N1    . G   B 2 12 ? 11.533  -3.953  -3.690  1.00 43.87  ? 13  G   B N1    1 
ATOM   403  C  C2    . G   B 2 12 ? 11.165  -2.896  -4.467  1.00 43.27  ? 13  G   B C2    1 
ATOM   404  N  N2    . G   B 2 12 ? 11.784  -1.734  -4.227  1.00 40.74  ? 13  G   B N2    1 
ATOM   405  N  N3    . G   B 2 12 ? 10.250  -2.963  -5.412  1.00 40.77  ? 13  G   B N3    1 
ATOM   406  C  C4    . G   B 2 12 ? 9.712   -4.191  -5.505  1.00 41.93  ? 13  G   B C4    1 
HETATM 407  P  P     . S9L B 2 13 ? 9.870   -4.629  -11.707 1.00 63.22  ? 14  S9L B P     1 
HETATM 408  O  O1P   . S9L B 2 13 ? 9.758   -4.177  -13.104 1.00 64.51  ? 14  S9L B O1P   1 
HETATM 409  O  O2P   . S9L B 2 13 ? 9.875   -6.095  -11.429 1.00 62.39  ? 14  S9L B O2P   1 
HETATM 410  O  "O5'" . S9L B 2 13 ? 11.195  -3.960  -11.075 1.00 64.99  ? 14  S9L B "O5'" 1 
HETATM 411  C  C12   . S9L B 2 13 ? 11.260  -2.595  -10.584 1.00 75.31  ? 14  S9L B C12   1 
HETATM 412  C  C22   . S9L B 2 13 ? 10.863  -1.549  -11.670 1.00 76.79  ? 14  S9L B C22   1 
HETATM 413  O  OH3   . S9L B 2 13 ? 11.656  -1.792  -12.843 1.00 85.98  ? 14  S9L B OH3   1 
HETATM 414  C  C13   . S9L B 2 13 ? 13.628  -0.388  -12.141 1.00 86.28  ? 14  S9L B C13   1 
HETATM 415  C  C23   . S9L B 2 13 ? 12.537  -0.708  -13.209 1.00 86.07  ? 14  S9L B C23   1 
HETATM 416  O  OH4   . S9L B 2 13 ? 14.960  -0.812  -12.532 1.00 87.42  ? 14  S9L B OH4   1 
HETATM 417  C  C14   . S9L B 2 13 ? 16.140  1.295   -13.059 1.00 77.72  ? 14  S9L B C14   1 
HETATM 418  C  C24   . S9L B 2 13 ? 15.555  -0.023  -13.581 1.00 83.59  ? 14  S9L B C24   1 
HETATM 419  O  "O3'" . S9L B 2 13 ? 15.371  2.371   -13.595 1.00 61.69  ? 14  S9L B "O3'" 1 
ATOM   420  P  P     . G   C 3 1  ? 14.269  3.403   -13.060 1.00 63.73  ? 15  G   C P     1 
ATOM   421  O  OP1   . G   C 3 1  ? 13.502  3.891   -14.219 1.00 65.59  ? 15  G   C OP1   1 
ATOM   422  O  OP2   . G   C 3 1  ? 13.549  2.820   -11.913 1.00 63.82  ? 15  G   C OP2   1 
ATOM   423  O  "O5'" . G   C 3 1  ? 15.132  4.637   -12.544 1.00 64.50  ? 15  G   C "O5'" 1 
ATOM   424  C  "C5'" . G   C 3 1  ? 16.253  4.453   -11.678 1.00 55.65  ? 15  G   C "C5'" 1 
ATOM   425  C  "C4'" . G   C 3 1  ? 16.854  5.790   -11.314 1.00 53.57  ? 15  G   C "C4'" 1 
ATOM   426  O  "O4'" . G   C 3 1  ? 17.397  6.405   -12.504 1.00 57.65  ? 15  G   C "O4'" 1 
ATOM   427  C  "C3'" . G   C 3 1  ? 15.875  6.820   -10.788 1.00 51.76  ? 15  G   C "C3'" 1 
ATOM   428  O  "O3'" . G   C 3 1  ? 15.729  6.619   -9.406  1.00 52.98  ? 15  G   C "O3'" 1 
ATOM   429  C  "C2'" . G   C 3 1  ? 16.592  8.123   -11.098 1.00 52.43  ? 15  G   C "C2'" 1 
ATOM   430  O  "O2'" . G   C 3 1  ? 17.658  8.346   -10.212 1.00 50.73  ? 15  G   C "O2'" 1 
ATOM   431  C  "C1'" . G   C 3 1  ? 17.202  7.804   -12.454 1.00 52.72  ? 15  G   C "C1'" 1 
ATOM   432  N  N9    . G   C 3 1  ? 16.356  8.208   -13.576 1.00 51.24  ? 15  G   C N9    1 
ATOM   433  C  C8    . G   C 3 1  ? 15.629  7.395   -14.416 1.00 48.64  ? 15  G   C C8    1 
ATOM   434  N  N7    . G   C 3 1  ? 15.009  8.052   -15.362 1.00 48.13  ? 15  G   C N7    1 
ATOM   435  C  C5    . G   C 3 1  ? 15.335  9.384   -15.124 1.00 51.31  ? 15  G   C C5    1 
ATOM   436  C  C6    . G   C 3 1  ? 14.978  10.557  -15.824 1.00 50.07  ? 15  G   C C6    1 
ATOM   437  O  O6    . G   C 3 1  ? 14.295  10.664  -16.842 1.00 51.14  ? 15  G   C O6    1 
ATOM   438  N  N1    . G   C 3 1  ? 15.520  11.693  -15.228 1.00 47.62  ? 15  G   C N1    1 
ATOM   439  C  C2    . G   C 3 1  ? 16.320  11.703  -14.106 1.00 52.48  ? 15  G   C C2    1 
ATOM   440  N  N2    . G   C 3 1  ? 16.722  12.902  -13.663 1.00 53.87  ? 15  G   C N2    1 
ATOM   441  N  N3    . G   C 3 1  ? 16.686  10.617  -13.462 1.00 52.03  ? 15  G   C N3    1 
ATOM   442  C  C4    . G   C 3 1  ? 16.157  9.497   -14.016 1.00 50.30  ? 15  G   C C4    1 
ATOM   443  P  P     . G   C 3 2  ? 14.356  6.994   -8.679  1.00 48.71  ? 16  G   C P     1 
ATOM   444  O  OP1   . G   C 3 2  ? 14.444  6.352   -7.350  1.00 56.41  ? 16  G   C OP1   1 
ATOM   445  O  OP2   . G   C 3 2  ? 13.179  6.760   -9.534  1.00 47.67  ? 16  G   C OP2   1 
ATOM   446  O  "O5'" . G   C 3 2  ? 14.431  8.561   -8.487  1.00 54.19  ? 16  G   C "O5'" 1 
ATOM   447  C  "C5'" . G   C 3 2  ? 15.397  9.150   -7.642  1.00 50.00  ? 16  G   C "C5'" 1 
ATOM   448  C  "C4'" . G   C 3 2  ? 15.319  10.638  -7.790  1.00 54.05  ? 16  G   C "C4'" 1 
ATOM   449  O  "O4'" . G   C 3 2  ? 15.717  10.984  -9.141  1.00 56.20  ? 16  G   C "O4'" 1 
ATOM   450  C  "C3'" . G   C 3 2  ? 13.897  11.153  -7.720  1.00 54.23  ? 16  G   C "C3'" 1 
ATOM   451  O  "O3'" . G   C 3 2  ? 13.469  11.400  -6.403  1.00 53.73  ? 16  G   C "O3'" 1 
ATOM   452  C  "C2'" . G   C 3 2  ? 13.991  12.462  -8.470  1.00 53.31  ? 16  G   C "C2'" 1 
ATOM   453  O  "O2'" . G   C 3 2  ? 14.581  13.436  -7.627  1.00 50.49  ? 16  G   C "O2'" 1 
ATOM   454  C  "C1'" . G   C 3 2  ? 14.940  12.079  -9.603  1.00 55.49  ? 16  G   C "C1'" 1 
ATOM   455  N  N9    . G   C 3 2  ? 14.218  11.665  -10.802 1.00 55.22  ? 16  G   C N9    1 
ATOM   456  C  C8    . G   C 3 2  ? 13.864  10.388  -11.152 1.00 54.65  ? 16  G   C C8    1 
ATOM   457  N  N7    . G   C 3 2  ? 13.240  10.320  -12.299 1.00 57.28  ? 16  G   C N7    1 
ATOM   458  C  C5    . G   C 3 2  ? 13.175  11.635  -12.732 1.00 54.43  ? 16  G   C C5    1 
ATOM   459  C  C6    . G   C 3 2  ? 12.623  12.185  -13.923 1.00 56.72  ? 16  G   C C6    1 
ATOM   460  O  O6    . G   C 3 2  ? 12.104  11.597  -14.878 1.00 54.74  ? 16  G   C O6    1 
ATOM   461  N  N1    . G   C 3 2  ? 12.740  13.571  -13.943 1.00 57.75  ? 16  G   C N1    1 
ATOM   462  C  C2    . G   C 3 2  ? 13.330  14.332  -12.950 1.00 57.41  ? 16  G   C C2    1 
ATOM   463  N  N2    . G   C 3 2  ? 13.311  15.659  -13.123 1.00 56.59  ? 16  G   C N2    1 
ATOM   464  N  N3    . G   C 3 2  ? 13.883  13.828  -11.860 1.00 54.61  ? 16  G   C N3    1 
ATOM   465  C  C4    . G   C 3 2  ? 13.764  12.483  -11.813 1.00 54.37  ? 16  G   C C4    1 
ATOM   466  P  P     . C   C 3 3  ? 11.914  11.249  -6.052  1.00 50.22  ? 17  C   C P     1 
ATOM   467  O  OP1   . C   C 3 3  ? 11.843  11.310  -4.572  1.00 55.37  ? 17  C   C OP1   1 
ATOM   468  O  OP2   . C   C 3 3  ? 11.369  10.062  -6.778  1.00 54.15  ? 17  C   C OP2   1 
ATOM   469  O  "O5'" . C   C 3 3  ? 11.230  12.536  -6.686  1.00 52.49  ? 17  C   C "O5'" 1 
ATOM   470  C  "C5'" . C   C 3 3  ? 11.433  13.809  -6.106  1.00 54.98  ? 17  C   C "C5'" 1 
ATOM   471  C  "C4'" . C   C 3 3  ? 10.924  14.884  -7.021  1.00 55.37  ? 17  C   C "C4'" 1 
ATOM   472  O  "O4'" . C   C 3 3  ? 11.578  14.727  -8.307  1.00 55.88  ? 17  C   C "O4'" 1 
ATOM   473  C  "C3'" . C   C 3 3  ? 9.459   14.754  -7.392  1.00 54.33  ? 17  C   C "C3'" 1 
ATOM   474  O  "O3'" . C   C 3 3  ? 8.588   15.241  -6.395  1.00 58.88  ? 17  C   C "O3'" 1 
ATOM   475  C  "C2'" . C   C 3 3  ? 9.386   15.546  -8.686  1.00 52.99  ? 17  C   C "C2'" 1 
ATOM   476  O  "O2'" . C   C 3 3  ? 9.401   16.946  -8.479  1.00 50.43  ? 17  C   C "O2'" 1 
ATOM   477  C  "C1'" . C   C 3 3  ? 10.689  15.121  -9.345  1.00 53.27  ? 17  C   C "C1'" 1 
ATOM   478  N  N1    . C   C 3 3  ? 10.430  13.980  -10.217 1.00 53.08  ? 17  C   C N1    1 
ATOM   479  C  C2    . C   C 3 3  ? 9.885   14.225  -11.476 1.00 53.10  ? 17  C   C C2    1 
ATOM   480  O  O2    . C   C 3 3  ? 9.666   15.406  -11.814 1.00 51.28  ? 17  C   C O2    1 
ATOM   481  N  N3    . C   C 3 3  ? 9.601   13.181  -12.292 1.00 52.89  ? 17  C   C N3    1 
ATOM   482  C  C4    . C   C 3 3  ? 9.844   11.942  -11.884 1.00 51.72  ? 17  C   C C4    1 
ATOM   483  N  N4    . C   C 3 3  ? 9.532   10.941  -12.721 1.00 49.44  ? 17  C   C N4    1 
ATOM   484  C  C5    . C   C 3 3  ? 10.413  11.669  -10.602 1.00 51.86  ? 17  C   C C5    1 
ATOM   485  C  C6    . C   C 3 3  ? 10.692  12.710  -9.812  1.00 52.40  ? 17  C   C C6    1 
ATOM   486  P  P     . A   C 3 4  ? 7.130   14.593  -6.245  1.00 62.27  ? 18  A   C P     1 
ATOM   487  O  OP1   . A   C 3 4  ? 6.520   15.193  -5.036  1.00 62.79  ? 18  A   C OP1   1 
ATOM   488  O  OP2   . A   C 3 4  ? 7.235   13.123  -6.369  1.00 61.06  ? 18  A   C OP2   1 
ATOM   489  O  "O5'" . A   C 3 4  ? 6.369   15.119  -7.533  1.00 61.08  ? 18  A   C "O5'" 1 
ATOM   490  C  "C5'" . A   C 3 4  ? 5.969   16.471  -7.609  1.00 54.90  ? 18  A   C "C5'" 1 
ATOM   491  C  "C4'" . A   C 3 4  ? 5.269   16.736  -8.908  1.00 56.19  ? 18  A   C "C4'" 1 
ATOM   492  O  "O4'" . A   C 3 4  ? 6.174   16.411  -9.996  1.00 56.60  ? 18  A   C "O4'" 1 
ATOM   493  C  "C3'" . A   C 3 4  ? 4.078   15.838  -9.184  1.00 56.18  ? 18  A   C "C3'" 1 
ATOM   494  O  "O3'" . A   C 3 4  ? 2.903   16.280  -8.552  1.00 60.84  ? 18  A   C "O3'" 1 
ATOM   495  C  "C2'" . A   C 3 4  ? 3.960   15.929  -10.689 1.00 55.14  ? 18  A   C "C2'" 1 
ATOM   496  O  "O2'" . A   C 3 4  ? 3.381   17.163  -11.062 1.00 60.82  ? 18  A   C "O2'" 1 
ATOM   497  C  "C1'" . A   C 3 4  ? 5.430   15.896  -11.091 1.00 52.99  ? 18  A   C "C1'" 1 
ATOM   498  N  N9    . A   C 3 4  ? 5.812   14.511  -11.331 1.00 52.60  ? 18  A   C N9    1 
ATOM   499  C  C8    . A   C 3 4  ? 6.494   13.625  -10.541 1.00 51.75  ? 18  A   C C8    1 
ATOM   500  N  N7    . A   C 3 4  ? 6.621   12.432  -11.076 1.00 49.99  ? 18  A   C N7    1 
ATOM   501  C  C5    . A   C 3 4  ? 5.986   12.550  -12.300 1.00 48.57  ? 18  A   C C5    1 
ATOM   502  C  C6    . A   C 3 4  ? 5.769   11.644  -13.337 1.00 48.83  ? 18  A   C C6    1 
ATOM   503  N  N6    . A   C 3 4  ? 6.193   10.385  -13.311 1.00 46.32  ? 18  A   C N6    1 
ATOM   504  N  N1    . A   C 3 4  ? 5.088   12.081  -14.423 1.00 49.06  ? 18  A   C N1    1 
ATOM   505  C  C2    . A   C 3 4  ? 4.664   13.351  -14.442 1.00 50.93  ? 18  A   C C2    1 
ATOM   506  N  N3    . A   C 3 4  ? 4.814   14.300  -13.523 1.00 49.76  ? 18  A   C N3    1 
ATOM   507  C  C4    . A   C 3 4  ? 5.490   13.824  -12.468 1.00 50.73  ? 18  A   C C4    1 
ATOM   508  P  P     . G   C 3 5  ? 1.810   15.204  -8.097  1.00 65.53  ? 19  G   C P     1 
ATOM   509  O  OP1   . G   C 3 5  ? 0.944   15.931  -7.140  1.00 60.83  ? 19  G   C OP1   1 
ATOM   510  O  OP2   . G   C 3 5  ? 2.501   13.964  -7.676  1.00 62.60  ? 19  G   C OP2   1 
ATOM   511  O  "O5'" . G   C 3 5  ? 1.028   14.851  -9.434  1.00 60.95  ? 19  G   C "O5'" 1 
ATOM   512  C  "C5'" . G   C 3 5  ? 0.502   15.878  -10.230 1.00 56.22  ? 19  G   C "C5'" 1 
ATOM   513  C  "C4'" . G   C 3 5  ? 0.016   15.340  -11.553 1.00 57.35  ? 19  G   C "C4'" 1 
ATOM   514  O  "O4'" . G   C 3 5  ? 1.147   14.888  -12.352 1.00 60.07  ? 19  G   C "O4'" 1 
ATOM   515  C  "C3'" . G   C 3 5  ? -0.860  14.097  -11.486 1.00 58.40  ? 19  G   C "C3'" 1 
ATOM   516  O  "O3'" . G   C 3 5  ? -2.205  14.371  -11.130 1.00 62.56  ? 19  G   C "O3'" 1 
ATOM   517  C  "C2'" . G   C 3 5  ? -0.730  13.544  -12.898 1.00 59.25  ? 19  G   C "C2'" 1 
ATOM   518  O  "O2'" . G   C 3 5  ? -1.455  14.312  -13.830 1.00 61.54  ? 19  G   C "O2'" 1 
ATOM   519  C  "C1'" . G   C 3 5  ? 0.742   13.805  -13.179 1.00 57.65  ? 19  G   C "C1'" 1 
ATOM   520  N  N9    . G   C 3 5  ? 1.533   12.623  -12.872 1.00 56.33  ? 19  G   C N9    1 
ATOM   521  C  C8    . G   C 3 5  ? 2.321   12.400  -11.771 1.00 54.51  ? 19  G   C C8    1 
ATOM   522  N  N7    . G   C 3 5  ? 2.895   11.229  -11.785 1.00 55.79  ? 19  G   C N7    1 
ATOM   523  C  C5    . G   C 3 5  ? 2.462   10.653  -12.972 1.00 55.81  ? 19  G   C C5    1 
ATOM   524  C  C6    . G   C 3 5  ? 2.760   9.395   -13.546 1.00 57.39  ? 19  G   C C6    1 
ATOM   525  O  O6    . G   C 3 5  ? 3.496   8.504   -13.116 1.00 58.03  ? 19  G   C O6    1 
ATOM   526  N  N1    . G   C 3 5  ? 2.099   9.213   -14.751 1.00 58.39  ? 19  G   C N1    1 
ATOM   527  C  C2    . G   C 3 5  ? 1.261   10.118  -15.341 1.00 57.56  ? 19  G   C C2    1 
ATOM   528  N  N2    . G   C 3 5  ? 0.688   9.730   -16.511 1.00 55.57  ? 19  G   C N2    1 
ATOM   529  N  N3    . G   C 3 5  ? 0.992   11.307  -14.827 1.00 55.74  ? 19  G   C N3    1 
ATOM   530  C  C4    . G   C 3 5  ? 1.618   11.501  -13.650 1.00 55.01  ? 19  G   C C4    1 
ATOM   531  P  P     . A   C 3 6  ? -3.072  13.252  -10.364 1.00 66.49  ? 20  A   C P     1 
ATOM   532  O  OP1   . A   C 3 6  ? -4.423  13.856  -10.264 1.00 67.02  ? 20  A   C OP1   1 
ATOM   533  O  OP2   . A   C 3 6  ? -2.369  12.800  -9.131  1.00 63.68  ? 20  A   C OP2   1 
ATOM   534  O  "O5'" . A   C 3 6  ? -3.111  12.033  -11.387 1.00 63.07  ? 20  A   C "O5'" 1 
ATOM   535  C  "C5'" . A   C 3 6  ? -3.838  12.157  -12.599 1.00 59.21  ? 20  A   C "C5'" 1 
ATOM   536  C  "C4'" . A   C 3 6  ? -3.705  10.912  -13.441 1.00 59.55  ? 20  A   C "C4'" 1 
ATOM   537  O  "O4'" . A   C 3 6  ? -2.313  10.742  -13.796 1.00 59.97  ? 20  A   C "O4'" 1 
ATOM   538  C  "C3'" . A   C 3 6  ? -4.065  9.607   -12.756 1.00 59.31  ? 20  A   C "C3'" 1 
ATOM   539  O  "O3'" . A   C 3 6  ? -5.447  9.316   -12.844 1.00 59.57  ? 20  A   C "O3'" 1 
ATOM   540  C  "C2'" . A   C 3 6  ? -3.280  8.591   -13.567 1.00 56.36  ? 20  A   C "C2'" 1 
ATOM   541  O  "O2'" . A   C 3 6  ? -3.899  8.241   -14.783 1.00 55.56  ? 20  A   C "O2'" 1 
ATOM   542  C  "C1'" . A   C 3 6  ? -2.001  9.367   -13.853 1.00 57.61  ? 20  A   C "C1'" 1 
ATOM   543  N  N9    . A   C 3 6  ? -1.002  9.093   -12.836 1.00 55.61  ? 20  A   C N9    1 
ATOM   544  C  C8    . A   C 3 6  ? -0.605  9.865   -11.774 1.00 55.18  ? 20  A   C C8    1 
ATOM   545  N  N7    . A   C 3 6  ? 0.304   9.297   -11.025 1.00 57.00  ? 20  A   C N7    1 
ATOM   546  C  C5    . A   C 3 6  ? 0.529   8.074   -11.647 1.00 52.01  ? 20  A   C C5    1 
ATOM   547  C  C6    . A   C 3 6  ? 1.386   7.008   -11.345 1.00 50.93  ? 20  A   C C6    1 
ATOM   548  N  N6    . A   C 3 6  ? 2.220   7.004   -10.299 1.00 49.22  ? 20  A   C N6    1 
ATOM   549  N  N1    . A   C 3 6  ? 1.360   5.928   -12.161 1.00 51.99  ? 20  A   C N1    1 
ATOM   550  C  C2    . A   C 3 6  ? 0.522   5.936   -13.203 1.00 51.60  ? 20  A   C C2    1 
ATOM   551  N  N3    . A   C 3 6  ? -0.330  6.884   -13.594 1.00 52.57  ? 20  A   C N3    1 
ATOM   552  C  C4    . A   C 3 6  ? -0.271  7.940   -12.761 1.00 53.97  ? 20  A   C C4    1 
ATOM   553  P  P     . G   C 3 7  ? -6.152  8.516   -11.652 1.00 64.51  ? 21  G   C P     1 
ATOM   554  O  OP1   . G   C 3 7  ? -7.586  8.314   -11.981 1.00 65.29  ? 21  G   C OP1   1 
ATOM   555  O  OP2   . G   C 3 7  ? -5.769  9.216   -10.397 1.00 58.51  ? 21  G   C OP2   1 
ATOM   556  O  "O5'" . G   C 3 7  ? -5.441  7.097   -11.687 1.00 59.74  ? 21  G   C "O5'" 1 
ATOM   557  C  "C5'" . G   C 3 7  ? -5.662  6.230   -12.786 1.00 57.72  ? 21  G   C "C5'" 1 
ATOM   558  C  "C4'" . G   C 3 7  ? -4.803  4.997   -12.679 1.00 58.66  ? 21  G   C "C4'" 1 
ATOM   559  O  "O4'" . G   C 3 7  ? -3.408  5.394   -12.714 1.00 58.54  ? 21  G   C "O4'" 1 
ATOM   560  C  "C3'" . G   C 3 7  ? -4.924  4.189   -11.398 1.00 56.51  ? 21  G   C "C3'" 1 
ATOM   561  O  "O3'" . G   C 3 7  ? -5.968  3.235   -11.486 1.00 60.23  ? 21  G   C "O3'" 1 
ATOM   562  C  "C2'" . G   C 3 7  ? -3.602  3.449   -11.392 1.00 57.85  ? 21  G   C "C2'" 1 
ATOM   563  O  "O2'" . G   C 3 7  ? -3.649  2.447   -12.377 1.00 59.29  ? 21  G   C "O2'" 1 
ATOM   564  C  "C1'" . G   C 3 7  ? -2.645  4.529   -11.880 1.00 54.77  ? 21  G   C "C1'" 1 
ATOM   565  N  N9    . G   C 3 7  ? -2.081  5.296   -10.767 1.00 50.52  ? 21  G   C N9    1 
ATOM   566  C  C8    . G   C 3 7  ? -2.554  6.496   -10.296 1.00 48.70  ? 21  G   C C8    1 
ATOM   567  N  N7    . G   C 3 7  ? -1.869  6.965   -9.286  1.00 49.86  ? 21  G   C N7    1 
ATOM   568  C  C5    . G   C 3 7  ? -0.870  6.020   -9.071  1.00 47.07  ? 21  G   C C5    1 
ATOM   569  C  C6    . G   C 3 7  ? 0.188   5.995   -8.106  1.00 46.81  ? 21  G   C C6    1 
ATOM   570  O  O6    . G   C 3 7  ? 0.475   6.844   -7.238  1.00 52.81  ? 21  G   C O6    1 
ATOM   571  N  N1    . G   C 3 7  ? 0.957   4.841   -8.224  1.00 43.22  ? 21  G   C N1    1 
ATOM   572  C  C2    . G   C 3 7  ? 0.758   3.840   -9.150  1.00 46.19  ? 21  G   C C2    1 
ATOM   573  N  N2    . G   C 3 7  ? 1.602   2.798   -9.076  1.00 42.38  ? 21  G   C N2    1 
ATOM   574  N  N3    . G   C 3 7  ? -0.203  3.858   -10.070 1.00 45.28  ? 21  G   C N3    1 
ATOM   575  C  C4    . G   C 3 7  ? -0.980  4.971   -9.969  1.00 45.86  ? 21  G   C C4    1 
ATOM   576  P  P     . A   C 3 8  ? -7.158  3.238   -10.411 1.00 61.05  ? 22  A   C P     1 
ATOM   577  O  OP1   . A   C 3 8  ? -8.204  4.152   -10.900 1.00 60.41  ? 22  A   C OP1   1 
ATOM   578  O  OP2   . A   C 3 8  ? -6.648  3.384   -9.033  1.00 60.41  ? 22  A   C OP2   1 
ATOM   579  O  "O5'" . A   C 3 8  ? -7.725  1.764   -10.505 1.00 55.21  ? 22  A   C "O5'" 1 
ATOM   580  C  "C5'" . A   C 3 8  ? -7.111  0.702   -9.789  1.00 57.78  ? 22  A   C "C5'" 1 
ATOM   581  C  "C4'" . A   C 3 8  ? -6.548  -0.301  -10.755 1.00 60.91  ? 22  A   C "C4'" 1 
ATOM   582  O  "O4'" . A   C 3 8  ? -5.262  0.168   -11.235 1.00 60.92  ? 22  A   C "O4'" 1 
ATOM   583  C  "C3'" . A   C 3 8  ? -6.252  -1.658  -10.155 1.00 60.29  ? 22  A   C "C3'" 1 
ATOM   584  O  "O3'" . A   C 3 8  ? -7.447  -2.413  -10.201 1.00 60.67  ? 22  A   C "O3'" 1 
ATOM   585  C  "C2'" . A   C 3 8  ? -5.215  -2.199  -11.126 1.00 61.52  ? 22  A   C "C2'" 1 
ATOM   586  O  "O2'" . A   C 3 8  ? -5.848  -2.652  -12.308 1.00 62.92  ? 22  A   C "O2'" 1 
ATOM   587  C  "C1'" . A   C 3 8  ? -4.399  -0.938  -11.426 1.00 60.86  ? 22  A   C "C1'" 1 
ATOM   588  N  N9    . A   C 3 8  ? -3.262  -0.788  -10.518 1.00 59.27  ? 22  A   C N9    1 
ATOM   589  C  C8    . A   C 3 8  ? -3.108  0.136   -9.522  1.00 59.21  ? 22  A   C C8    1 
ATOM   590  N  N7    . A   C 3 8  ? -2.009  -0.017  -8.826  1.00 59.51  ? 22  A   C N7    1 
ATOM   591  C  C5    . A   C 3 8  ? -1.386  -1.108  -9.417  1.00 58.58  ? 22  A   C C5    1 
ATOM   592  C  C6    . A   C 3 8  ? -0.182  -1.779  -9.133  1.00 56.66  ? 22  A   C C6    1 
ATOM   593  N  N6    . A   C 3 8  ? 0.633   -1.441  -8.138  1.00 57.68  ? 22  A   C N6    1 
ATOM   594  N  N1    . A   C 3 8  ? 0.154   -2.828  -9.913  1.00 57.11  ? 22  A   C N1    1 
ATOM   595  C  C2    . A   C 3 8  ? -0.676  -3.178  -10.908 1.00 56.81  ? 22  A   C C2    1 
ATOM   596  N  N3    . A   C 3 8  ? -1.840  -2.626  -11.271 1.00 56.86  ? 22  A   C N3    1 
ATOM   597  C  C4    . A   C 3 8  ? -2.142  -1.584  -10.475 1.00 57.38  ? 22  A   C C4    1 
ATOM   598  P  P     . A   C 3 9  ? -7.810  -3.413  -9.009  1.00 65.92  ? 23  A   C P     1 
ATOM   599  O  OP1   . A   C 3 9  ? -9.121  -4.028  -9.333  1.00 66.63  ? 23  A   C OP1   1 
ATOM   600  O  OP2   . A   C 3 9  ? -7.629  -2.720  -7.722  1.00 58.99  ? 23  A   C OP2   1 
ATOM   601  O  "O5'" . A   C 3 9  ? -6.713  -4.545  -9.160  1.00 65.23  ? 23  A   C "O5'" 1 
ATOM   602  C  "C5'" . A   C 3 9  ? -6.559  -5.237  -10.389 1.00 59.30  ? 23  A   C "C5'" 1 
ATOM   603  C  "C4'" . A   C 3 9  ? -5.288  -6.032  -10.355 1.00 57.29  ? 23  A   C "C4'" 1 
ATOM   604  O  "O4'" . A   C 3 9  ? -4.162  -5.123  -10.370 1.00 59.66  ? 23  A   C "O4'" 1 
ATOM   605  C  "C3'" . A   C 3 9  ? -5.109  -6.814  -9.065  1.00 57.88  ? 23  A   C "C3'" 1 
ATOM   606  O  "O3'" . A   C 3 9  ? -5.764  -8.066  -9.164  1.00 54.11  ? 23  A   C "O3'" 1 
ATOM   607  C  "C2'" . A   C 3 9  ? -3.603  -6.984  -9.007  1.00 57.21  ? 23  A   C "C2'" 1 
ATOM   608  O  "O2'" . A   C 3 9  ? -3.118  -8.029  -9.812  1.00 55.71  ? 23  A   C "O2'" 1 
ATOM   609  C  "C1'" . A   C 3 9  ? -3.125  -5.649  -9.566  1.00 59.27  ? 23  A   C "C1'" 1 
ATOM   610  N  N9    . A   C 3 9  ? -2.867  -4.718  -8.477  1.00 56.99  ? 23  A   C N9    1 
ATOM   611  C  C8    . A   C 3 9  ? -3.631  -3.675  -8.017  1.00 54.96  ? 23  A   C C8    1 
ATOM   612  N  N7    . A   C 3 9  ? -3.115  -3.065  -6.974  1.00 56.05  ? 23  A   C N7    1 
ATOM   613  C  C5    . A   C 3 9  ? -1.933  -3.751  -6.743  1.00 52.09  ? 23  A   C C5    1 
ATOM   614  C  C6    . A   C 3 9  ? -0.936  -3.610  -5.782  1.00 52.04  ? 23  A   C C6    1 
ATOM   615  N  N6    . A   C 3 9  ? -0.957  -2.682  -4.817  1.00 50.09  ? 23  A   C N6    1 
ATOM   616  N  N1    . A   C 3 9  ? 0.107   -4.466  -5.833  1.00 50.21  ? 23  A   C N1    1 
ATOM   617  C  C2    . A   C 3 9  ? 0.141   -5.394  -6.792  1.00 52.34  ? 23  A   C C2    1 
ATOM   618  N  N3    . A   C 3 9  ? -0.734  -5.626  -7.752  1.00 52.46  ? 23  A   C N3    1 
ATOM   619  C  C4    . A   C 3 9  ? -1.759  -4.763  -7.670  1.00 53.80  ? 23  A   C C4    1 
ATOM   620  P  P     . A   C 3 10 ? -6.101  -8.914  -7.842  1.00 54.35  ? 24  A   C P     1 
ATOM   621  O  OP1   . A   C 3 10 ? -6.588  -10.229 -8.363  1.00 60.79  ? 24  A   C OP1   1 
ATOM   622  O  OP2   . A   C 3 10 ? -6.942  -8.129  -6.899  1.00 50.39  ? 24  A   C OP2   1 
ATOM   623  O  "O5'" . A   C 3 10 ? -4.685  -9.168  -7.184  1.00 56.18  ? 24  A   C "O5'" 1 
ATOM   624  C  "C5'" . A   C 3 10 ? -3.818  -10.142 -7.732  1.00 55.85  ? 24  A   C "C5'" 1 
ATOM   625  C  "C4'" . A   C 3 10 ? -2.646  -10.324 -6.825  1.00 54.70  ? 24  A   C "C4'" 1 
ATOM   626  O  "O4'" . A   C 3 10 ? -1.915  -9.074  -6.776  1.00 56.19  ? 24  A   C "O4'" 1 
ATOM   627  C  "C3'" . A   C 3 10 ? -3.027  -10.580 -5.381  1.00 54.30  ? 24  A   C "C3'" 1 
ATOM   628  O  "O3'" . A   C 3 10 ? -3.269  -11.959 -5.167  1.00 51.45  ? 24  A   C "O3'" 1 
ATOM   629  C  "C2'" . A   C 3 10 ? -1.794  -10.097 -4.642  1.00 54.51  ? 24  A   C "C2'" 1 
ATOM   630  O  "O2'" . A   C 3 10 ? -0.761  -11.055 -4.691  1.00 58.55  ? 24  A   C "O2'" 1 
ATOM   631  C  "C1'" . A   C 3 10 ? -1.420  -8.863  -5.464  1.00 51.84  ? 24  A   C "C1'" 1 
ATOM   632  N  N9    . A   C 3 10 ? -2.037  -7.646  -4.935  1.00 51.58  ? 24  A   C N9    1 
ATOM   633  C  C8    . A   C 3 10 ? -3.166  -7.007  -5.377  1.00 48.75  ? 24  A   C C8    1 
ATOM   634  N  N7    . A   C 3 10 ? -3.480  -5.938  -4.682  1.00 47.87  ? 24  A   C N7    1 
ATOM   635  C  C5    . A   C 3 10 ? -2.484  -5.869  -3.716  1.00 47.39  ? 24  A   C C5    1 
ATOM   636  C  C6    . A   C 3 10 ? -2.245  -4.969  -2.651  1.00 49.33  ? 24  A   C C6    1 
ATOM   637  N  N6    . A   C 3 10 ? -3.027  -3.920  -2.369  1.00 47.88  ? 24  A   C N6    1 
ATOM   638  N  N1    . A   C 3 10 ? -1.160  -5.192  -1.870  1.00 47.69  ? 24  A   C N1    1 
ATOM   639  C  C2    . A   C 3 10 ? -0.384  -6.245  -2.142  1.00 48.46  ? 24  A   C C2    1 
ATOM   640  N  N3    . A   C 3 10 ? -0.507  -7.159  -3.106  1.00 49.30  ? 24  A   C N3    1 
ATOM   641  C  C4    . A   C 3 10 ? -1.588  -6.911  -3.864  1.00 48.97  ? 24  A   C C4    1 
ATOM   642  P  P     . C   C 3 11 ? -4.132  -12.431 -3.895  1.00 56.95  ? 25  C   C P     1 
ATOM   643  O  OP1   . C   C 3 11 ? -3.937  -13.899 -3.772  1.00 54.43  ? 25  C   C OP1   1 
ATOM   644  O  OP2   . C   C 3 11 ? -5.506  -11.868 -3.999  1.00 54.50  ? 25  C   C OP2   1 
ATOM   645  O  "O5'" . C   C 3 11 ? -3.402  -11.753 -2.656  1.00 52.94  ? 25  C   C "O5'" 1 
ATOM   646  C  "C5'" . C   C 3 11 ? -2.211  -12.304 -2.137  1.00 51.34  ? 25  C   C "C5'" 1 
ATOM   647  C  "C4'" . C   C 3 11 ? -1.744  -11.480 -0.971  1.00 50.58  ? 25  C   C "C4'" 1 
ATOM   648  O  "O4'" . C   C 3 11 ? -1.609  -10.111 -1.414  1.00 51.90  ? 25  C   C "O4'" 1 
ATOM   649  C  "C3'" . C   C 3 11 ? -2.715  -11.380 0.196   1.00 51.49  ? 25  C   C "C3'" 1 
ATOM   650  O  "O3'" . C   C 3 11 ? -2.557  -12.467 1.095   1.00 52.59  ? 25  C   C "O3'" 1 
ATOM   651  C  "C2'" . C   C 3 11 ? -2.276  -10.088 0.860   1.00 51.41  ? 25  C   C "C2'" 1 
ATOM   652  O  "O2'" . C   C 3 11 ? -1.090  -10.255 1.593   1.00 51.67  ? 25  C   C "O2'" 1 
ATOM   653  C  "C1'" . C   C 3 11 ? -1.946  -9.237  -0.357  1.00 47.77  ? 25  C   C "C1'" 1 
ATOM   654  N  N1    . C   C 3 11 ? -3.072  -8.403  -0.782  1.00 47.20  ? 25  C   C N1    1 
ATOM   655  C  C2    . C   C 3 11 ? -3.319  -7.217  -0.081  1.00 45.46  ? 25  C   C C2    1 
ATOM   656  O  O2    . C   C 3 11 ? -2.616  -6.958  0.910   1.00 49.63  ? 25  C   C O2    1 
ATOM   657  N  N3    . C   C 3 11 ? -4.316  -6.394  -0.494  1.00 44.53  ? 25  C   C N3    1 
ATOM   658  C  C4    . C   C 3 11 ? -5.062  -6.732  -1.558  1.00 43.10  ? 25  C   C C4    1 
ATOM   659  N  N4    . C   C 3 11 ? -6.017  -5.887  -1.942  1.00 42.26  ? 25  C   C N4    1 
ATOM   660  C  C5    . C   C 3 11 ? -4.853  -7.951  -2.272  1.00 41.87  ? 25  C   C C5    1 
ATOM   661  C  C6    . C   C 3 11 ? -3.855  -8.751  -1.852  1.00 45.08  ? 25  C   C C6    1 
ATOM   662  P  P     . A   C 3 12 ? -3.700  -12.783 2.179   1.00 55.66  ? 26  A   C P     1 
ATOM   663  O  OP1   . A   C 3 12 ? -3.226  -13.930 2.992   1.00 53.89  ? 26  A   C OP1   1 
ATOM   664  O  OP2   . A   C 3 12 ? -5.015  -12.856 1.487   1.00 52.68  ? 26  A   C OP2   1 
ATOM   665  O  "O5'" . A   C 3 12 ? -3.701  -11.501 3.108   1.00 52.05  ? 26  A   C "O5'" 1 
ATOM   666  C  "C5'" . A   C 3 12 ? -2.727  -11.362 4.111   1.00 51.57  ? 26  A   C "C5'" 1 
ATOM   667  C  "C4'" . A   C 3 12 ? -2.999  -10.129 4.901   1.00 57.24  ? 26  A   C "C4'" 1 
ATOM   668  O  "O4'" . A   C 3 12 ? -3.085  -9.037  3.966   1.00 50.85  ? 26  A   C "O4'" 1 
ATOM   669  C  "C3'" . A   C 3 12 ? -4.351  -10.096 5.578   1.00 57.30  ? 26  A   C "C3'" 1 
ATOM   670  O  "O3'" . A   C 3 12 ? -4.335  -10.747 6.823   1.00 60.68  ? 26  A   C "O3'" 1 
ATOM   671  C  "C2'" . A   C 3 12 ? -4.569  -8.609  5.749   1.00 51.48  ? 26  A   C "C2'" 1 
ATOM   672  O  "O2'" . A   C 3 12 ? -3.778  -8.073  6.803   1.00 58.52  ? 26  A   C "O2'" 1 
ATOM   673  C  "C1'" . A   C 3 12 ? -4.047  -8.106  4.415   1.00 50.12  ? 26  A   C "C1'" 1 
ATOM   674  N  N9    . A   C 3 12 ? -5.086  -8.040  3.398   1.00 45.32  ? 26  A   C N9    1 
ATOM   675  C  C8    . A   C 3 12 ? -5.284  -8.930  2.379   1.00 43.73  ? 26  A   C C8    1 
ATOM   676  N  N7    . A   C 3 12 ? -6.233  -8.576  1.546   1.00 45.22  ? 26  A   C N7    1 
ATOM   677  C  C5    . A   C 3 12 ? -6.699  -7.381  2.067   1.00 42.28  ? 26  A   C C5    1 
ATOM   678  C  C6    . A   C 3 12 ? -7.683  -6.494  1.638   1.00 43.09  ? 26  A   C C6    1 
ATOM   679  N  N6    . A   C 3 12 ? -8.403  -6.675  0.519   1.00 42.05  ? 26  A   C N6    1 
ATOM   680  N  N1    . A   C 3 12 ? -7.913  -5.398  2.396   1.00 43.99  ? 26  A   C N1    1 
ATOM   681  C  C2    . A   C 3 12 ? -7.193  -5.224  3.512   1.00 44.74  ? 26  A   C C2    1 
ATOM   682  N  N3    . A   C 3 12 ? -6.232  -5.985  4.014   1.00 44.29  ? 26  A   C N3    1 
ATOM   683  C  C4    . A   C 3 12 ? -6.026  -7.056  3.232   1.00 42.46  ? 26  A   C C4    1 
ATOM   684  P  P     . C   C 3 13 ? -5.678  -11.428 7.366   1.00 59.24  ? 27  C   C P     1 
ATOM   685  O  OP1   . C   C 3 13 ? -5.337  -11.916 8.727   1.00 56.48  ? 27  C   C OP1   1 
ATOM   686  O  OP2   . C   C 3 13 ? -6.201  -12.363 6.336   1.00 54.54  ? 27  C   C OP2   1 
ATOM   687  O  "O5'" . C   C 3 13 ? -6.681  -10.206 7.528   1.00 57.00  ? 27  C   C "O5'" 1 
ATOM   688  C  "C5'" . C   C 3 13 ? -6.478  -9.259  8.564   1.00 54.01  ? 27  C   C "C5'" 1 
ATOM   689  C  "C4'" . C   C 3 13 ? -7.453  -8.115  8.436   1.00 51.79  ? 27  C   C "C4'" 1 
ATOM   690  O  "O4'" . C   C 3 13 ? -7.323  -7.517  7.123   1.00 49.92  ? 27  C   C "O4'" 1 
ATOM   691  C  "C3'" . C   C 3 13 ? -8.910  -8.527  8.462   1.00 53.00  ? 27  C   C "C3'" 1 
ATOM   692  O  "O3'" . C   C 3 13 ? -9.358  -8.690  9.787   1.00 58.07  ? 27  C   C "O3'" 1 
ATOM   693  C  "C2'" . C   C 3 13 ? -9.590  -7.353  7.782   1.00 50.01  ? 27  C   C "C2'" 1 
ATOM   694  O  "O2'" . C   C 3 13 ? -9.663  -6.235  8.636   1.00 53.05  ? 27  C   C "O2'" 1 
ATOM   695  C  "C1'" . C   C 3 13 ? -8.586  -7.031  6.694   1.00 47.98  ? 27  C   C "C1'" 1 
ATOM   696  N  N1    . C   C 3 13 ? -8.964  -7.674  5.444   1.00 44.33  ? 27  C   C N1    1 
ATOM   697  C  C2    . C   C 3 13 ? -9.909  -7.037  4.639   1.00 43.09  ? 27  C   C C2    1 
ATOM   698  O  O2    . C   C 3 13 ? -10.391 -5.942  5.017   1.00 40.07  ? 27  C   C O2    1 
ATOM   699  N  N3    . C   C 3 13 ? -10.278 -7.620  3.474   1.00 44.51  ? 27  C   C N3    1 
ATOM   700  C  C4    . C   C 3 13 ? -9.743  -8.790  3.113   1.00 44.05  ? 27  C   C C4    1 
ATOM   701  N  N4    . C   C 3 13 ? -10.134 -9.329  1.943   1.00 47.35  ? 27  C   C N4    1 
ATOM   702  C  C5    . C   C 3 13 ? -8.779  -9.459  3.929   1.00 46.80  ? 27  C   C C5    1 
ATOM   703  C  C6    . C   C 3 13 ? -8.421  -8.868  5.072   1.00 43.28  ? 27  C   C C6    1 
ATOM   704  P  P     . A   C 3 14 ? -10.555 -9.703  10.092  1.00 56.29  ? 28  A   C P     1 
ATOM   705  O  OP1   . A   C 3 14 ? -10.623 -9.718  11.574  1.00 55.81  ? 28  A   C OP1   1 
ATOM   706  O  OP2   . A   C 3 14 ? -10.336 -10.971 9.341   1.00 51.59  ? 28  A   C OP2   1 
ATOM   707  O  "O5'" . A   C 3 14 ? -11.829 -8.940  9.529   1.00 52.62  ? 28  A   C "O5'" 1 
ATOM   708  C  "C5'" . A   C 3 14 ? -12.287 -7.774  10.192  1.00 49.87  ? 28  A   C "C5'" 1 
ATOM   709  C  "C4'" . A   C 3 14 ? -13.408 -7.140  9.431   1.00 52.43  ? 28  A   C "C4'" 1 
ATOM   710  O  "O4'" . A   C 3 14 ? -12.934 -6.783  8.114   1.00 53.85  ? 28  A   C "O4'" 1 
ATOM   711  C  "C3'" . A   C 3 14 ? -14.578 -8.056  9.163   1.00 54.74  ? 28  A   C "C3'" 1 
ATOM   712  O  "O3'" . A   C 3 14 ? -15.436 -8.080  10.287  1.00 52.30  ? 28  A   C "O3'" 1 
ATOM   713  C  "C2'" . A   C 3 14 ? -15.211 -7.387  7.953   1.00 53.12  ? 28  A   C "C2'" 1 
ATOM   714  O  "O2'" . A   C 3 14 ? -15.954 -6.231  8.280   1.00 51.89  ? 28  A   C "O2'" 1 
ATOM   715  C  "C1'" . A   C 3 14 ? -13.975 -6.949  7.174   1.00 51.94  ? 28  A   C "C1'" 1 
ATOM   716  N  N9    . A   C 3 14 ? -13.565 -7.956  6.200   1.00 46.14  ? 28  A   C N9    1 
ATOM   717  C  C8    . A   C 3 14 ? -12.662 -8.976  6.369   1.00 45.06  ? 28  A   C C8    1 
ATOM   718  N  N7    . A   C 3 14 ? -12.510 -9.726  5.301   1.00 45.11  ? 28  A   C N7    1 
ATOM   719  C  C5    . A   C 3 14 ? -13.371 -9.160  4.375   1.00 42.77  ? 28  A   C C5    1 
ATOM   720  C  C6    . A   C 3 14 ? -13.665 -9.494  3.062   1.00 44.66  ? 28  A   C C6    1 
ATOM   721  N  N6    . A   C 3 14 ? -13.110 -10.523 2.430   1.00 42.38  ? 28  A   C N6    1 
ATOM   722  N  N1    . A   C 3 14 ? -14.562 -8.732  2.405   1.00 48.52  ? 28  A   C N1    1 
ATOM   723  C  C2    . A   C 3 14 ? -15.121 -7.703  3.046   1.00 47.33  ? 28  A   C C2    1 
ATOM   724  N  N3    . A   C 3 14 ? -14.927 -7.288  4.285   1.00 47.67  ? 28  A   C N3    1 
ATOM   725  C  C4    . A   C 3 14 ? -14.026 -8.070  4.909   1.00 43.22  ? 28  A   C C4    1 
ATOM   726  P  P     . C   C 3 15 ? -16.328 -9.374  10.577  1.00 55.22  ? 29  C   C P     1 
ATOM   727  O  OP1   . C   C 3 15 ? -17.051 -9.063  11.827  1.00 57.17  ? 29  C   C OP1   1 
ATOM   728  O  OP2   . C   C 3 15 ? -15.514 -10.608 10.482  1.00 51.54  ? 29  C   C OP2   1 
ATOM   729  O  "O5'" . C   C 3 15 ? -17.406 -9.346  9.409   1.00 47.10  ? 29  C   C "O5'" 1 
ATOM   730  C  "C5'" . C   C 3 15 ? -18.425 -8.358  9.444   1.00 40.16  ? 29  C   C "C5'" 1 
ATOM   731  C  "C4'" . C   C 3 15 ? -19.134 -8.243  8.121   1.00 44.31  ? 29  C   C "C4'" 1 
ATOM   732  O  "O4'" . C   C 3 15 ? -18.158 -7.971  7.089   1.00 48.80  ? 29  C   C "O4'" 1 
ATOM   733  C  "C3'" . C   C 3 15 ? -19.819 -9.501  7.640   1.00 45.54  ? 29  C   C "C3'" 1 
ATOM   734  O  "O3'" . C   C 3 15 ? -21.081 -9.655  8.263   1.00 42.63  ? 29  C   C "O3'" 1 
ATOM   735  C  "C2'" . C   C 3 15 ? -19.910 -9.233  6.150   1.00 45.98  ? 29  C   C "C2'" 1 
ATOM   736  O  "O2'" . C   C 3 15 ? -20.923 -8.314  5.824   1.00 44.50  ? 29  C   C "O2'" 1 
ATOM   737  C  "C1'" . C   C 3 15 ? -18.561 -8.582  5.888   1.00 44.96  ? 29  C   C "C1'" 1 
ATOM   738  N  N1    . C   C 3 15 ? -17.586 -9.602  5.498   1.00 43.59  ? 29  C   C N1    1 
ATOM   739  C  C2    . C   C 3 15 ? -17.583 -10.022 4.168   1.00 42.80  ? 29  C   C C2    1 
ATOM   740  O  O2    . C   C 3 15 ? -18.374 -9.487  3.358   1.00 45.20  ? 29  C   C O2    1 
ATOM   741  N  N3    . C   C 3 15 ? -16.731 -10.990 3.784   1.00 37.99  ? 29  C   C N3    1 
ATOM   742  C  C4    . C   C 3 15 ? -15.897 -11.532 4.670   1.00 41.66  ? 29  C   C C4    1 
ATOM   743  N  N4    . C   C 3 15 ? -15.072 -12.493 4.250   1.00 41.71  ? 29  C   C N4    1 
ATOM   744  C  C5    . C   C 3 15 ? -15.866 -11.118 6.023   1.00 39.19  ? 29  C   C C5    1 
ATOM   745  C  C6    . C   C 3 15 ? -16.717 -10.156 6.393   1.00 41.99  ? 29  C   C C6    1 
ATOM   746  P  P     . G   C 3 16 ? -21.763 -11.107 8.362   1.00 45.71  ? 30  G   C P     1 
ATOM   747  O  OP1   . G   C 3 16 ? -23.024 -10.850 9.101   1.00 50.39  ? 30  G   C OP1   1 
ATOM   748  O  OP2   . G   C 3 16 ? -20.832 -12.165 8.834   1.00 46.32  ? 30  G   C OP2   1 
ATOM   749  O  "O5'" . G   C 3 16 ? -22.122 -11.453 6.852   1.00 41.33  ? 30  G   C "O5'" 1 
ATOM   750  C  "C5'" . G   C 3 16 ? -23.047 -10.656 6.130   1.00 40.46  ? 30  G   C "C5'" 1 
ATOM   751  C  "C4'" . G   C 3 16 ? -23.204 -11.180 4.728   1.00 46.74  ? 30  G   C "C4'" 1 
ATOM   752  O  "O4'" . G   C 3 16 ? -21.978 -10.924 3.999   1.00 51.46  ? 30  G   C "O4'" 1 
ATOM   753  C  "C3'" . G   C 3 16 ? -23.397 -12.684 4.594   1.00 48.70  ? 30  G   C "C3'" 1 
ATOM   754  O  "O3'" . G   C 3 16 ? -24.739 -13.088 4.828   1.00 45.35  ? 30  G   C "O3'" 1 
ATOM   755  C  "C2'" . G   C 3 16 ? -22.967 -12.886 3.150   1.00 47.77  ? 30  G   C "C2'" 1 
ATOM   756  O  "O2'" . G   C 3 16 ? -23.896 -12.338 2.224   1.00 44.46  ? 30  G   C "O2'" 1 
ATOM   757  C  "C1'" . G   C 3 16 ? -21.749 -11.980 3.092   1.00 50.34  ? 30  G   C "C1'" 1 
ATOM   758  N  N9    . G   C 3 16 ? -20.554 -12.701 3.491   1.00 48.74  ? 30  G   C N9    1 
ATOM   759  C  C8    . G   C 3 16 ? -19.931 -12.693 4.711   1.00 49.56  ? 30  G   C C8    1 
ATOM   760  N  N7    . G   C 3 16 ? -18.868 -13.447 4.744   1.00 48.62  ? 30  G   C N7    1 
ATOM   761  C  C5    . G   C 3 16 ? -18.788 -13.981 3.466   1.00 48.79  ? 30  G   C C5    1 
ATOM   762  C  C6    . G   C 3 16 ? -17.838 -14.864 2.888   1.00 48.23  ? 30  G   C C6    1 
ATOM   763  O  O6    . G   C 3 16 ? -16.823 -15.341 3.388   1.00 48.95  ? 30  G   C O6    1 
ATOM   764  N  N1    . G   C 3 16 ? -18.168 -15.176 1.577   1.00 45.05  ? 30  G   C N1    1 
ATOM   765  C  C2    . G   C 3 16 ? -19.267 -14.692 0.896   1.00 47.29  ? 30  G   C C2    1 
ATOM   766  N  N2    . G   C 3 16 ? -19.467 -15.155 -0.357  1.00 48.47  ? 30  G   C N2    1 
ATOM   767  N  N3    . G   C 3 16 ? -20.123 -13.834 1.407   1.00 47.71  ? 30  G   C N3    1 
ATOM   768  C  C4    . G   C 3 16 ? -19.831 -13.533 2.689   1.00 49.22  ? 30  G   C C4    1 
ATOM   769  P  P     . A   C 3 17 ? -25.063 -14.573 5.371   1.00 49.58  ? 31  A   C P     1 
ATOM   770  O  OP1   . A   C 3 17 ? -26.556 -14.636 5.396   1.00 55.93  ? 31  A   C OP1   1 
ATOM   771  O  OP2   . A   C 3 17 ? -24.282 -14.894 6.598   1.00 50.51  ? 31  A   C OP2   1 
ATOM   772  O  "O5'" . A   C 3 17 ? -24.524 -15.542 4.232   1.00 50.67  ? 31  A   C "O5'" 1 
ATOM   773  C  "C5'" . A   C 3 17 ? -25.105 -15.525 2.940   1.00 50.25  ? 31  A   C "C5'" 1 
ATOM   774  C  "C4'" . A   C 3 17 ? -24.460 -16.558 2.058   1.00 56.81  ? 31  A   C "C4'" 1 
ATOM   775  O  "O4'" . A   C 3 17 ? -23.093 -16.156 1.775   1.00 57.70  ? 31  A   C "O4'" 1 
ATOM   776  C  "C3'" . A   C 3 17 ? -24.298 -17.936 2.674   1.00 55.99  ? 31  A   C "C3'" 1 
ATOM   777  O  "O3'" . A   C 3 17 ? -25.432 -18.799 2.693   1.00 64.65  ? 31  A   C "O3'" 1 
ATOM   778  C  "C2'" . A   C 3 17 ? -23.189 -18.519 1.824   1.00 55.41  ? 31  A   C "C2'" 1 
ATOM   779  O  "O2'" . A   C 3 17 ? -23.705 -18.860 0.560   1.00 60.82  ? 31  A   C "O2'" 1 
ATOM   780  C  "C1'" . A   C 3 17 ? -22.281 -17.308 1.634   1.00 53.45  ? 31  A   C "C1'" 1 
ATOM   781  N  N9    . A   C 3 17 ? -21.198 -17.290 2.620   1.00 51.46  ? 31  A   C N9    1 
ATOM   782  C  C8    . A   C 3 17 ? -21.159 -16.739 3.880   1.00 52.65  ? 31  A   C C8    1 
ATOM   783  N  N7    . A   C 3 17 ? -20.031 -16.964 4.522   1.00 48.42  ? 31  A   C N7    1 
ATOM   784  C  C5    . A   C 3 17 ? -19.277 -17.699 3.618   1.00 49.16  ? 31  A   C C5    1 
ATOM   785  C  C6    . A   C 3 17 ? -17.991 -18.259 3.696   1.00 47.70  ? 31  A   C C6    1 
ATOM   786  N  N6    . A   C 3 17 ? -17.207 -18.164 4.761   1.00 41.78  ? 31  A   C N6    1 
ATOM   787  N  N1    . A   C 3 17 ? -17.535 -18.939 2.627   1.00 49.02  ? 31  A   C N1    1 
ATOM   788  C  C2    . A   C 3 17 ? -18.334 -19.046 1.545   1.00 47.40  ? 31  A   C C2    1 
ATOM   789  N  N3    . A   C 3 17 ? -19.562 -18.567 1.351   1.00 49.67  ? 31  A   C N3    1 
ATOM   790  C  C4    . A   C 3 17 ? -19.979 -17.898 2.437   1.00 49.83  ? 31  A   C C4    1 
ATOM   791  O  "O5'" . U   D 4 1  ? -9.490  -21.097 0.746   1.00 44.69  ? 31  U   D "O5'" 1 
ATOM   792  C  "C5'" . U   D 4 1  ? -9.454  -22.130 -0.238  1.00 47.49  ? 31  U   D "C5'" 1 
ATOM   793  C  "C4'" . U   D 4 1  ? -10.765 -22.178 -0.968  1.00 47.14  ? 31  U   D "C4'" 1 
ATOM   794  O  "O4'" . U   D 4 1  ? -11.776 -22.689 -0.066  1.00 49.67  ? 31  U   D "O4'" 1 
ATOM   795  C  "C3'" . U   D 4 1  ? -11.317 -20.840 -1.435  1.00 47.06  ? 31  U   D "C3'" 1 
ATOM   796  O  "O3'" . U   D 4 1  ? -10.792 -20.487 -2.707  1.00 45.79  ? 31  U   D "O3'" 1 
ATOM   797  C  "C2'" . U   D 4 1  ? -12.808 -21.139 -1.531  1.00 46.65  ? 31  U   D "C2'" 1 
ATOM   798  O  "O2'" . U   D 4 1  ? -13.105 -21.895 -2.694  1.00 51.08  ? 31  U   D "O2'" 1 
ATOM   799  C  "C1'" . U   D 4 1  ? -13.011 -22.025 -0.301  1.00 49.59  ? 31  U   D "C1'" 1 
ATOM   800  N  N1    . U   D 4 1  ? -13.363 -21.276 0.919   1.00 50.64  ? 31  U   D N1    1 
ATOM   801  C  C2    . U   D 4 1  ? -14.635 -20.783 1.052   1.00 48.30  ? 31  U   D C2    1 
ATOM   802  O  O2    . U   D 4 1  ? -15.512 -20.957 0.204   1.00 45.81  ? 31  U   D O2    1 
ATOM   803  N  N3    . U   D 4 1  ? -14.860 -20.088 2.211   1.00 47.83  ? 31  U   D N3    1 
ATOM   804  C  C4    . U   D 4 1  ? -13.980 -19.859 3.210   1.00 49.13  ? 31  U   D C4    1 
ATOM   805  O  O4    . U   D 4 1  ? -14.319 -19.167 4.158   1.00 46.22  ? 31  U   D O4    1 
ATOM   806  C  C5    . U   D 4 1  ? -12.706 -20.416 3.003   1.00 47.96  ? 31  U   D C5    1 
ATOM   807  C  C6    . U   D 4 1  ? -12.447 -21.085 1.888   1.00 48.01  ? 31  U   D C6    1 
ATOM   808  P  P     . C   D 4 2  ? -10.604 -18.940 -3.100  1.00 50.50  ? 32  C   D P     1 
ATOM   809  O  OP1   . C   D 4 2  ? -9.685  -18.912 -4.270  1.00 54.75  ? 32  C   D OP1   1 
ATOM   810  O  OP2   . C   D 4 2  ? -10.277 -18.152 -1.872  1.00 48.08  ? 32  C   D OP2   1 
ATOM   811  O  "O5'" . C   D 4 2  ? -12.038 -18.484 -3.611  1.00 47.97  ? 32  C   D "O5'" 1 
ATOM   812  C  "C5'" . C   D 4 2  ? -12.686 -19.184 -4.653  1.00 48.54  ? 32  C   D "C5'" 1 
ATOM   813  C  "C4'" . C   D 4 2  ? -14.160 -18.858 -4.670  1.00 54.17  ? 32  C   D "C4'" 1 
ATOM   814  O  "O4'" . C   D 4 2  ? -14.760 -19.350 -3.447  1.00 55.55  ? 32  C   D "O4'" 1 
ATOM   815  C  "C3'" . C   D 4 2  ? -14.526 -17.380 -4.681  1.00 51.87  ? 32  C   D "C3'" 1 
ATOM   816  O  "O3'" . C   D 4 2  ? -14.525 -16.840 -5.993  1.00 45.97  ? 32  C   D "O3'" 1 
ATOM   817  C  "C2'" . C   D 4 2  ? -15.938 -17.416 -4.120  1.00 50.85  ? 32  C   D "C2'" 1 
ATOM   818  O  "O2'" . C   D 4 2  ? -16.879 -17.902 -5.058  1.00 53.38  ? 32  C   D "O2'" 1 
ATOM   819  C  "C1'" . C   D 4 2  ? -15.794 -18.477 -3.042  1.00 50.69  ? 32  C   D "C1'" 1 
ATOM   820  N  N1    . C   D 4 2  ? -15.449 -17.910 -1.733  1.00 51.64  ? 32  C   D N1    1 
ATOM   821  C  C2    . C   D 4 2  ? -16.424 -17.227 -1.027  1.00 52.88  ? 32  C   D C2    1 
ATOM   822  O  O2    . C   D 4 2  ? -17.545 -17.069 -1.544  1.00 53.22  ? 32  C   D O2    1 
ATOM   823  N  N3    . C   D 4 2  ? -16.128 -16.751 0.212   1.00 52.08  ? 32  C   D N3    1 
ATOM   824  C  C4    . C   D 4 2  ? -14.918 -16.947 0.738   1.00 52.63  ? 32  C   D C4    1 
ATOM   825  N  N4    . C   D 4 2  ? -14.704 -16.526 1.974   1.00 51.72  ? 32  C   D N4    1 
ATOM   826  C  C5    . C   D 4 2  ? -13.892 -17.600 0.022   1.00 53.78  ? 32  C   D C5    1 
ATOM   827  C  C6    . C   D 4 2  ? -14.198 -18.065 -1.202  1.00 50.09  ? 32  C   D C6    1 
ATOM   828  P  P     . G   D 4 3  ? -14.083 -15.319 -6.234  1.00 50.41  ? 33  G   D P     1 
ATOM   829  O  OP1   . G   D 4 3  ? -13.798 -15.199 -7.678  1.00 45.29  ? 33  G   D OP1   1 
ATOM   830  O  OP2   . G   D 4 3  ? -13.043 -14.981 -5.264  1.00 45.76  ? 33  G   D OP2   1 
ATOM   831  O  "O5'" . G   D 4 3  ? -15.361 -14.453 -5.847  1.00 52.72  ? 33  G   D "O5'" 1 
ATOM   832  C  "C5'" . G   D 4 3  ? -16.634 -14.658 -6.474  1.00 53.21  ? 33  G   D "C5'" 1 
ATOM   833  C  "C4'" . G   D 4 3  ? -17.685 -13.829 -5.763  1.00 56.17  ? 33  G   D "C4'" 1 
ATOM   834  O  "O4'" . G   D 4 3  ? -17.850 -14.341 -4.415  1.00 51.09  ? 33  G   D "O4'" 1 
ATOM   835  C  "C3'" . G   D 4 3  ? -17.311 -12.372 -5.556  1.00 55.21  ? 33  G   D "C3'" 1 
ATOM   836  O  "O3'" . G   D 4 3  ? -17.688 -11.602 -6.699  1.00 53.77  ? 33  G   D "O3'" 1 
ATOM   837  C  "C2'" . G   D 4 3  ? -18.145 -11.998 -4.337  1.00 50.28  ? 33  G   D "C2'" 1 
ATOM   838  O  "O2'" . G   D 4 3  ? -19.489 -11.751 -4.671  1.00 48.51  ? 33  G   D "O2'" 1 
ATOM   839  C  "C1'" . G   D 4 3  ? -18.093 -13.281 -3.515  1.00 50.91  ? 33  G   D "C1'" 1 
ATOM   840  N  N9    . G   D 4 3  ? -17.074 -13.342 -2.472  1.00 52.86  ? 33  G   D N9    1 
ATOM   841  C  C8    . G   D 4 3  ? -15.909 -14.069 -2.515  1.00 52.11  ? 33  G   D C8    1 
ATOM   842  N  N7    . G   D 4 3  ? -15.215 -13.995 -1.410  1.00 51.80  ? 33  G   D N7    1 
ATOM   843  C  C5    . G   D 4 3  ? -15.961 -13.162 -0.591  1.00 49.40  ? 33  G   D C5    1 
ATOM   844  C  C6    . G   D 4 3  ? -15.723 -12.742 0.722   1.00 50.67  ? 33  G   D C6    1 
ATOM   845  O  O6    . G   D 4 3  ? -14.788 -13.036 1.448   1.00 53.30  ? 33  G   D O6    1 
ATOM   846  N  N1    . G   D 4 3  ? -16.723 -11.896 1.185   1.00 46.50  ? 33  G   D N1    1 
ATOM   847  C  C2    . G   D 4 3  ? -17.824 -11.512 0.470   1.00 46.82  ? 33  G   D C2    1 
ATOM   848  N  N2    . G   D 4 3  ? -18.684 -10.706 1.094   1.00 46.69  ? 33  G   D N2    1 
ATOM   849  N  N3    . G   D 4 3  ? -18.067 -11.900 -0.769  1.00 47.44  ? 33  G   D N3    1 
ATOM   850  C  C4    . G   D 4 3  ? -17.100 -12.726 -1.233  1.00 50.41  ? 33  G   D C4    1 
ATOM   851  P  P     . U   D 4 4  ? -17.032 -10.150 -6.954  1.00 54.96  ? 34  U   D P     1 
ATOM   852  O  OP1   . U   D 4 4  ? -17.720 -9.559  -8.136  1.00 55.50  ? 34  U   D OP1   1 
ATOM   853  O  OP2   . U   D 4 4  ? -15.552 -10.269 -6.946  1.00 57.03  ? 34  U   D OP2   1 
ATOM   854  O  "O5'" . U   D 4 4  ? -17.471 -9.293  -5.691  1.00 55.67  ? 34  U   D "O5'" 1 
ATOM   855  C  "C5'" . U   D 4 4  ? -18.754 -8.711  -5.669  1.00 54.59  ? 34  U   D "C5'" 1 
ATOM   856  C  "C4'" . U   D 4 4  ? -19.012 -8.035  -4.358  1.00 51.28  ? 34  U   D "C4'" 1 
ATOM   857  O  "O4'" . U   D 4 4  ? -18.777 -8.975  -3.282  1.00 52.74  ? 34  U   D "O4'" 1 
ATOM   858  C  "C3'" . U   D 4 4  ? -18.072 -6.902  -4.038  1.00 51.49  ? 34  U   D "C3'" 1 
ATOM   859  O  "O3'" . U   D 4 4  ? -18.536 -5.737  -4.666  1.00 55.43  ? 34  U   D "O3'" 1 
ATOM   860  C  "C2'" . U   D 4 4  ? -18.180 -6.813  -2.527  1.00 48.31  ? 34  U   D "C2'" 1 
ATOM   861  O  "O2'" . U   D 4 4  ? -19.383 -6.211  -2.116  1.00 52.51  ? 34  U   D "O2'" 1 
ATOM   862  C  "C1'" . U   D 4 4  ? -18.269 -8.283  -2.155  1.00 47.08  ? 34  U   D "C1'" 1 
ATOM   863  N  N1    . U   D 4 4  ? -16.962 -8.822  -1.780  1.00 48.53  ? 34  U   D N1    1 
ATOM   864  C  C2    . U   D 4 4  ? -16.522 -8.516  -0.525  1.00 50.94  ? 34  U   D C2    1 
ATOM   865  O  O2    . U   D 4 4  ? -17.155 -7.783  0.234   1.00 53.70  ? 34  U   D O2    1 
ATOM   866  N  N3    . U   D 4 4  ? -15.318 -9.078  -0.183  1.00 51.39  ? 34  U   D N3    1 
ATOM   867  C  C4    . U   D 4 4  ? -14.529 -9.877  -0.965  1.00 52.09  ? 34  U   D C4    1 
ATOM   868  O  O4    . U   D 4 4  ? -13.529 -10.401 -0.479  1.00 52.98  ? 34  U   D O4    1 
ATOM   869  C  C5    . U   D 4 4  ? -15.037 -10.110 -2.265  1.00 48.01  ? 34  U   D C5    1 
ATOM   870  C  C6    . U   D 4 4  ? -16.210 -9.594  -2.619  1.00 49.73  ? 34  U   D C6    1 
ATOM   871  P  P     . G   D 4 5  ? -17.537 -4.504  -4.880  1.00 53.69  ? 35  G   D P     1 
ATOM   872  O  OP1   . G   D 4 5  ? -18.279 -3.503  -5.695  1.00 50.32  ? 35  G   D OP1   1 
ATOM   873  O  OP2   . G   D 4 5  ? -16.241 -5.037  -5.371  1.00 54.30  ? 35  G   D OP2   1 
ATOM   874  O  "O5'" . G   D 4 5  ? -17.289 -3.941  -3.405  1.00 53.01  ? 35  G   D "O5'" 1 
ATOM   875  C  "C5'" . G   D 4 5  ? -18.335 -3.279  -2.703  1.00 48.92  ? 35  G   D "C5'" 1 
ATOM   876  C  "C4'" . G   D 4 5  ? -17.891 -2.908  -1.319  1.00 52.29  ? 35  G   D "C4'" 1 
ATOM   877  O  "O4'" . G   D 4 5  ? -17.476 -4.112  -0.633  1.00 55.88  ? 35  G   D "O4'" 1 
ATOM   878  C  "C3'" . G   D 4 5  ? -16.677 -2.006  -1.262  1.00 53.51  ? 35  G   D "C3'" 1 
ATOM   879  O  "O3'" . G   D 4 5  ? -17.085 -0.655  -1.437  1.00 54.98  ? 35  G   D "O3'" 1 
ATOM   880  C  "C2'" . G   D 4 5  ? -16.137 -2.315  0.131   1.00 54.08  ? 35  G   D "C2'" 1 
ATOM   881  O  "O2'" . G   D 4 5  ? -16.859 -1.703  1.182   1.00 51.59  ? 35  G   D "O2'" 1 
ATOM   882  C  "C1'" . G   D 4 5  ? -16.398 -3.818  0.232   1.00 53.54  ? 35  G   D "C1'" 1 
ATOM   883  N  N9    . G   D 4 5  ? -15.287 -4.705  -0.107  1.00 51.59  ? 35  G   D N9    1 
ATOM   884  C  C8    . G   D 4 5  ? -15.054 -5.309  -1.328  1.00 50.96  ? 35  G   D C8    1 
ATOM   885  N  N7    . G   D 4 5  ? -14.021 -6.111  -1.318  1.00 52.74  ? 35  G   D N7    1 
ATOM   886  C  C5    . G   D 4 5  ? -13.534 -6.027  -0.014  1.00 50.33  ? 35  G   D C5    1 
ATOM   887  C  C6    . G   D 4 5  ? -12.442 -6.689  0.612   1.00 50.44  ? 35  G   D C6    1 
ATOM   888  O  O6    . G   D 4 5  ? -11.679 -7.538  0.148   1.00 50.18  ? 35  G   D O6    1 
ATOM   889  N  N1    . G   D 4 5  ? -12.282 -6.280  1.926   1.00 49.46  ? 35  G   D N1    1 
ATOM   890  C  C2    . G   D 4 5  ? -13.059 -5.364  2.572   1.00 50.29  ? 35  G   D C2    1 
ATOM   891  N  N2    . G   D 4 5  ? -12.691 -5.062  3.814   1.00 50.75  ? 35  G   D N2    1 
ATOM   892  N  N3    . G   D 4 5  ? -14.107 -4.772  2.034   1.00 48.90  ? 35  G   D N3    1 
ATOM   893  C  C4    . G   D 4 5  ? -14.286 -5.142  0.740   1.00 50.52  ? 35  G   D C4    1 
ATOM   894  P  P     . G   D 4 6  ? -16.059 0.433   -2.032  1.00 57.95  ? 36  G   D P     1 
ATOM   895  O  OP1   . G   D 4 6  ? -16.852 1.565   -2.558  1.00 59.42  ? 36  G   D OP1   1 
ATOM   896  O  OP2   . G   D 4 6  ? -15.100 -0.245  -2.926  1.00 59.14  ? 36  G   D OP2   1 
ATOM   897  O  "O5'" . G   D 4 6  ? -15.287 0.944   -0.735  1.00 57.53  ? 36  G   D "O5'" 1 
ATOM   898  C  "C5'" . G   D 4 6  ? -16.002 1.288   0.451   1.00 53.99  ? 36  G   D "C5'" 1 
ATOM   899  C  "C4'" . G   D 4 6  ? -15.047 1.438   1.606   1.00 54.88  ? 36  G   D "C4'" 1 
ATOM   900  O  "O4'" . G   D 4 6  ? -14.318 0.215   1.798   1.00 59.42  ? 36  G   D "O4'" 1 
ATOM   901  C  "C3'" . G   D 4 6  ? -14.003 2.521   1.368   1.00 53.71  ? 36  G   D "C3'" 1 
ATOM   902  O  "O3'" . G   D 4 6  ? -13.758 3.063   2.668   1.00 56.60  ? 36  G   D "O3'" 1 
ATOM   903  C  "C2'" . G   D 4 6  ? -12.792 1.779   0.808   1.00 56.89  ? 36  G   D "C2'" 1 
ATOM   904  O  "O2'" . G   D 4 6  ? -11.558 2.310   1.228   1.00 59.13  ? 36  G   D "O2'" 1 
ATOM   905  C  "C1'" . G   D 4 6  ? -12.971 0.415   1.468   1.00 56.41  ? 36  G   D "C1'" 1 
ATOM   906  N  N9    . G   D 4 6  ? -12.452 -0.776  0.824   1.00 51.48  ? 36  G   D N9    1 
ATOM   907  C  C8    . G   D 4 6  ? -12.610 -1.164  -0.477  1.00 50.64  ? 36  G   D C8    1 
ATOM   908  N  N7    . G   D 4 6  ? -11.982 -2.273  -0.755  1.00 49.26  ? 36  G   D N7    1 
ATOM   909  C  C5    . G   D 4 6  ? -11.376 -2.636  0.439   1.00 48.51  ? 36  G   D C5    1 
ATOM   910  C  C6    . G   D 4 6  ? -10.533 -3.730  0.743   1.00 49.02  ? 36  G   D C6    1 
ATOM   911  O  O6    . G   D 4 6  ? -10.113 -4.627  -0.022  1.00 52.20  ? 36  G   D O6    1 
ATOM   912  N  N1    . G   D 4 6  ? -10.150 -3.722  2.087   1.00 49.09  ? 36  G   D N1    1 
ATOM   913  C  C2    . G   D 4 6  ? -10.513 -2.774  3.013   1.00 50.65  ? 36  G   D C2    1 
ATOM   914  N  N2    . G   D 4 6  ? -10.041 -2.950  4.270   1.00 49.65  ? 36  G   D N2    1 
ATOM   915  N  N3    . G   D 4 6  ? -11.279 -1.734  2.729   1.00 51.72  ? 36  G   D N3    1 
ATOM   916  C  C4    . G   D 4 6  ? -11.672 -1.731  1.429   1.00 49.03  ? 36  G   D C4    1 
ATOM   917  P  P     . U   D 4 7  ? -13.442 4.610   2.882   1.00 60.67  ? 37  U   D P     1 
ATOM   918  O  OP1   . U   D 4 7  ? -13.859 4.927   4.268   1.00 56.22  ? 37  U   D OP1   1 
ATOM   919  O  OP2   . U   D 4 7  ? -14.023 5.364   1.768   1.00 56.13  ? 37  U   D OP2   1 
ATOM   920  O  "O5'" . U   D 4 7  ? -11.858 4.691   2.825   1.00 61.45  ? 37  U   D "O5'" 1 
ATOM   921  C  "C5'" . U   D 4 7  ? -11.209 5.819   3.367   1.00 55.82  ? 37  U   D "C5'" 1 
ATOM   922  C  "C4'" . U   D 4 7  ? -9.901  5.430   3.996   1.00 57.39  ? 37  U   D "C4'" 1 
ATOM   923  O  "O4'" . U   D 4 7  ? -10.126 4.479   5.069   1.00 61.19  ? 37  U   D "O4'" 1 
ATOM   924  C  "C3'" . U   D 4 7  ? -9.042  4.705   2.963   1.00 58.84  ? 37  U   D "C3'" 1 
ATOM   925  O  "O3'" . U   D 4 7  ? -7.696  5.081   3.101   1.00 53.58  ? 37  U   D "O3'" 1 
ATOM   926  C  "C2'" . U   D 4 7  ? -9.201  3.221   3.245   1.00 60.46  ? 37  U   D "C2'" 1 
ATOM   927  O  "O2'" . U   D 4 7  ? -7.985  2.509   3.139   1.00 58.38  ? 37  U   D "O2'" 1 
ATOM   928  C  "C1'" . U   D 4 7  ? -9.548  3.245   4.726   1.00 60.19  ? 37  U   D "C1'" 1 
ATOM   929  N  N1    . U   D 4 7  ? -10.360 2.130   5.183   1.00 60.87  ? 37  U   D N1    1 
ATOM   930  C  C2    . U   D 4 7  ? -9.708  1.216   5.956   1.00 62.37  ? 37  U   D C2    1 
ATOM   931  O  O2    . U   D 4 7  ? -8.547  1.373   6.334   1.00 60.69  ? 37  U   D O2    1 
ATOM   932  N  N3    . U   D 4 7  ? -10.448 0.118   6.280   1.00 64.85  ? 37  U   D N3    1 
ATOM   933  C  C4    . U   D 4 7  ? -11.754 -0.136  5.925   1.00 65.21  ? 37  U   D C4    1 
ATOM   934  O  O4    . U   D 4 7  ? -12.251 -1.236  6.196   1.00 66.88  ? 37  U   D O4    1 
ATOM   935  C  C5    . U   D 4 7  ? -12.375 0.905   5.164   1.00 65.40  ? 37  U   D C5    1 
ATOM   936  C  C6    . U   D 4 7  ? -11.671 1.976   4.831   1.00 62.32  ? 37  U   D C6    1 
ATOM   937  P  P     . A   D 4 8  ? -6.937  5.832   1.933   1.00 55.64  ? 38  A   D P     1 
ATOM   938  O  OP1   . A   D 4 8  ? -5.573  5.913   2.544   1.00 51.73  ? 38  A   D OP1   1 
ATOM   939  O  OP2   . A   D 4 8  ? -7.682  7.072   1.623   1.00 53.38  ? 38  A   D OP2   1 
ATOM   940  O  "O5'" . A   D 4 8  ? -7.048  4.845   0.685   1.00 53.77  ? 38  A   D "O5'" 1 
ATOM   941  C  "C5'" . A   D 4 8  ? -6.087  3.841   0.443   1.00 49.46  ? 38  A   D "C5'" 1 
ATOM   942  C  "C4'" . A   D 4 8  ? -6.434  3.107   -0.825  1.00 52.39  ? 38  A   D "C4'" 1 
ATOM   943  O  "O4'" . A   D 4 8  ? -5.383  2.171   -1.116  1.00 51.30  ? 38  A   D "O4'" 1 
ATOM   944  C  "C3'" . A   D 4 8  ? -7.708  2.281   -0.662  1.00 51.69  ? 38  A   D "C3'" 1 
ATOM   945  O  "O3'" . A   D 4 8  ? -8.406  2.177   -1.919  1.00 54.68  ? 38  A   D "O3'" 1 
ATOM   946  C  "C2'" . A   D 4 8  ? -7.217  0.886   -0.288  1.00 51.58  ? 38  A   D "C2'" 1 
ATOM   947  O  "O2'" . A   D 4 8  ? -7.996  -0.134  -0.877  1.00 57.02  ? 38  A   D "O2'" 1 
ATOM   948  C  "C1'" . A   D 4 8  ? -5.861  0.867   -0.981  1.00 47.37  ? 38  A   D "C1'" 1 
ATOM   949  N  N9    . A   D 4 8  ? -4.797  0.038   -0.480  1.00 44.14  ? 38  A   D N9    1 
ATOM   950  C  C8    . A   D 4 8  ? -4.164  -0.989  -1.127  1.00 42.36  ? 38  A   D C8    1 
ATOM   951  N  N7    . A   D 4 8  ? -3.226  -1.555  -0.421  1.00 42.23  ? 38  A   D N7    1 
ATOM   952  C  C5    . A   D 4 8  ? -3.248  -0.848  0.775   1.00 40.82  ? 38  A   D C5    1 
ATOM   953  C  C6    . A   D 4 8  ? -2.501  -0.966  1.963   1.00 43.94  ? 38  A   D C6    1 
ATOM   954  N  N6    . A   D 4 8  ? -1.543  -1.886  2.153   1.00 39.77  ? 38  A   D N6    1 
ATOM   955  N  N1    . A   D 4 8  ? -2.775  -0.100  2.969   1.00 43.10  ? 38  A   D N1    1 
ATOM   956  C  C2    . A   D 4 8  ? -3.742  0.816   2.781   1.00 46.15  ? 38  A   D C2    1 
ATOM   957  N  N3    . A   D 4 8  ? -4.517  1.017   1.711   1.00 41.38  ? 38  A   D N3    1 
ATOM   958  C  C4    . A   D 4 8  ? -4.211  0.139   0.746   1.00 42.56  ? 38  A   D C4    1 
ATOM   959  P  P     . C   D 4 9  ? -9.575  3.197   -2.312  1.00 54.24  ? 39  C   D P     1 
ATOM   960  O  OP1   . C   D 4 9  ? -10.527 3.239   -1.178  1.00 57.59  ? 39  C   D OP1   1 
ATOM   961  O  OP2   . C   D 4 9  ? -10.055 2.798   -3.651  1.00 53.84  ? 39  C   D OP2   1 
ATOM   962  O  "O5'" . C   D 4 9  ? -8.837  4.601   -2.471  1.00 54.61  ? 39  C   D "O5'" 1 
ATOM   963  C  "C5'" . C   D 4 9  ? -8.328  5.042   -3.735  1.00 51.81  ? 39  C   D "C5'" 1 
ATOM   964  C  "C4'" . C   D 4 9  ? -8.086  6.546   -3.715  1.00 57.09  ? 39  C   D "C4'" 1 
ATOM   965  O  "O4'" . C   D 4 9  ? -9.307  7.199   -3.292  1.00 58.52  ? 39  C   D "O4'" 1 
ATOM   966  C  "C3'" . C   D 4 9  ? -7.006  6.952   -2.690  1.00 58.08  ? 39  C   D "C3'" 1 
ATOM   967  O  "O3'" . C   D 4 9  ? -6.251  8.114   -3.088  1.00 56.13  ? 39  C   D "O3'" 1 
ATOM   968  C  "C2'" . C   D 4 9  ? -7.782  7.331   -1.435  1.00 59.13  ? 39  C   D "C2'" 1 
ATOM   969  O  "O2'" . C   D 4 9  ? -7.220  8.445   -0.792  1.00 60.18  ? 39  C   D "O2'" 1 
ATOM   970  C  "C1'" . C   D 4 9  ? -9.091  7.811   -2.047  1.00 59.73  ? 39  C   D "C1'" 1 
ATOM   971  N  N1    . C   D 4 9  ? -10.291 7.780   -1.226  1.00 62.99  ? 39  C   D N1    1 
ATOM   972  C  C2    . C   D 4 9  ? -10.885 8.995   -0.918  1.00 64.33  ? 39  C   D C2    1 
ATOM   973  O  O2    . C   D 4 9  ? -10.423 10.032  -1.421  1.00 63.19  ? 39  C   D O2    1 
ATOM   974  N  N3    . C   D 4 9  ? -11.950 9.018   -0.096  1.00 64.62  ? 39  C   D N3    1 
ATOM   975  C  C4    . C   D 4 9  ? -12.433 7.881   0.399   1.00 65.21  ? 39  C   D C4    1 
ATOM   976  N  N4    . C   D 4 9  ? -13.466 7.960   1.239   1.00 66.29  ? 39  C   D N4    1 
ATOM   977  C  C5    . C   D 4 9  ? -11.870 6.616   0.064   1.00 64.63  ? 39  C   D C5    1 
ATOM   978  C  C6    . C   D 4 9  ? -10.807 6.612   -0.745  1.00 63.62  ? 39  C   D C6    1 
ATOM   979  P  P     . A   D 4 10 ? -4.864  7.994   -3.876  1.00 60.54  ? 40  A   D P     1 
ATOM   980  O  OP1   . A   D 4 10 ? -4.273  9.349   -3.797  1.00 62.00  ? 40  A   D OP1   1 
ATOM   981  O  OP2   . A   D 4 10 ? -5.081  7.363   -5.204  1.00 59.17  ? 40  A   D OP2   1 
ATOM   982  O  "O5'" . A   D 4 10 ? -4.009  6.994   -3.005  1.00 58.14  ? 40  A   D "O5'" 1 
ATOM   983  C  "C5'" . A   D 4 10 ? -3.681  7.300   -1.679  1.00 46.63  ? 40  A   D "C5'" 1 
ATOM   984  C  "C4'" . A   D 4 10 ? -2.915  6.157   -1.103  1.00 53.80  ? 40  A   D "C4'" 1 
ATOM   985  O  "O4'" . A   D 4 10 ? -3.753  4.979   -1.198  1.00 54.91  ? 40  A   D "O4'" 1 
ATOM   986  C  "C3'" . A   D 4 10 ? -1.681  5.774   -1.903  1.00 52.97  ? 40  A   D "C3'" 1 
ATOM   987  O  "O3'" . A   D 4 10 ? -0.551  6.501   -1.464  1.00 52.45  ? 40  A   D "O3'" 1 
ATOM   988  C  "C2'" . A   D 4 10 ? -1.497  4.323   -1.505  1.00 47.89  ? 40  A   D "C2'" 1 
ATOM   989  O  "O2'" . A   D 4 10 ? -0.905  4.201   -0.223  1.00 52.86  ? 40  A   D "O2'" 1 
ATOM   990  C  "C1'" . A   D 4 10 ? -2.944  3.851   -1.440  1.00 50.09  ? 40  A   D "C1'" 1 
ATOM   991  N  N9    . A   D 4 10 ? -3.381  3.221   -2.675  1.00 47.37  ? 40  A   D N9    1 
ATOM   992  C  C8    . A   D 4 10 ? -4.281  3.649   -3.619  1.00 45.92  ? 40  A   D C8    1 
ATOM   993  N  N7    . A   D 4 10 ? -4.480  2.787   -4.592  1.00 45.49  ? 40  A   D N7    1 
ATOM   994  C  C5    . A   D 4 10 ? -3.635  1.734   -4.272  1.00 42.53  ? 40  A   D C5    1 
ATOM   995  C  C6    . A   D 4 10 ? -3.379  0.506   -4.896  1.00 43.82  ? 40  A   D C6    1 
ATOM   996  N  N6    . A   D 4 10 ? -3.989  0.105   -6.008  1.00 45.34  ? 40  A   D N6    1 
ATOM   997  N  N1    . A   D 4 10 ? -2.471  -0.311  -4.321  1.00 42.88  ? 40  A   D N1    1 
ATOM   998  C  C2    . A   D 4 10 ? -1.873  0.088   -3.171  1.00 43.56  ? 40  A   D C2    1 
ATOM   999  N  N3    . A   D 4 10 ? -2.043  1.214   -2.484  1.00 44.62  ? 40  A   D N3    1 
ATOM   1000 C  C4    . A   D 4 10 ? -2.943  1.997   -3.099  1.00 44.98  ? 40  A   D C4    1 
ATOM   1001 P  P     . U   D 4 11 ? 0.501   7.063   -2.531  1.00 52.42  ? 41  U   D P     1 
ATOM   1002 O  OP1   . U   D 4 11 ? 1.433   7.907   -1.746  1.00 49.89  ? 41  U   D OP1   1 
ATOM   1003 O  OP2   . U   D 4 11 ? -0.230  7.633   -3.697  1.00 49.59  ? 41  U   D OP2   1 
ATOM   1004 O  "O5'" . U   D 4 11 ? 1.294   5.783   -3.039  1.00 50.95  ? 41  U   D "O5'" 1 
ATOM   1005 C  "C5'" . U   D 4 11 ? 2.021   4.988   -2.131  1.00 47.79  ? 41  U   D "C5'" 1 
ATOM   1006 C  "C4'" . U   D 4 11 ? 2.454   3.722   -2.802  1.00 44.41  ? 41  U   D "C4'" 1 
ATOM   1007 O  "O4'" . U   D 4 11 ? 1.299   3.101   -3.419  1.00 49.13  ? 41  U   D "O4'" 1 
ATOM   1008 C  "C3'" . U   D 4 11 ? 3.414   4.048   -3.949  1.00 47.62  ? 41  U   D "C3'" 1 
ATOM   1009 O  "O3'" . U   D 4 11 ? 4.522   3.156   -3.851  1.00 45.63  ? 41  U   D "O3'" 1 
ATOM   1010 C  "C2'" . U   D 4 11 ? 2.568   4.038   -5.219  1.00 46.36  ? 41  U   D "C2'" 1 
ATOM   1011 O  "O2'" . U   D 4 11 ? 3.183   3.495   -6.366  1.00 44.64  ? 41  U   D "O2'" 1 
ATOM   1012 C  "C1'" . U   D 4 11 ? 1.476   3.073   -4.804  1.00 47.16  ? 41  U   D "C1'" 1 
ATOM   1013 N  N1    . U   D 4 11 ? 0.198   3.097   -5.512  1.00 47.84  ? 41  U   D N1    1 
ATOM   1014 C  C2    . U   D 4 11 ? -0.042  2.008   -6.326  1.00 46.90  ? 41  U   D C2    1 
ATOM   1015 O  O2    . U   D 4 11 ? 0.715   1.049   -6.363  1.00 43.13  ? 41  U   D O2    1 
ATOM   1016 N  N3    . U   D 4 11 ? -1.195  2.078   -7.075  1.00 47.51  ? 41  U   D N3    1 
ATOM   1017 C  C4    . U   D 4 11 ? -2.121  3.106   -7.065  1.00 49.41  ? 41  U   D C4    1 
ATOM   1018 O  O4    . U   D 4 11 ? -3.053  3.094   -7.877  1.00 54.01  ? 41  U   D O4    1 
ATOM   1019 C  C5    . U   D 4 11 ? -1.819  4.176   -6.142  1.00 48.95  ? 41  U   D C5    1 
ATOM   1020 C  C6    . U   D 4 11 ? -0.688  4.132   -5.416  1.00 48.44  ? 41  U   D C6    1 
ATOM   1021 P  P     . U   D 4 12 ? 5.804   3.316   -4.791  1.00 46.22  ? 42  U   D P     1 
ATOM   1022 O  OP1   . U   D 4 12 ? 6.883   3.770   -3.868  1.00 47.41  ? 42  U   D OP1   1 
ATOM   1023 O  OP2   . U   D 4 12 ? 5.447   4.106   -5.996  1.00 44.91  ? 42  U   D OP2   1 
ATOM   1024 O  "O5'" . U   D 4 12 ? 6.092   1.816   -5.236  1.00 40.14  ? 42  U   D "O5'" 1 
ATOM   1025 C  "C5'" . U   D 4 12 ? 7.196   1.460   -6.072  1.00 45.88  ? 42  U   D "C5'" 1 
ATOM   1026 C  "C4'" . U   D 4 12 ? 6.711   0.540   -7.155  1.00 49.78  ? 42  U   D "C4'" 1 
ATOM   1027 O  "O4'" . U   D 4 12 ? 6.032   -0.571  -6.527  1.00 49.75  ? 42  U   D "O4'" 1 
ATOM   1028 C  "C3'" . U   D 4 12 ? 5.650   1.282   -7.955  1.00 51.82  ? 42  U   D "C3'" 1 
ATOM   1029 O  "O3'" . U   D 4 12 ? 5.612   0.769   -9.273  1.00 56.64  ? 42  U   D "O3'" 1 
ATOM   1030 C  "C2'" . U   D 4 12 ? 4.326   0.877   -7.333  1.00 51.11  ? 42  U   D "C2'" 1 
ATOM   1031 O  "O2'" . U   D 4 12 ? 3.355   0.682   -8.321  1.00 53.68  ? 42  U   D "O2'" 1 
ATOM   1032 C  "C1'" . U   D 4 12 ? 4.660   -0.506  -6.804  1.00 50.52  ? 42  U   D "C1'" 1 
ATOM   1033 N  N1    . U   D 4 12 ? 3.879   -1.028  -5.682  1.00 51.49  ? 42  U   D N1    1 
ATOM   1034 C  C2    . U   D 4 12 ? 3.066   -2.083  -5.964  1.00 50.47  ? 42  U   D C2    1 
ATOM   1035 O  O2    . U   D 4 12 ? 3.030   -2.599  -7.065  1.00 48.05  ? 42  U   D O2    1 
ATOM   1036 N  N3    . U   D 4 12 ? 2.301   -2.528  -4.918  1.00 52.71  ? 42  U   D N3    1 
ATOM   1037 C  C4    . U   D 4 12 ? 2.277   -2.037  -3.650  1.00 54.94  ? 42  U   D C4    1 
ATOM   1038 O  O4    . U   D 4 12 ? 1.451   -2.480  -2.851  1.00 56.76  ? 42  U   D O4    1 
ATOM   1039 C  C5    . U   D 4 12 ? 3.177   -0.954  -3.423  1.00 55.87  ? 42  U   D C5    1 
ATOM   1040 C  C6    . U   D 4 12 ? 3.929   -0.497  -4.430  1.00 53.21  ? 42  U   D C6    1 
ATOM   1041 P  P     . A   D 4 13 ? 6.209   1.576   -10.501 1.00 55.13  ? 43  A   D P     1 
ATOM   1042 O  OP1   . A   D 4 13 ? 7.634   1.854   -10.205 1.00 61.69  ? 43  A   D OP1   1 
ATOM   1043 O  OP2   . A   D 4 13 ? 5.287   2.687   -10.869 1.00 52.73  ? 43  A   D OP2   1 
ATOM   1044 O  "O5'" . A   D 4 13 ? 6.144   0.473   -11.647 1.00 52.88  ? 43  A   D "O5'" 1 
ATOM   1045 C  "C5'" . A   D 4 13 ? 6.893   -0.737  -11.531 1.00 54.87  ? 43  A   D "C5'" 1 
ATOM   1046 C  "C4'" . A   D 4 13 ? 6.088   -1.907  -12.034 1.00 57.68  ? 43  A   D "C4'" 1 
ATOM   1047 O  "O4'" . A   D 4 13 ? 4.926   -2.085  -11.196 1.00 64.48  ? 43  A   D "O4'" 1 
ATOM   1048 C  "C3'" . A   D 4 13 ? 5.537   -1.758  -13.436 1.00 58.75  ? 43  A   D "C3'" 1 
ATOM   1049 O  "O3'" . A   D 4 13 ? 6.533   -2.114  -14.387 1.00 61.28  ? 43  A   D "O3'" 1 
ATOM   1050 C  "C2'" . A   D 4 13 ? 4.338   -2.700  -13.415 1.00 59.61  ? 43  A   D "C2'" 1 
ATOM   1051 O  "O2'" . A   D 4 13 ? 4.665   -4.067  -13.557 1.00 54.92  ? 43  A   D "O2'" 1 
ATOM   1052 C  "C1'" . A   D 4 13 ? 3.820   -2.473  -11.995 1.00 59.99  ? 43  A   D "C1'" 1 
ATOM   1053 N  N9    . A   D 4 13 ? 2.827   -1.408  -11.894 1.00 60.45  ? 43  A   D N9    1 
ATOM   1054 C  C8    . A   D 4 13 ? 2.890   -0.348  -11.026 1.00 61.05  ? 43  A   D C8    1 
ATOM   1055 N  N7    . A   D 4 13 ? 1.868   0.465   -11.105 1.00 59.43  ? 43  A   D N7    1 
ATOM   1056 C  C5    . A   D 4 13 ? 1.078   -0.090  -12.097 1.00 59.43  ? 43  A   D C5    1 
ATOM   1057 C  C6    . A   D 4 13 ? -0.150  0.307   -12.648 1.00 58.02  ? 43  A   D C6    1 
ATOM   1058 N  N6    . A   D 4 13 ? -0.823  1.391   -12.254 1.00 58.95  ? 43  A   D N6    1 
ATOM   1059 N  N1    . A   D 4 13 ? -0.670  -0.457  -13.626 1.00 58.25  ? 43  A   D N1    1 
ATOM   1060 C  C2    . A   D 4 13 ? 0.005   -1.551  -14.013 1.00 58.59  ? 43  A   D C2    1 
ATOM   1061 N  N3    . A   D 4 13 ? 1.165   -2.033  -13.569 1.00 61.15  ? 43  A   D N3    1 
ATOM   1062 C  C4    . A   D 4 13 ? 1.658   -1.244  -12.599 1.00 61.14  ? 43  A   D C4    1 
ATOM   1063 P  P     . C   D 4 14 ? 6.899   -1.092  -15.573 1.00 63.93  ? 44  C   D P     1 
ATOM   1064 O  OP1   . C   D 4 14 ? 7.715   -1.853  -16.546 1.00 65.66  ? 44  C   D OP1   1 
ATOM   1065 O  OP2   . C   D 4 14 ? 7.428   0.172   -14.980 1.00 56.50  ? 44  C   D OP2   1 
ATOM   1066 O  "O5'" . C   D 4 14 ? 5.490   -0.769  -16.236 1.00 61.32  ? 44  C   D "O5'" 1 
ATOM   1067 C  "C5'" . C   D 4 14 ? 4.855   -1.702  -17.088 1.00 59.01  ? 44  C   D "C5'" 1 
ATOM   1068 C  "C4'" . C   D 4 14 ? 3.616   -1.084  -17.669 1.00 61.77  ? 44  C   D "C4'" 1 
ATOM   1069 O  "O4'" . C   D 4 14 ? 2.618   -0.945  -16.629 1.00 64.08  ? 44  C   D "O4'" 1 
ATOM   1070 C  "C3'" . C   D 4 14 ? 3.795   0.324   -18.208 1.00 64.66  ? 44  C   D "C3'" 1 
ATOM   1071 O  "O3'" . C   D 4 14 ? 4.271   0.300   -19.547 1.00 64.18  ? 44  C   D "O3'" 1 
ATOM   1072 C  "C2'" . C   D 4 14 ? 2.379   0.870   -18.134 1.00 65.70  ? 44  C   D "C2'" 1 
ATOM   1073 O  "O2'" . C   D 4 14 ? 1.574   0.419   -19.210 1.00 70.43  ? 44  C   D "O2'" 1 
ATOM   1074 C  "C1'" . C   D 4 14 ? 1.893   0.257   -16.821 1.00 64.75  ? 44  C   D "C1'" 1 
ATOM   1075 N  N1    . C   D 4 14 ? 2.170   1.109   -15.659 1.00 64.86  ? 44  C   D N1    1 
ATOM   1076 C  C2    . C   D 4 14 ? 1.308   2.173   -15.356 1.00 65.85  ? 44  C   D C2    1 
ATOM   1077 O  O2    . C   D 4 14 ? 0.318   2.379   -16.075 1.00 67.07  ? 44  C   D O2    1 
ATOM   1078 N  N3    . C   D 4 14 ? 1.579   2.952   -14.280 1.00 65.91  ? 44  C   D N3    1 
ATOM   1079 C  C4    . C   D 4 14 ? 2.656   2.699   -13.522 1.00 64.76  ? 44  C   D C4    1 
ATOM   1080 N  N4    . C   D 4 14 ? 2.898   3.499   -12.475 1.00 63.86  ? 44  C   D N4    1 
ATOM   1081 C  C5    . C   D 4 14 ? 3.536   1.619   -13.806 1.00 63.27  ? 44  C   D C5    1 
ATOM   1082 C  C6    . C   D 4 14 ? 3.260   0.859   -14.873 1.00 63.32  ? 44  C   D C6    1 
ATOM   1083 P  P     . C   D 4 15 ? 5.128   1.534   -20.117 1.00 68.15  ? 45  C   D P     1 
ATOM   1084 O  OP1   . C   D 4 15 ? 5.539   1.135   -21.491 1.00 71.69  ? 45  C   D OP1   1 
ATOM   1085 O  OP2   . C   D 4 15 ? 6.152   1.929   -19.127 1.00 67.16  ? 45  C   D OP2   1 
ATOM   1086 O  "O5'" . C   D 4 15 ? 4.085   2.732   -20.198 1.00 65.26  ? 45  C   D "O5'" 1 
ATOM   1087 C  "C5'" . C   D 4 15 ? 2.985   2.682   -21.094 1.00 58.30  ? 45  C   D "C5'" 1 
ATOM   1088 C  "C4'" . C   D 4 15 ? 2.134   3.918   -20.940 1.00 62.61  ? 45  C   D "C4'" 1 
ATOM   1089 O  "O4'" . C   D 4 15 ? 1.524   3.929   -19.618 1.00 63.97  ? 45  C   D "O4'" 1 
ATOM   1090 C  "C3'" . C   D 4 15 ? 2.925   5.212   -20.960 1.00 65.13  ? 45  C   D "C3'" 1 
ATOM   1091 O  "O3'" . C   D 4 15 ? 3.216   5.632   -22.274 1.00 67.88  ? 45  C   D "O3'" 1 
ATOM   1092 C  "C2'" . C   D 4 15 ? 2.009   6.182   -20.221 1.00 64.97  ? 45  C   D "C2'" 1 
ATOM   1093 O  "O2'" . C   D 4 15 ? 0.979   6.752   -21.004 1.00 69.32  ? 45  C   D "O2'" 1 
ATOM   1094 C  "C1'" . C   D 4 15 ? 1.407   5.270   -19.154 1.00 64.57  ? 45  C   D "C1'" 1 
ATOM   1095 N  N1    . C   D 4 15 ? 2.132   5.405   -17.892 1.00 62.96  ? 45  C   D N1    1 
ATOM   1096 C  C2    . C   D 4 15 ? 1.833   6.490   -17.064 1.00 62.80  ? 45  C   D C2    1 
ATOM   1097 O  O2    . C   D 4 15 ? 0.941   7.286   -17.408 1.00 62.54  ? 45  C   D O2    1 
ATOM   1098 N  N3    . C   D 4 15 ? 2.523   6.647   -15.914 1.00 63.13  ? 45  C   D N3    1 
ATOM   1099 C  C4    . C   D 4 15 ? 3.474   5.764   -15.576 1.00 63.08  ? 45  C   D C4    1 
ATOM   1100 N  N4    . C   D 4 15 ? 4.143   5.962   -14.430 1.00 62.52  ? 45  C   D N4    1 
ATOM   1101 C  C5    . C   D 4 15 ? 3.785   4.641   -16.398 1.00 62.18  ? 45  C   D C5    1 
ATOM   1102 C  C6    . C   D 4 15 ? 3.094   4.501   -17.535 1.00 62.87  ? 45  C   D C6    1 
ATOM   1103 P  P     . U   D 4 16 ? 4.497   6.550   -22.527 1.00 69.64  ? 46  U   D P     1 
ATOM   1104 O  OP1   . U   D 4 16 ? 4.663   6.652   -23.998 1.00 70.44  ? 46  U   D OP1   1 
ATOM   1105 O  OP2   . U   D 4 16 ? 5.610   6.026   -21.680 1.00 65.19  ? 46  U   D OP2   1 
ATOM   1106 O  "O5'" . U   D 4 16 ? 4.022   7.966   -21.980 1.00 63.21  ? 46  U   D "O5'" 1 
ATOM   1107 C  "C5'" . U   D 4 16 ? 2.870   8.582   -22.540 1.00 61.75  ? 46  U   D "C5'" 1 
ATOM   1108 C  "C4'" . U   D 4 16 ? 2.571   9.902   -21.866 1.00 65.83  ? 46  U   D "C4'" 1 
ATOM   1109 O  "O4'" . U   D 4 16 ? 2.075   9.652   -20.526 1.00 66.45  ? 46  U   D "O4'" 1 
ATOM   1110 C  "C3'" . U   D 4 16 ? 3.748   10.848  -21.656 1.00 66.12  ? 46  U   D "C3'" 1 
ATOM   1111 O  "O3'" . U   D 4 16 ? 4.042   11.635  -22.808 1.00 68.42  ? 46  U   D "O3'" 1 
ATOM   1112 C  "C2'" . U   D 4 16 ? 3.243   11.715  -20.512 1.00 66.30  ? 46  U   D "C2'" 1 
ATOM   1113 O  "O2'" . U   D 4 16 ? 2.339   12.716  -20.927 1.00 68.67  ? 46  U   D "O2'" 1 
ATOM   1114 C  "C1'" . U   D 4 16 ? 2.513   10.683  -19.658 1.00 64.80  ? 46  U   D "C1'" 1 
ATOM   1115 N  N1    . U   D 4 16 ? 3.446   10.106  -18.685 1.00 62.16  ? 46  U   D N1    1 
ATOM   1116 C  C2    . U   D 4 16 ? 3.741   10.853  -17.551 1.00 62.65  ? 46  U   D C2    1 
ATOM   1117 O  O2    . U   D 4 16 ? 3.251   11.944  -17.328 1.00 60.19  ? 46  U   D O2    1 
ATOM   1118 N  N3    . U   D 4 16 ? 4.635   10.270  -16.689 1.00 61.99  ? 46  U   D N3    1 
ATOM   1119 C  C4    . U   D 4 16 ? 5.244   9.040   -16.836 1.00 61.09  ? 46  U   D C4    1 
ATOM   1120 O  O4    . U   D 4 16 ? 5.995   8.624   -15.947 1.00 60.68  ? 46  U   D O4    1 
ATOM   1121 C  C5    . U   D 4 16 ? 4.884   8.332   -18.033 1.00 60.79  ? 46  U   D C5    1 
ATOM   1122 C  C6    . U   D 4 16 ? 4.018   8.876   -18.891 1.00 60.60  ? 46  U   D C6    1 
ATOM   1123 P  P     . G   D 4 17 ? 5.521   12.240  -23.020 1.00 73.72  ? 47  G   D P     1 
ATOM   1124 O  OP1   . G   D 4 17 ? 5.519   12.881  -24.350 1.00 75.45  ? 47  G   D OP1   1 
ATOM   1125 O  OP2   . G   D 4 17 ? 6.532   11.198  -22.713 1.00 68.38  ? 47  G   D OP2   1 
ATOM   1126 O  "O5'" . G   D 4 17 ? 5.607   13.412  -21.951 1.00 69.24  ? 47  G   D "O5'" 1 
ATOM   1127 C  "C5'" . G   D 4 17 ? 4.747   14.526  -22.059 1.00 64.00  ? 47  G   D "C5'" 1 
ATOM   1128 C  "C4'" . G   D 4 17 ? 5.019   15.511  -20.955 1.00 65.57  ? 47  G   D "C4'" 1 
ATOM   1129 O  "O4'" . G   D 4 17 ? 4.681   14.906  -19.682 1.00 65.78  ? 47  G   D "O4'" 1 
ATOM   1130 C  "C3'" . G   D 4 17 ? 6.467   15.943  -20.782 1.00 65.88  ? 47  G   D "C3'" 1 
ATOM   1131 O  "O3'" . G   D 4 17 ? 6.800   16.979  -21.691 1.00 63.95  ? 47  G   D "O3'" 1 
ATOM   1132 C  "C2'" . G   D 4 17 ? 6.481   16.408  -19.331 1.00 65.11  ? 47  G   D "C2'" 1 
ATOM   1133 O  "O2'" . G   D 4 17 ? 5.880   17.678  -19.149 1.00 60.83  ? 47  G   D "O2'" 1 
ATOM   1134 C  "C1'" . G   D 4 17 ? 5.583   15.359  -18.683 1.00 62.25  ? 47  G   D "C1'" 1 
ATOM   1135 N  N9    . G   D 4 17 ? 6.328   14.212  -18.176 1.00 59.31  ? 47  G   D N9    1 
ATOM   1136 C  C8    . G   D 4 17 ? 6.491   12.997  -18.795 1.00 59.28  ? 47  G   D C8    1 
ATOM   1137 N  N7    . G   D 4 17 ? 7.177   12.147  -18.082 1.00 60.55  ? 47  G   D N7    1 
ATOM   1138 C  C5    . G   D 4 17 ? 7.496   12.848  -16.925 1.00 58.69  ? 47  G   D C5    1 
ATOM   1139 C  C6    . G   D 4 17 ? 8.227   12.446  -15.775 1.00 59.14  ? 47  G   D C6    1 
ATOM   1140 O  O6    . G   D 4 17 ? 8.744   11.348  -15.534 1.00 58.75  ? 47  G   D O6    1 
ATOM   1141 N  N1    . G   D 4 17 ? 8.327   13.478  -14.844 1.00 57.39  ? 47  G   D N1    1 
ATOM   1142 C  C2    . G   D 4 17 ? 7.790   14.731  -14.995 1.00 55.97  ? 47  G   D C2    1 
ATOM   1143 N  N2    . G   D 4 17 ? 8.007   15.594  -14.000 1.00 57.62  ? 47  G   D N2    1 
ATOM   1144 N  N3    . G   D 4 17 ? 7.091   15.111  -16.051 1.00 55.98  ? 47  G   D N3    1 
ATOM   1145 C  C4    . G   D 4 17 ? 6.987   14.129  -16.974 1.00 57.31  ? 47  G   D C4    1 
ATOM   1146 P  P     . C   D 4 18 ? 8.336   17.301  -22.013 1.00 66.17  ? 48  C   D P     1 
ATOM   1147 O  OP1   . C   D 4 18 ? 8.274   18.512  -22.865 1.00 67.07  ? 48  C   D OP1   1 
ATOM   1148 O  OP2   . C   D 4 18 ? 9.023   16.090  -22.503 1.00 61.19  ? 48  C   D OP2   1 
ATOM   1149 O  "O5'" . C   D 4 18 ? 8.936   17.735  -20.612 1.00 59.38  ? 48  C   D "O5'" 1 
ATOM   1150 C  "C5'" . C   D 4 18 ? 8.623   19.011  -20.089 1.00 58.51  ? 48  C   D "C5'" 1 
ATOM   1151 C  "C4'" . C   D 4 18 ? 9.447   19.296  -18.861 1.00 62.32  ? 48  C   D "C4'" 1 
ATOM   1152 O  "O4'" . C   D 4 18 ? 9.029   18.405  -17.793 1.00 63.49  ? 48  C   D "O4'" 1 
ATOM   1153 C  "C3'" . C   D 4 18 ? 10.933  19.020  -18.996 1.00 63.28  ? 48  C   D "C3'" 1 
ATOM   1154 O  "O3'" . C   D 4 18 ? 11.630  20.125  -19.538 1.00 61.44  ? 48  C   D "O3'" 1 
ATOM   1155 C  "C2'" . C   D 4 18 ? 11.342  18.824  -17.550 1.00 63.91  ? 48  C   D "C2'" 1 
ATOM   1156 O  "O2'" . C   D 4 18 ? 11.459  20.053  -16.885 1.00 64.31  ? 48  C   D "O2'" 1 
ATOM   1157 C  "C1'" . C   D 4 18 ? 10.146  18.061  -16.996 1.00 64.29  ? 48  C   D "C1'" 1 
ATOM   1158 N  N1    . C   D 4 18 ? 10.394  16.618  -17.105 1.00 63.15  ? 48  C   D N1    1 
ATOM   1159 C  C2    . C   D 4 18 ? 11.145  16.009  -16.110 1.00 63.43  ? 48  C   D C2    1 
ATOM   1160 O  O2    . C   D 4 18 ? 11.524  16.692  -15.164 1.00 63.47  ? 48  C   D O2    1 
ATOM   1161 N  N3    . C   D 4 18 ? 11.439  14.695  -16.203 1.00 62.03  ? 48  C   D N3    1 
ATOM   1162 C  C4    . C   D 4 18 ? 10.999  13.988  -17.240 1.00 60.48  ? 48  C   D C4    1 
ATOM   1163 N  N4    . C   D 4 18 ? 11.318  12.692  -17.291 1.00 56.91  ? 48  C   D N4    1 
ATOM   1164 C  C5    . C   D 4 18 ? 10.210  14.581  -18.272 1.00 61.10  ? 48  C   D C5    1 
ATOM   1165 C  C6    . C   D 4 18 ? 9.928   15.888  -18.161 1.00 60.42  ? 48  C   D C6    1 
ATOM   1166 P  P     . C   D 4 19 ? 13.004  19.891  -20.329 1.00 66.21  ? 49  C   D P     1 
ATOM   1167 O  OP1   . C   D 4 19 ? 13.347  21.196  -20.932 1.00 69.87  ? 49  C   D OP1   1 
ATOM   1168 O  OP2   . C   D 4 19 ? 12.905  18.679  -21.178 1.00 61.93  ? 49  C   D OP2   1 
ATOM   1169 O  "O5'" . C   D 4 19 ? 14.064  19.589  -19.189 1.00 62.63  ? 49  C   D "O5'" 1 
ATOM   1170 C  "C5'" . C   D 4 19 ? 14.288  20.524  -18.146 1.00 58.84  ? 49  C   D "C5'" 1 
ATOM   1171 C  "C4'" . C   D 4 19 ? 15.121  19.895  -17.050 1.00 60.30  ? 49  C   D "C4'" 1 
ATOM   1172 O  "O4'" . C   D 4 19 ? 14.363  18.818  -16.435 1.00 62.64  ? 49  C   D "O4'" 1 
ATOM   1173 C  "C3'" . C   D 4 19 ? 16.413  19.223  -17.499 1.00 57.45  ? 49  C   D "C3'" 1 
ATOM   1174 O  "O3'" . C   D 4 19 ? 17.543  20.079  -17.724 1.00 61.37  ? 49  C   D "O3'" 1 
ATOM   1175 C  "C2'" . C   D 4 19 ? 16.662  18.249  -16.365 1.00 56.40  ? 49  C   D "C2'" 1 
ATOM   1176 O  "O2'" . C   D 4 19 ? 17.095  18.961  -15.234 1.00 53.94  ? 49  C   D "O2'" 1 
ATOM   1177 C  "C1'" . C   D 4 19 ? 15.243  17.776  -16.057 1.00 56.66  ? 49  C   D "C1'" 1 
ATOM   1178 N  N1    . C   D 4 19 ? 14.885  16.553  -16.790 1.00 56.36  ? 49  C   D N1    1 
ATOM   1179 C  C2    . C   D 4 19 ? 15.293  15.331  -16.270 1.00 55.65  ? 49  C   D C2    1 
ATOM   1180 O  O2    . C   D 4 19 ? 15.888  15.318  -15.173 1.00 58.25  ? 49  C   D O2    1 
ATOM   1181 N  N3    . C   D 4 19 ? 15.028  14.200  -16.955 1.00 55.88  ? 49  C   D N3    1 
ATOM   1182 C  C4    . C   D 4 19 ? 14.358  14.261  -18.098 1.00 56.03  ? 49  C   D C4    1 
ATOM   1183 N  N4    . C   D 4 19 ? 14.129  13.124  -18.733 1.00 55.52  ? 49  C   D N4    1 
ATOM   1184 C  C5    . C   D 4 19 ? 13.899  15.493  -18.636 1.00 55.25  ? 49  C   D C5    1 
ATOM   1185 C  C6    . C   D 4 19 ? 14.184  16.606  -17.956 1.00 55.17  ? 49  C   D C6    1 
ATOM   1186 O  "O5'" . G   E 5 1  ? -2.272  -0.358  5.528   1.00 56.44  ? 6   G   P "O5'" 1 
ATOM   1187 C  "C5'" . G   E 5 1  ? -3.134  -1.301  6.125   1.00 53.77  ? 6   G   P "C5'" 1 
ATOM   1188 C  "C4'" . G   E 5 1  ? -4.492  -0.711  6.417   1.00 51.73  ? 6   G   P "C4'" 1 
ATOM   1189 O  "O4'" . G   E 5 1  ? -5.182  -0.377  5.184   1.00 54.74  ? 6   G   P "O4'" 1 
ATOM   1190 C  "C3'" . G   E 5 1  ? -5.298  -1.830  7.062   1.00 52.57  ? 6   G   P "C3'" 1 
ATOM   1191 O  "O3'" . G   E 5 1  ? -6.122  -1.367  8.124   1.00 58.36  ? 6   G   P "O3'" 1 
ATOM   1192 C  "C2'" . G   E 5 1  ? -6.097  -2.460  5.931   1.00 51.91  ? 6   G   P "C2'" 1 
ATOM   1193 O  "O2'" . G   E 5 1  ? -7.373  -2.908  6.322   1.00 58.45  ? 6   G   P "O2'" 1 
ATOM   1194 C  "C1'" . G   E 5 1  ? -6.256  -1.266  4.992   1.00 49.73  ? 6   G   P "C1'" 1 
ATOM   1195 N  N9    . G   E 5 1  ? -6.444  -1.538  3.575   1.00 48.37  ? 6   G   P N9    1 
ATOM   1196 C  C8    . G   E 5 1  ? -7.370  -0.951  2.744   1.00 46.13  ? 6   G   P C8    1 
ATOM   1197 N  N7    . G   E 5 1  ? -7.373  -1.464  1.545   1.00 43.16  ? 6   G   P N7    1 
ATOM   1198 C  C5    . G   E 5 1  ? -6.376  -2.431  1.584   1.00 42.62  ? 6   G   P C5    1 
ATOM   1199 C  C6    . G   E 5 1  ? -5.938  -3.326  0.592   1.00 43.46  ? 6   G   P C6    1 
ATOM   1200 O  O6    . G   E 5 1  ? -6.392  -3.486  -0.543  1.00 45.25  ? 6   G   P O6    1 
ATOM   1201 N  N1    . G   E 5 1  ? -4.875  -4.112  1.033   1.00 41.92  ? 6   G   P N1    1 
ATOM   1202 C  C2    . G   E 5 1  ? -4.334  -4.060  2.291   1.00 42.85  ? 6   G   P C2    1 
ATOM   1203 N  N2    . G   E 5 1  ? -3.315  -4.888  2.538   1.00 37.57  ? 6   G   P N2    1 
ATOM   1204 N  N3    . G   E 5 1  ? -4.762  -3.250  3.241   1.00 42.15  ? 6   G   P N3    1 
ATOM   1205 C  C4    . G   E 5 1  ? -5.775  -2.467  2.817   1.00 45.15  ? 6   G   P C4    1 
ATOM   1206 P  P     . U   E 5 2  ? -5.552  -1.262  9.612   1.00 63.12  ? 7   U   P P     1 
ATOM   1207 O  OP1   . U   E 5 2  ? -6.664  -0.727  10.426  1.00 59.28  ? 7   U   P OP1   1 
ATOM   1208 O  OP2   . U   E 5 2  ? -4.245  -0.561  9.600   1.00 61.53  ? 7   U   P OP2   1 
ATOM   1209 O  "O5'" . U   E 5 2  ? -5.360  -2.779  10.018  1.00 59.31  ? 7   U   P "O5'" 1 
ATOM   1210 C  "C5'" . U   E 5 2  ? -6.459  -3.665  9.909   1.00 62.98  ? 7   U   P "C5'" 1 
ATOM   1211 C  "C4'" . U   E 5 2  ? -6.080  -5.038  10.394  1.00 66.22  ? 7   U   P "C4'" 1 
ATOM   1212 O  "O4'" . U   E 5 2  ? -5.234  -5.685  9.409   1.00 70.59  ? 7   U   P "O4'" 1 
ATOM   1213 C  "C3'" . U   E 5 2  ? -5.273  -5.072  11.684  1.00 66.01  ? 7   U   P "C3'" 1 
ATOM   1214 O  "O3'" . U   E 5 2  ? -6.152  -5.056  12.801  1.00 66.52  ? 7   U   P "O3'" 1 
ATOM   1215 C  "C2'" . U   E 5 2  ? -4.578  -6.418  11.579  1.00 67.85  ? 7   U   P "C2'" 1 
ATOM   1216 O  "O2'" . U   E 5 2  ? -5.424  -7.480  11.975  1.00 71.59  ? 7   U   P "O2'" 1 
ATOM   1217 C  "C1'" . U   E 5 2  ? -4.287  -6.498  10.077  1.00 69.52  ? 7   U   P "C1'" 1 
ATOM   1218 N  N1    . U   E 5 2  ? -2.938  -6.023  9.744   1.00 70.90  ? 7   U   P N1    1 
ATOM   1219 C  C2    . U   E 5 2  ? -1.874  -6.872  10.017  1.00 71.06  ? 7   U   P C2    1 
ATOM   1220 O  O2    . U   E 5 2  ? -2.020  -8.006  10.447  1.00 69.61  ? 7   U   P O2    1 
ATOM   1221 N  N3    . U   E 5 2  ? -0.633  -6.348  9.756   1.00 70.98  ? 7   U   P N3    1 
ATOM   1222 C  C4    . U   E 5 2  ? -0.353  -5.098  9.246   1.00 70.85  ? 7   U   P C4    1 
ATOM   1223 O  O4    . U   E 5 2  ? 0.818   -4.727  9.163   1.00 74.30  ? 7   U   P O4    1 
ATOM   1224 C  C5    . U   E 5 2  ? -1.503  -4.303  8.952   1.00 70.55  ? 7   U   P C5    1 
ATOM   1225 C  C6    . U   E 5 2  ? -2.727  -4.780  9.205   1.00 71.15  ? 7   U   P C6    1 
ATOM   1226 P  P     . C   E 5 3  ? -5.620  -4.589  14.236  1.00 68.59  ? 8   C   P P     1 
ATOM   1227 O  OP1   . C   E 5 3  ? -6.622  -5.044  15.238  1.00 72.51  ? 8   C   P OP1   1 
ATOM   1228 O  OP2   . C   E 5 3  ? -5.234  -3.155  14.164  1.00 68.26  ? 8   C   P OP2   1 
ATOM   1229 O  "O5'" . C   E 5 3  ? -4.287  -5.426  14.426  1.00 67.25  ? 8   C   P "O5'" 1 
ATOM   1230 C  "C5'" . C   E 5 3  ? -4.335  -6.804  14.750  1.00 69.09  ? 8   C   P "C5'" 1 
ATOM   1231 C  "C4'" . C   E 5 3  ? -2.950  -7.293  15.067  1.00 73.70  ? 8   C   P "C4'" 1 
ATOM   1232 O  "O4'" . C   E 5 3  ? -2.156  -7.287  13.852  1.00 76.07  ? 8   C   P "O4'" 1 
ATOM   1233 C  "C3'" . C   E 5 3  ? -2.173  -6.391  16.009  1.00 74.40  ? 8   C   P "C3'" 1 
ATOM   1234 O  "O3'" . C   E 5 3  ? -2.528  -6.631  17.360  1.00 76.90  ? 8   C   P "O3'" 1 
ATOM   1235 C  "C2'" . C   E 5 3  ? -0.734  -6.762  15.680  1.00 74.68  ? 8   C   P "C2'" 1 
ATOM   1236 O  "O2'" . C   E 5 3  ? -0.369  -7.998  16.259  1.00 77.65  ? 8   C   P "O2'" 1 
ATOM   1237 C  "C1'" . C   E 5 3  ? -0.816  -6.934  14.164  1.00 75.19  ? 8   C   P "C1'" 1 
ATOM   1238 N  N1    . C   E 5 3  ? -0.485  -5.692  13.453  1.00 75.02  ? 8   C   P N1    1 
ATOM   1239 C  C2    . C   E 5 3  ? 0.866   -5.382  13.213  1.00 75.32  ? 8   C   P C2    1 
ATOM   1240 O  O2    . C   E 5 3  ? 1.745   -6.179  13.574  1.00 76.76  ? 8   C   P O2    1 
ATOM   1241 N  N3    . C   E 5 3  ? 1.177   -4.228  12.583  1.00 75.65  ? 8   C   P N3    1 
ATOM   1242 C  C4    . C   E 5 3  ? 0.204   -3.402  12.185  1.00 75.09  ? 8   C   P C4    1 
ATOM   1243 N  N4    . C   E 5 3  ? 0.559   -2.275  11.563  1.00 75.27  ? 8   C   P N4    1 
ATOM   1244 C  C5    . C   E 5 3  ? -1.175  -3.697  12.404  1.00 73.89  ? 8   C   P C5    1 
ATOM   1245 C  C6    . C   E 5 3  ? -1.470  -4.840  13.039  1.00 72.38  ? 8   C   P C6    1 
ATOM   1246 P  P     . C   E 5 4  ? -2.342  -5.465  18.442  1.00 81.65  ? 9   C   P P     1 
ATOM   1247 O  OP1   . C   E 5 4  ? -2.693  -6.061  19.751  1.00 85.97  ? 9   C   P OP1   1 
ATOM   1248 O  OP2   . C   E 5 4  ? -3.037  -4.227  17.979  1.00 78.35  ? 9   C   P OP2   1 
ATOM   1249 O  "O5'" . C   E 5 4  ? -0.766  -5.238  18.438  1.00 81.51  ? 9   C   P "O5'" 1 
ATOM   1250 C  "C5'" . C   E 5 4  ? 0.113   -6.293  18.845  1.00 81.62  ? 9   C   P "C5'" 1 
ATOM   1251 C  "C4'" . C   E 5 4  ? 1.555   -5.828  18.857  1.00 86.15  ? 9   C   P "C4'" 1 
ATOM   1252 O  "O4'" . C   E 5 4  ? 1.992   -5.594  17.492  1.00 86.79  ? 9   C   P "O4'" 1 
ATOM   1253 C  "C3'" . C   E 5 4  ? 1.820   -4.504  19.557  1.00 89.17  ? 9   C   P "C3'" 1 
ATOM   1254 O  "O3'" . C   E 5 4  ? 1.960   -4.628  20.968  1.00 90.40  ? 9   C   P "O3'" 1 
ATOM   1255 C  "C2'" . C   E 5 4  ? 3.115   -4.048  18.902  1.00 90.10  ? 9   C   P "C2'" 1 
ATOM   1256 O  "O2'" . C   E 5 4  ? 4.266   -4.678  19.429  1.00 93.16  ? 9   C   P "O2'" 1 
ATOM   1257 C  "C1'" . C   E 5 4  ? 2.892   -4.496  17.460  1.00 87.55  ? 9   C   P "C1'" 1 
ATOM   1258 N  N1    . C   E 5 4  ? 2.304   -3.421  16.649  1.00 86.45  ? 9   C   P N1    1 
ATOM   1259 C  C2    . C   E 5 4  ? 3.145   -2.433  16.152  1.00 85.18  ? 9   C   P C2    1 
ATOM   1260 O  O2    . C   E 5 4  ? 4.362   -2.501  16.398  1.00 85.93  ? 9   C   P O2    1 
ATOM   1261 N  N3    . C   E 5 4  ? 2.619   -1.432  15.414  1.00 83.03  ? 9   C   P N3    1 
ATOM   1262 C  C4    . C   E 5 4  ? 1.308   -1.400  15.169  1.00 81.52  ? 9   C   P C4    1 
ATOM   1263 N  N4    . C   E 5 4  ? 0.830   -0.391  14.435  1.00 79.66  ? 9   C   P N4    1 
ATOM   1264 C  C5    . C   E 5 4  ? 0.429   -2.398  15.663  1.00 83.56  ? 9   C   P C5    1 
ATOM   1265 C  C6    . C   E 5 4  ? 0.963   -3.382  16.392  1.00 86.05  ? 9   C   P C6    1 
ATOM   1266 P  P     . A   E 5 5  ? 1.650   -3.359  21.917  1.00 95.66  ? 10  A   P P     1 
ATOM   1267 O  OP1   . A   E 5 5  ? 1.665   -3.829  23.331  1.00 97.76  ? 10  A   P OP1   1 
ATOM   1268 O  OP2   . A   E 5 5  ? 0.444   -2.670  21.383  1.00 92.96  ? 10  A   P OP2   1 
ATOM   1269 O  "O5'" . A   E 5 5  ? 2.893   -2.387  21.706  1.00 96.29  ? 10  A   P "O5'" 1 
ATOM   1270 C  "C5'" . A   E 5 5  ? 4.194   -2.776  22.115  1.00 96.25  ? 10  A   P "C5'" 1 
ATOM   1271 C  "C4'" . A   E 5 5  ? 5.179   -1.670  21.821  1.00 96.39  ? 10  A   P "C4'" 1 
ATOM   1272 O  "O4'" . A   E 5 5  ? 5.344   -1.537  20.384  1.00 95.77  ? 10  A   P "O4'" 1 
ATOM   1273 C  "C3'" . A   E 5 5  ? 4.762   -0.280  22.268  1.00 97.93  ? 10  A   P "C3'" 1 
ATOM   1274 O  "O3'" . A   E 5 5  ? 5.037   -0.028  23.636  1.00 99.48  ? 10  A   P "O3'" 1 
ATOM   1275 C  "C2'" . A   E 5 5  ? 5.586   0.611   21.353  1.00 96.39  ? 10  A   P "C2'" 1 
ATOM   1276 O  "O2'" . A   E 5 5  ? 6.933   0.712   21.769  1.00 97.64  ? 10  A   P "O2'" 1 
ATOM   1277 C  "C1'" . A   E 5 5  ? 5.513   -0.169  20.046  1.00 94.87  ? 10  A   P "C1'" 1 
ATOM   1278 N  N9    . A   E 5 5  ? 4.361   0.244   19.243  1.00 92.07  ? 10  A   P N9    1 
ATOM   1279 C  C8    . A   E 5 5  ? 3.141   -0.382  19.125  1.00 91.42  ? 10  A   P C8    1 
ATOM   1280 N  N7    . A   E 5 5  ? 2.316   0.222   18.303  1.00 90.87  ? 10  A   P N7    1 
ATOM   1281 C  C5    . A   E 5 5  ? 3.037   1.321   17.857  1.00 89.70  ? 10  A   P C5    1 
ATOM   1282 C  C6    . A   E 5 5  ? 2.722   2.357   16.959  1.00 89.06  ? 10  A   P C6    1 
ATOM   1283 N  N6    . A   E 5 5  ? 1.550   2.462   16.333  1.00 87.00  ? 10  A   P N6    1 
ATOM   1284 N  N1    . A   E 5 5  ? 3.665   3.295   16.727  1.00 90.59  ? 10  A   P N1    1 
ATOM   1285 C  C2    . A   E 5 5  ? 4.843   3.194   17.367  1.00 91.24  ? 10  A   P C2    1 
ATOM   1286 N  N3    . A   E 5 5  ? 5.257   2.270   18.236  1.00 91.53  ? 10  A   P N3    1 
ATOM   1287 C  C4    . A   E 5 5  ? 4.298   1.351   18.437  1.00 90.85  ? 10  A   P C4    1 
ATOM   1288 P  P     . C   E 5 6  ? 4.091   0.982   24.449  1.00 105.18 ? 11  C   P P     1 
ATOM   1289 O  OP1   . C   E 5 6  ? 4.302   0.774   25.910  1.00 106.00 ? 11  C   P OP1   1 
ATOM   1290 O  OP2   . C   E 5 6  ? 2.724   0.853   23.863  1.00 102.92 ? 11  C   P OP2   1 
ATOM   1291 O  "O5'" . C   E 5 6  ? 4.633   2.424   24.054  1.00 101.70 ? 11  C   P "O5'" 1 
ATOM   1292 C  "C5'" . C   E 5 6  ? 6.029   2.687   24.007  1.00 101.18 ? 11  C   P "C5'" 1 
ATOM   1293 C  "C4'" . C   E 5 6  ? 6.289   3.967   23.257  1.00 101.78 ? 11  C   P "C4'" 1 
ATOM   1294 O  "O4'" . C   E 5 6  ? 6.060   3.762   21.833  1.00 100.43 ? 11  C   P "O4'" 1 
ATOM   1295 C  "C3'" . C   E 5 6  ? 5.291   5.052   23.596  1.00 101.84 ? 11  C   P "C3'" 1 
ATOM   1296 O  "O3'" . C   E 5 6  ? 5.574   5.701   24.811  1.00 105.08 ? 11  C   P "O3'" 1 
ATOM   1297 C  "C2'" . C   E 5 6  ? 5.361   5.969   22.383  1.00 101.41 ? 11  C   P "C2'" 1 
ATOM   1298 O  "O2'" . C   E 5 6  ? 6.422   6.904   22.401  1.00 100.52 ? 11  C   P "O2'" 1 
ATOM   1299 C  "C1'" . C   E 5 6  ? 5.532   4.951   21.258  1.00 99.32  ? 11  C   P "C1'" 1 
ATOM   1300 N  N1    . C   E 5 6  ? 4.228   4.672   20.653  1.00 96.79  ? 11  C   P N1    1 
ATOM   1301 C  C2    . C   E 5 6  ? 3.722   5.606   19.757  1.00 95.97  ? 11  C   P C2    1 
ATOM   1302 O  O2    . C   E 5 6  ? 4.417   6.592   19.460  1.00 95.87  ? 11  C   P O2    1 
ATOM   1303 N  N3    . C   E 5 6  ? 2.499   5.419   19.236  1.00 94.77  ? 11  C   P N3    1 
ATOM   1304 C  C4    . C   E 5 6  ? 1.787   4.341   19.569  1.00 95.57  ? 11  C   P C4    1 
ATOM   1305 N  N4    . C   E 5 6  ? 0.566   4.210   19.034  1.00 95.95  ? 11  C   P N4    1 
ATOM   1306 C  C5    . C   E 5 6  ? 2.290   3.353   20.464  1.00 95.02  ? 11  C   P C5    1 
ATOM   1307 C  C6    . C   E 5 6  ? 3.508   3.554   20.973  1.00 95.36  ? 11  C   P C6    1 
ATOM   1308 P  P     . C   E 5 7  ? 4.465   6.657   25.450  1.00 108.53 ? 12  C   P P     1 
ATOM   1309 O  OP1   . C   E 5 7  ? 4.708   6.758   26.908  1.00 108.33 ? 12  C   P OP1   1 
ATOM   1310 O  OP2   . C   E 5 7  ? 3.134   6.226   24.961  1.00 108.68 ? 12  C   P OP2   1 
ATOM   1311 O  "O5'" . C   E 5 7  ? 4.774   8.059   24.776  1.00 101.95 ? 12  C   P "O5'" 1 
ATOM   1312 C  "C5'" . C   E 5 7  ? 3.837   9.100   24.870  1.00 95.52  ? 12  C   P "C5'" 1 
ATOM   1313 C  "C4'" . C   E 5 7  ? 3.939   9.990   23.672  1.00 95.54  ? 12  C   P "C4'" 1 
ATOM   1314 O  "O4'" . C   E 5 7  ? 3.935   9.191   22.462  1.00 95.16  ? 12  C   P "O4'" 1 
ATOM   1315 C  "C3'" . C   E 5 7  ? 2.751   10.904  23.512  1.00 96.69  ? 12  C   P "C3'" 1 
ATOM   1316 O  "O3'" . C   E 5 7  ? 2.844   12.008  24.379  1.00 99.03  ? 12  C   P "O3'" 1 
ATOM   1317 C  "C2'" . C   E 5 7  ? 2.784   11.221  22.027  1.00 94.48  ? 12  C   P "C2'" 1 
ATOM   1318 O  "O2'" . C   E 5 7  ? 3.746   12.206  21.695  1.00 93.65  ? 12  C   P "O2'" 1 
ATOM   1319 C  "C1'" . C   E 5 7  ? 3.172   9.854   21.454  1.00 92.46  ? 12  C   P "C1'" 1 
ATOM   1320 N  N1    . C   E 5 7  ? 1.986   9.010   21.178  1.00 87.88  ? 12  C   P N1    1 
ATOM   1321 C  C2    . C   E 5 7  ? 1.030   9.434   20.239  1.00 86.47  ? 12  C   P C2    1 
ATOM   1322 O  O2    . C   E 5 7  ? 1.189   10.521  19.646  1.00 83.76  ? 12  C   P O2    1 
ATOM   1323 N  N3    . C   E 5 7  ? -0.047  8.643   20.006  1.00 85.48  ? 12  C   P N3    1 
ATOM   1324 C  C4    . C   E 5 7  ? -0.187  7.485   20.663  1.00 85.91  ? 12  C   P C4    1 
ATOM   1325 N  N4    . C   E 5 7  ? -1.252  6.731   20.393  1.00 85.88  ? 12  C   P N4    1 
ATOM   1326 C  C5    . C   E 5 7  ? 0.760   7.044   21.620  1.00 86.39  ? 12  C   P C5    1 
ATOM   1327 C  C6    . C   E 5 7  ? 1.820   7.826   21.841  1.00 86.41  ? 12  C   P C6    1 
ATOM   1328 P  P     . G   E 5 8  ? 1.697   12.226  25.472  1.00 101.50 ? 13  G   P P     1 
ATOM   1329 O  OP1   . G   E 5 8  ? 2.243   13.077  26.566  1.00 99.52  ? 13  G   P OP1   1 
ATOM   1330 O  OP2   . G   E 5 8  ? 1.139   10.879  25.785  1.00 100.28 ? 13  G   P OP2   1 
ATOM   1331 O  "O5'" . G   E 5 8  ? 0.611   13.067  24.668  1.00 97.14  ? 13  G   P "O5'" 1 
ATOM   1332 C  "C5'" . G   E 5 8  ? 0.995   14.243  23.962  1.00 91.01  ? 13  G   P "C5'" 1 
ATOM   1333 C  "C4'" . G   E 5 8  ? -0.034  14.583  22.913  1.00 89.76  ? 13  G   P "C4'" 1 
ATOM   1334 O  "O4'" . G   E 5 8  ? -0.091  13.506  21.936  1.00 85.86  ? 13  G   P "O4'" 1 
ATOM   1335 C  "C3'" . G   E 5 8  ? -1.460  14.665  23.435  1.00 89.61  ? 13  G   P "C3'" 1 
ATOM   1336 O  "O3'" . G   E 5 8  ? -1.763  15.881  24.118  1.00 91.01  ? 13  G   P "O3'" 1 
ATOM   1337 C  "C2'" . G   E 5 8  ? -2.288  14.403  22.183  1.00 88.46  ? 13  G   P "C2'" 1 
ATOM   1338 O  "O2'" . G   E 5 8  ? -2.447  15.539  21.353  1.00 91.49  ? 13  G   P "O2'" 1 
ATOM   1339 C  "C1'" . G   E 5 8  ? -1.426  13.361  21.467  1.00 82.71  ? 13  G   P "C1'" 1 
ATOM   1340 N  N9    . G   E 5 8  ? -1.866  11.978  21.647  1.00 77.11  ? 13  G   P N9    1 
ATOM   1341 C  C8    . G   E 5 8  ? -1.332  11.008  22.471  1.00 74.22  ? 13  G   P C8    1 
ATOM   1342 N  N7    . G   E 5 8  ? -1.934  9.852   22.365  1.00 73.16  ? 13  G   P N7    1 
ATOM   1343 C  C5    . G   E 5 8  ? -2.930  10.074  21.421  1.00 69.94  ? 13  G   P C5    1 
ATOM   1344 C  C6    . G   E 5 8  ? -3.893  9.186   20.868  1.00 69.29  ? 13  G   P C6    1 
ATOM   1345 O  O6    . G   E 5 8  ? -4.044  7.973   21.099  1.00 67.30  ? 13  G   P O6    1 
ATOM   1346 N  N1    . G   E 5 8  ? -4.726  9.838   19.950  1.00 67.71  ? 13  G   P N1    1 
ATOM   1347 C  C2    . G   E 5 8  ? -4.638  11.173  19.602  1.00 68.66  ? 13  G   P C2    1 
ATOM   1348 N  N2    . G   E 5 8  ? -5.563  11.641  18.722  1.00 64.49  ? 13  G   P N2    1 
ATOM   1349 N  N3    . G   E 5 8  ? -3.721  11.998  20.089  1.00 70.52  ? 13  G   P N3    1 
ATOM   1350 C  C4    . G   E 5 8  ? -2.911  11.386  20.985  1.00 72.55  ? 13  G   P C4    1 
HETATM 1351 S  S     . SO4 F 6 .  ? 13.069  -7.280  2.637   0.45 78.25  ? 103 SO4 A S     1 
HETATM 1352 O  O1    . SO4 F 6 .  ? 13.464  -8.607  3.132   0.45 77.43  ? 103 SO4 A O1    1 
HETATM 1353 O  O2    . SO4 F 6 .  ? 12.873  -7.342  1.182   0.45 75.00  ? 103 SO4 A O2    1 
HETATM 1354 O  O3    . SO4 F 6 .  ? 11.816  -6.866  3.281   0.45 78.78  ? 103 SO4 A O3    1 
HETATM 1355 O  O4    . SO4 F 6 .  ? 14.134  -6.312  2.952   0.45 76.45  ? 103 SO4 A O4    1 
HETATM 1356 CO CO    . NCO G 7 .  ? 9.224   -8.944  -0.441  0.35 75.89  ? 102 NCO B CO    1 
HETATM 1357 N  N1    . NCO G 7 .  ? 8.836   -9.385  1.494   0.35 71.89  ? 102 NCO B N1    1 
HETATM 1358 N  N2    . NCO G 7 .  ? 8.734   -10.848 -0.851  0.35 72.49  ? 102 NCO B N2    1 
HETATM 1359 N  N3    . NCO G 7 .  ? 7.421   -8.203  -0.783  0.35 71.55  ? 102 NCO B N3    1 
HETATM 1360 N  N4    . NCO G 7 .  ? 11.052  -9.615  -0.276  0.35 71.63  ? 102 NCO B N4    1 
HETATM 1361 N  N5    . NCO G 7 .  ? 9.660   -8.555  -2.310  0.35 71.44  ? 102 NCO B N5    1 
HETATM 1362 N  N6    . NCO G 7 .  ? 9.752   -7.068  0.082   0.35 72.51  ? 102 NCO B N6    1 
HETATM 1363 CO CO    . NCO H 7 .  ? -1.511  10.091  -6.289  0.75 53.36  ? 101 NCO C CO    1 
HETATM 1364 N  N1    . NCO H 7 .  ? -1.089  12.034  -6.607  0.75 45.90  ? 101 NCO C N1    1 
HETATM 1365 N  N2    . NCO H 7 .  ? -1.694  9.923   -8.258  0.75 46.85  ? 101 NCO C N2    1 
HETATM 1366 N  N3    . NCO H 7 .  ? 0.376   9.555   -6.208  0.75 46.26  ? 101 NCO C N3    1 
HETATM 1367 N  N4    . NCO H 7 .  ? -3.418  10.475  -6.275  0.75 44.48  ? 101 NCO C N4    1 
HETATM 1368 N  N5    . NCO H 7 .  ? -1.976  8.222   -6.023  0.75 46.64  ? 101 NCO C N5    1 
HETATM 1369 N  N6    . NCO H 7 .  ? -1.389  10.372  -4.299  0.75 43.71  ? 101 NCO C N6    1 
HETATM 1370 O  O     . HOH I 8 .  ? 2.580   -2.376  1.227   1.00 48.89  ? 104 HOH A O     1 
HETATM 1371 O  O     . HOH I 8 .  ? 0.945   -0.450  -0.575  1.00 57.14  ? 105 HOH A O     1 
HETATM 1372 O  O     . HOH I 8 .  ? 0.014   0.062   9.820   1.00 62.20  ? 106 HOH A O     1 
HETATM 1373 O  O     . HOH I 8 .  ? 14.749  1.325   -4.137  1.00 47.12  ? 107 HOH A O     1 
HETATM 1374 O  O     . HOH I 8 .  ? 11.040  -4.326  2.246   1.00 62.94  ? 108 HOH A O     1 
HETATM 1375 O  O     . HOH I 8 .  ? 11.695  -5.941  5.969   1.00 75.74  ? 109 HOH A O     1 
HETATM 1376 O  O     . HOH I 8 .  ? 17.262  -0.256  -5.489  0.50 44.04  ? 110 HOH A O     1 
HETATM 1377 O  O     . HOH J 8 .  ? 2.814   -9.859  -11.348 1.00 64.91  ? 16  HOH B O     1 
HETATM 1378 O  O     . HOH J 8 .  ? -0.061  -11.062 7.435   1.00 57.70  ? 36  HOH B O     1 
HETATM 1379 O  O     . HOH J 8 .  ? 7.608   12.468  16.776  1.00 80.24  ? 38  HOH B O     1 
HETATM 1380 O  O     . HOH J 8 .  ? -0.243  -6.443  -12.852 1.00 67.51  ? 40  HOH B O     1 
HETATM 1381 O  O     . HOH J 8 .  ? 2.568   -6.855  -12.352 1.00 71.05  ? 41  HOH B O     1 
HETATM 1382 O  O     . HOH J 8 .  ? 5.939   10.801  18.153  1.00 69.46  ? 55  HOH B O     1 
HETATM 1383 O  O     . HOH K 8 .  ? 0.026   -3.652  0.238   1.00 50.16  ? 102 HOH C O     1 
HETATM 1384 O  O     . HOH K 8 .  ? -19.815 -12.204 11.615  1.00 62.48  ? 103 HOH C O     1 
HETATM 1385 O  O     . HOH K 8 .  ? 15.604  3.487   -7.440  1.00 49.33  ? 104 HOH C O     1 
HETATM 1386 O  O     . HOH K 8 .  ? -0.108  -8.017  -9.951  1.00 64.45  ? 105 HOH C O     1 
HETATM 1387 O  O     . HOH K 8 .  ? 18.095  11.615  -10.831 1.00 41.10  ? 106 HOH C O     1 
HETATM 1388 O  O     . HOH K 8 .  ? -1.691  11.572  -18.225 1.00 55.08  ? 107 HOH C O     1 
HETATM 1389 O  O     . HOH K 8 .  ? 13.769  6.486   -16.978 1.00 57.32  ? 108 HOH C O     1 
HETATM 1390 O  O     . HOH K 8 .  ? -1.921  5.902   -16.044 1.00 62.34  ? 109 HOH C O     1 
HETATM 1391 O  O     . HOH K 8 .  ? 5.422   8.220   -10.778 1.00 59.67  ? 110 HOH C O     1 
HETATM 1392 O  O     . HOH K 8 .  ? -19.593 -16.188 6.943   1.00 48.85  ? 111 HOH C O     1 
HETATM 1393 O  O     . HOH K 8 .  ? -16.794 -12.889 9.251   1.00 57.14  ? 112 HOH C O     1 
HETATM 1394 O  O     . HOH K 8 .  ? -1.014  13.215  -16.180 1.00 64.15  ? 113 HOH C O     1 
HETATM 1395 O  O     . HOH K 8 .  ? 3.294   7.889   -6.285  1.00 55.39  ? 114 HOH C O     1 
HETATM 1396 O  O     . HOH K 8 .  ? -3.259  -14.690 -6.807  1.00 78.52  ? 115 HOH C O     1 
HETATM 1397 O  O     . HOH K 8 .  ? -16.584 -5.084  5.106   1.00 53.60  ? 116 HOH C O     1 
HETATM 1398 O  O     . HOH K 8 .  ? 8.586   19.013  -10.557 1.00 60.15  ? 117 HOH C O     1 
HETATM 1399 O  O     . HOH K 8 .  ? 14.020  1.959   -9.462  1.00 52.21  ? 118 HOH C O     1 
HETATM 1400 O  O     . HOH K 8 .  ? 11.773  7.923   -16.258 1.00 75.02  ? 119 HOH C O     1 
HETATM 1401 O  O     . HOH L 8 .  ? -5.938  2.517   4.594   1.00 45.30  ? 50  HOH D O     1 
HETATM 1402 O  O     . HOH L 8 .  ? -3.206  4.212   3.776   1.00 55.07  ? 51  HOH D O     1 
HETATM 1403 O  O     . HOH L 8 .  ? -2.543  5.080   6.906   1.00 75.66  ? 52  HOH D O     1 
HETATM 1404 O  O     . HOH L 8 .  ? 10.268  11.211  -19.496 1.00 51.57  ? 53  HOH D O     1 
HETATM 1405 O  O     . HOH L 8 .  ? 8.056   6.809   -15.493 1.00 62.71  ? 54  HOH D O     1 
HETATM 1406 O  O     . HOH L 8 .  ? 6.368   4.636   -12.970 1.00 55.71  ? 55  HOH D O     1 
HETATM 1407 O  O     . HOH L 8 .  ? 5.591   6.926   -7.857  1.00 58.18  ? 56  HOH D O     1 
HETATM 1408 O  O     . HOH L 8 .  ? 7.327   3.834   -22.829 1.00 71.76  ? 57  HOH D O     1 
HETATM 1409 O  O     . HOH L 8 .  ? -12.181 -12.999 -1.659  1.00 55.83  ? 58  HOH D O     1 
HETATM 1410 O  O     . HOH L 8 .  ? -12.233 -13.741 1.433   1.00 64.66  ? 59  HOH D O     1 
HETATM 1411 O  O     . HOH L 8 .  ? -12.043 -15.246 5.524   1.00 64.14  ? 60  HOH D O     1 
HETATM 1412 O  O     . HOH L 8 .  ? -15.434 -1.927  3.683   1.00 43.16  ? 61  HOH D O     1 
HETATM 1413 O  O     . HOH L 8 .  ? -8.010  0.565   -4.988  1.00 58.50  ? 62  HOH D O     1 
HETATM 1414 O  O     . HOH L 8 .  ? -13.188 4.025   -2.002  1.00 65.31  ? 63  HOH D O     1 
HETATM 1415 O  O     . HOH L 8 .  ? 12.631  13.073  -21.491 1.00 58.36  ? 64  HOH D O     1 
HETATM 1416 O  O     . HOH L 8 .  ? -11.951 -16.385 2.942   1.00 50.88  ? 65  HOH D O     1 
HETATM 1417 O  O     . HOH L 8 .  ? -11.188 -14.154 -9.211  1.00 65.07  ? 66  HOH D O     1 
HETATM 1418 O  O     . HOH L 8 .  ? -14.009 -7.799  -5.883  1.00 63.76  ? 67  HOH D O     1 
HETATM 1419 O  O     . HOH L 8 .  ? -11.394 -8.447  -3.069  1.00 73.95  ? 68  HOH D O     1 
HETATM 1420 O  O     . HOH L 8 .  ? -14.316 -3.049  5.652   1.00 62.13  ? 69  HOH D O     1 
HETATM 1421 O  O     . HOH L 8 .  ? -10.006 -15.507 -6.272  1.00 61.82  ? 70  HOH D O     1 
HETATM 1422 O  O     . HOH L 8 .  ? 10.773  18.295  -12.857 1.00 63.81  ? 71  HOH D O     1 
HETATM 1423 O  O     . HOH L 8 .  ? 4.984   19.737  -21.399 1.00 74.33  ? 72  HOH D O     1 
HETATM 1424 O  O     . HOH L 8 .  ? 6.002   18.953  -16.480 1.00 74.93  ? 73  HOH D O     1 
HETATM 1425 O  O     . HOH L 8 .  ? -13.815 11.210  1.719   1.00 66.18  ? 74  HOH D O     1 
HETATM 1426 O  O     . HOH L 8 .  ? 9.451   1.276   -13.491 1.00 72.52  ? 75  HOH D O     1 
HETATM 1427 O  O     . HOH L 8 .  ? -1.329  9.369   -19.838 1.00 72.85  ? 76  HOH D O     1 
HETATM 1428 O  O     . HOH M 8 .  ? -2.168  -4.630  4.996   1.00 47.53  ? 5   HOH P O     1 
HETATM 1429 O  O     . HOH M 8 .  ? -8.414  -2.726  -2.528  1.00 65.61  ? 32  HOH P O     1 
HETATM 1430 O  O     . HOH M 8 .  ? -1.717  -10.864 9.382   1.00 59.46  ? 56  HOH P O     1 
# 
loop_
_pdbx_poly_seq_scheme.asym_id 
_pdbx_poly_seq_scheme.entity_id 
_pdbx_poly_seq_scheme.seq_id 
_pdbx_poly_seq_scheme.mon_id 
_pdbx_poly_seq_scheme.ndb_seq_num 
_pdbx_poly_seq_scheme.pdb_seq_num 
_pdbx_poly_seq_scheme.auth_seq_num 
_pdbx_poly_seq_scheme.pdb_mon_id 
_pdbx_poly_seq_scheme.auth_mon_id 
_pdbx_poly_seq_scheme.pdb_strand_id 
_pdbx_poly_seq_scheme.pdb_ins_code 
_pdbx_poly_seq_scheme.hetero 
A 1 1  U   1  1  1  U   U   A . n 
A 1 2  C   2  2  2  C   C   A . n 
A 1 3  C   3  3  3  C   C   A . n 
A 1 4  C   4  4  4  C   C   A . n 
A 1 5  AVC 5  5  5  AVC AVC A . n 
B 2 1  C   1  2  2  C   C   B . n 
B 2 2  G   2  3  3  G   G   B . n 
B 2 3  G   3  4  4  G   G   B . n 
B 2 4  U   4  5  5  U   U   B . n 
B 2 5  G   5  6  6  G   G   B . n 
B 2 6  A   6  7  7  A   A   B . n 
B 2 7  G   7  8  8  G   G   B . n 
B 2 8  A   8  9  9  A   A   B . n 
B 2 9  A   9  10 10 A   A   B . n 
B 2 10 G   10 11 11 G   G   B . n 
B 2 11 G   11 12 12 G   G   B . n 
B 2 12 G   12 13 13 G   G   B . n 
B 2 13 S9L 13 14 14 S9L S9L B . n 
C 3 1  G   1  15 15 G   G   C . n 
C 3 2  G   2  16 16 G   G   C . n 
C 3 3  C   3  17 17 C   C   C . n 
C 3 4  A   4  18 18 A   A   C . n 
C 3 5  G   5  19 19 G   G   C . n 
C 3 6  A   6  20 20 A   A   C . n 
C 3 7  G   7  21 21 G   G   C . n 
C 3 8  A   8  22 22 A   A   C . n 
C 3 9  A   9  23 23 A   A   C . n 
C 3 10 A   10 24 24 A   A   C . n 
C 3 11 C   11 25 25 C   C   C . n 
C 3 12 A   12 26 26 A   A   C . n 
C 3 13 C   13 27 27 C   C   C . n 
C 3 14 A   14 28 28 A   A   C . n 
C 3 15 C   15 29 29 C   C   C . n 
C 3 16 G   16 30 30 G   G   C . n 
C 3 17 A   17 31 31 A   A   C . n 
D 4 1  U   1  31 31 U   U   D . n 
D 4 2  C   2  32 32 C   C   D . n 
D 4 3  G   3  33 33 G   G   D . n 
D 4 4  U   4  34 34 U   U   D . n 
D 4 5  G   5  35 35 G   G   D . n 
D 4 6  G   6  36 36 G   G   D . n 
D 4 7  U   7  37 37 U   U   D . n 
D 4 8  A   8  38 38 A   A   D . n 
D 4 9  C   9  39 39 C   C   D . n 
D 4 10 A   10 40 40 A   A   D . n 
D 4 11 U   11 41 41 U   U   D . n 
D 4 12 U   12 42 42 U   U   D . n 
D 4 13 A   13 43 43 A   A   D . n 
D 4 14 C   14 44 44 C   C   D . n 
D 4 15 C   15 45 45 C   C   D . n 
D 4 16 U   16 46 46 U   U   D . n 
D 4 17 G   17 47 47 G   G   D . n 
D 4 18 C   18 48 48 C   C   D . n 
D 4 19 C   19 49 49 C   C   D . n 
E 5 1  G   1  6  6  G   G   P . n 
E 5 2  U   2  7  7  U   U   P . n 
E 5 3  C   3  8  8  C   C   P . n 
E 5 4  C   4  9  9  C   C   P . n 
E 5 5  A   5  10 10 A   A   P . n 
E 5 6  C   6  11 11 C   C   P . n 
E 5 7  C   7  12 12 C   C   P . n 
E 5 8  G   8  13 13 G   G   P . n 
# 
loop_
_pdbx_nonpoly_scheme.asym_id 
_pdbx_nonpoly_scheme.entity_id 
_pdbx_nonpoly_scheme.mon_id 
_pdbx_nonpoly_scheme.ndb_seq_num 
_pdbx_nonpoly_scheme.pdb_seq_num 
_pdbx_nonpoly_scheme.auth_seq_num 
_pdbx_nonpoly_scheme.pdb_mon_id 
_pdbx_nonpoly_scheme.auth_mon_id 
_pdbx_nonpoly_scheme.pdb_strand_id 
_pdbx_nonpoly_scheme.pdb_ins_code 
F 6 SO4 1  103 103 SO4 SO4 A . 
G 7 NCO 1  102 102 NCO NCO B . 
H 7 NCO 1  101 101 NCO NCO C . 
I 8 HOH 1  104 1   HOH HOH A . 
I 8 HOH 2  105 2   HOH HOH A . 
I 8 HOH 3  106 7   HOH HOH A . 
I 8 HOH 4  107 14  HOH HOH A . 
I 8 HOH 5  108 21  HOH HOH A . 
I 8 HOH 6  109 54  HOH HOH A . 
I 8 HOH 7  110 61  HOH HOH A . 
J 8 HOH 1  16  16  HOH HOH B . 
J 8 HOH 2  36  36  HOH HOH B . 
J 8 HOH 3  38  38  HOH HOH B . 
J 8 HOH 4  40  40  HOH HOH B . 
J 8 HOH 5  41  41  HOH HOH B . 
J 8 HOH 6  55  55  HOH HOH B . 
K 8 HOH 1  102 6   HOH HOH C . 
K 8 HOH 2  103 9   HOH HOH C . 
K 8 HOH 3  104 13  HOH HOH C . 
K 8 HOH 4  105 15  HOH HOH C . 
K 8 HOH 5  106 17  HOH HOH C . 
K 8 HOH 6  107 19  HOH HOH C . 
K 8 HOH 7  108 22  HOH HOH C . 
K 8 HOH 8  109 23  HOH HOH C . 
K 8 HOH 9  110 24  HOH HOH C . 
K 8 HOH 10 111 28  HOH HOH C . 
K 8 HOH 11 112 29  HOH HOH C . 
K 8 HOH 12 113 34  HOH HOH C . 
K 8 HOH 13 114 39  HOH HOH C . 
K 8 HOH 14 115 43  HOH HOH C . 
K 8 HOH 15 116 47  HOH HOH C . 
K 8 HOH 16 117 49  HOH HOH C . 
K 8 HOH 17 118 53  HOH HOH C . 
K 8 HOH 18 119 59  HOH HOH C . 
L 8 HOH 1  50  3   HOH HOH D . 
L 8 HOH 2  51  4   HOH HOH D . 
L 8 HOH 3  52  8   HOH HOH D . 
L 8 HOH 4  53  10  HOH HOH D . 
L 8 HOH 5  54  11  HOH HOH D . 
L 8 HOH 6  55  12  HOH HOH D . 
L 8 HOH 7  56  18  HOH HOH D . 
L 8 HOH 8  57  20  HOH HOH D . 
L 8 HOH 9  58  25  HOH HOH D . 
L 8 HOH 10 59  26  HOH HOH D . 
L 8 HOH 11 60  27  HOH HOH D . 
L 8 HOH 12 61  30  HOH HOH D . 
L 8 HOH 13 62  31  HOH HOH D . 
L 8 HOH 14 63  33  HOH HOH D . 
L 8 HOH 15 64  35  HOH HOH D . 
L 8 HOH 16 65  37  HOH HOH D . 
L 8 HOH 17 66  42  HOH HOH D . 
L 8 HOH 18 67  44  HOH HOH D . 
L 8 HOH 19 68  45  HOH HOH D . 
L 8 HOH 20 69  46  HOH HOH D . 
L 8 HOH 21 70  48  HOH HOH D . 
L 8 HOH 22 71  50  HOH HOH D . 
L 8 HOH 23 72  51  HOH HOH D . 
L 8 HOH 24 73  52  HOH HOH D . 
L 8 HOH 25 74  57  HOH HOH D . 
L 8 HOH 26 75  58  HOH HOH D . 
L 8 HOH 27 76  60  HOH HOH D . 
M 8 HOH 1  5   5   HOH HOH P . 
M 8 HOH 2  32  32  HOH HOH P . 
M 8 HOH 3  56  56  HOH HOH P . 
# 
_pdbx_struct_mod_residue.id               1 
_pdbx_struct_mod_residue.label_asym_id    A 
_pdbx_struct_mod_residue.label_comp_id    AVC 
_pdbx_struct_mod_residue.label_seq_id     5 
_pdbx_struct_mod_residue.auth_asym_id     A 
_pdbx_struct_mod_residue.auth_comp_id     AVC 
_pdbx_struct_mod_residue.auth_seq_id      5 
_pdbx_struct_mod_residue.PDB_ins_code     ? 
_pdbx_struct_mod_residue.parent_comp_id   A 
_pdbx_struct_mod_residue.details          ? 
# 
_pdbx_struct_assembly.id                   1 
_pdbx_struct_assembly.details              author_defined_assembly 
_pdbx_struct_assembly.method_details       ? 
_pdbx_struct_assembly.oligomeric_details   pentameric 
_pdbx_struct_assembly.oligomeric_count     5 
# 
_pdbx_struct_assembly_gen.assembly_id       1 
_pdbx_struct_assembly_gen.oper_expression   1 
_pdbx_struct_assembly_gen.asym_id_list      A,B,C,D,E,F,G,H,I,J,K,L,M 
# 
_pdbx_struct_oper_list.id                   1 
_pdbx_struct_oper_list.type                 'identity operation' 
_pdbx_struct_oper_list.name                 1_555 
_pdbx_struct_oper_list.symmetry_operation   x,y,z 
_pdbx_struct_oper_list.matrix[1][1]         1.0000000000 
_pdbx_struct_oper_list.matrix[1][2]         0.0000000000 
_pdbx_struct_oper_list.matrix[1][3]         0.0000000000 
_pdbx_struct_oper_list.vector[1]            0.0000000000 
_pdbx_struct_oper_list.matrix[2][1]         0.0000000000 
_pdbx_struct_oper_list.matrix[2][2]         1.0000000000 
_pdbx_struct_oper_list.matrix[2][3]         0.0000000000 
_pdbx_struct_oper_list.vector[2]            0.0000000000 
_pdbx_struct_oper_list.matrix[3][1]         0.0000000000 
_pdbx_struct_oper_list.matrix[3][2]         0.0000000000 
_pdbx_struct_oper_list.matrix[3][3]         1.0000000000 
_pdbx_struct_oper_list.vector[3]            0.0000000000 
# 
_pdbx_struct_special_symmetry.id              1 
_pdbx_struct_special_symmetry.PDB_model_num   1 
_pdbx_struct_special_symmetry.auth_asym_id    A 
_pdbx_struct_special_symmetry.auth_comp_id    U 
_pdbx_struct_special_symmetry.auth_seq_id     1 
_pdbx_struct_special_symmetry.PDB_ins_code    ? 
_pdbx_struct_special_symmetry.label_asym_id   A 
_pdbx_struct_special_symmetry.label_comp_id   U 
_pdbx_struct_special_symmetry.label_seq_id    1 
# 
loop_
_pdbx_struct_conn_angle.id 
_pdbx_struct_conn_angle.ptnr1_label_atom_id 
_pdbx_struct_conn_angle.ptnr1_label_alt_id 
_pdbx_struct_conn_angle.ptnr1_label_asym_id 
_pdbx_struct_conn_angle.ptnr1_label_comp_id 
_pdbx_struct_conn_angle.ptnr1_label_seq_id 
_pdbx_struct_conn_angle.ptnr1_auth_atom_id 
_pdbx_struct_conn_angle.ptnr1_auth_asym_id 
_pdbx_struct_conn_angle.ptnr1_auth_comp_id 
_pdbx_struct_conn_angle.ptnr1_auth_seq_id 
_pdbx_struct_conn_angle.ptnr1_PDB_ins_code 
_pdbx_struct_conn_angle.ptnr1_symmetry 
_pdbx_struct_conn_angle.ptnr2_label_atom_id 
_pdbx_struct_conn_angle.ptnr2_label_alt_id 
_pdbx_struct_conn_angle.ptnr2_label_asym_id 
_pdbx_struct_conn_angle.ptnr2_label_comp_id 
_pdbx_struct_conn_angle.ptnr2_label_seq_id 
_pdbx_struct_conn_angle.ptnr2_auth_atom_id 
_pdbx_struct_conn_angle.ptnr2_auth_asym_id 
_pdbx_struct_conn_angle.ptnr2_auth_comp_id 
_pdbx_struct_conn_angle.ptnr2_auth_seq_id 
_pdbx_struct_conn_angle.ptnr2_PDB_ins_code 
_pdbx_struct_conn_angle.ptnr2_symmetry 
_pdbx_struct_conn_angle.ptnr3_label_atom_id 
_pdbx_struct_conn_angle.ptnr3_label_alt_id 
_pdbx_struct_conn_angle.ptnr3_label_asym_id 
_pdbx_struct_conn_angle.ptnr3_label_comp_id 
_pdbx_struct_conn_angle.ptnr3_label_seq_id 
_pdbx_struct_conn_angle.ptnr3_auth_atom_id 
_pdbx_struct_conn_angle.ptnr3_auth_asym_id 
_pdbx_struct_conn_angle.ptnr3_auth_comp_id 
_pdbx_struct_conn_angle.ptnr3_auth_seq_id 
_pdbx_struct_conn_angle.ptnr3_PDB_ins_code 
_pdbx_struct_conn_angle.ptnr3_symmetry 
_pdbx_struct_conn_angle.value 
_pdbx_struct_conn_angle.value_esd 
1  "O5'" ? E G   1 ? P G   6 ? 1_555 V ? A AVC 5 ? A AVC 5 ? 1_555 "O3'" ? A AVC 5 ? A AVC 5 ? 1_555 81.3  ? 
2  "O5'" ? E G   1 ? P G   6 ? 1_555 V ? A AVC 5 ? A AVC 5 ? 1_555 "O2'" ? A AVC 5 ? A AVC 5 ? 1_555 153.5 ? 
3  "O3'" ? A AVC 5 ? A AVC 5 ? 1_555 V ? A AVC 5 ? A AVC 5 ? 1_555 "O2'" ? A AVC 5 ? A AVC 5 ? 1_555 76.6  ? 
4  "O5'" ? E G   1 ? P G   6 ? 1_555 V ? A AVC 5 ? A AVC 5 ? 1_555 O1V   ? A AVC 5 ? A AVC 5 ? 1_555 93.9  ? 
5  "O3'" ? A AVC 5 ? A AVC 5 ? 1_555 V ? A AVC 5 ? A AVC 5 ? 1_555 O1V   ? A AVC 5 ? A AVC 5 ? 1_555 130.0 ? 
6  "O2'" ? A AVC 5 ? A AVC 5 ? 1_555 V ? A AVC 5 ? A AVC 5 ? 1_555 O1V   ? A AVC 5 ? A AVC 5 ? 1_555 89.4  ? 
7  "O5'" ? E G   1 ? P G   6 ? 1_555 V ? A AVC 5 ? A AVC 5 ? 1_555 O2V   ? A AVC 5 ? A AVC 5 ? 1_555 97.8  ? 
8  "O3'" ? A AVC 5 ? A AVC 5 ? 1_555 V ? A AVC 5 ? A AVC 5 ? 1_555 O2V   ? A AVC 5 ? A AVC 5 ? 1_555 121.4 ? 
9  "O2'" ? A AVC 5 ? A AVC 5 ? 1_555 V ? A AVC 5 ? A AVC 5 ? 1_555 O2V   ? A AVC 5 ? A AVC 5 ? 1_555 106.0 ? 
10 O1V   ? A AVC 5 ? A AVC 5 ? 1_555 V ? A AVC 5 ? A AVC 5 ? 1_555 O2V   ? A AVC 5 ? A AVC 5 ? 1_555 108.6 ? 
# 
loop_
_pdbx_audit_revision_history.ordinal 
_pdbx_audit_revision_history.data_content_type 
_pdbx_audit_revision_history.major_revision 
_pdbx_audit_revision_history.minor_revision 
_pdbx_audit_revision_history.revision_date 
1 'Structure model' 1 0 2007-05-22 
2 'Structure model' 1 1 2008-05-01 
3 'Structure model' 1 2 2011-07-13 
4 'Structure model' 1 3 2023-08-30 
# 
_pdbx_audit_revision_details.ordinal             1 
_pdbx_audit_revision_details.revision_ordinal    1 
_pdbx_audit_revision_details.data_content_type   'Structure model' 
_pdbx_audit_revision_details.provider            repository 
_pdbx_audit_revision_details.type                'Initial release' 
_pdbx_audit_revision_details.description         ? 
_pdbx_audit_revision_details.details             ? 
# 
loop_
_pdbx_audit_revision_group.ordinal 
_pdbx_audit_revision_group.revision_ordinal 
_pdbx_audit_revision_group.data_content_type 
_pdbx_audit_revision_group.group 
1 2 'Structure model' 'Version format compliance' 
2 3 'Structure model' 'Version format compliance' 
3 4 'Structure model' 'Data collection'           
4 4 'Structure model' 'Database references'       
5 4 'Structure model' 'Derived calculations'      
6 4 'Structure model' 'Refinement description'    
# 
loop_
_pdbx_audit_revision_category.ordinal 
_pdbx_audit_revision_category.revision_ordinal 
_pdbx_audit_revision_category.data_content_type 
_pdbx_audit_revision_category.category 
1 4 'Structure model' chem_comp_atom                
2 4 'Structure model' chem_comp_bond                
3 4 'Structure model' database_2                    
4 4 'Structure model' pdbx_initial_refinement_model 
5 4 'Structure model' pdbx_struct_special_symmetry  
6 4 'Structure model' struct_conn                   
7 4 'Structure model' struct_conn_type              
8 4 'Structure model' struct_site                   
# 
loop_
_pdbx_audit_revision_item.ordinal 
_pdbx_audit_revision_item.revision_ordinal 
_pdbx_audit_revision_item.data_content_type 
_pdbx_audit_revision_item.item 
1  4 'Structure model' '_database_2.pdbx_DOI'                
2  4 'Structure model' '_database_2.pdbx_database_accession' 
3  4 'Structure model' '_struct_conn.conn_type_id'           
4  4 'Structure model' '_struct_conn.id'                     
5  4 'Structure model' '_struct_conn.pdbx_dist_value'        
6  4 'Structure model' '_struct_conn.pdbx_leaving_atom_flag' 
7  4 'Structure model' '_struct_conn.ptnr1_auth_comp_id'     
8  4 'Structure model' '_struct_conn.ptnr1_auth_seq_id'      
9  4 'Structure model' '_struct_conn.ptnr1_label_atom_id'    
10 4 'Structure model' '_struct_conn.ptnr1_label_comp_id'    
11 4 'Structure model' '_struct_conn.ptnr1_label_seq_id'     
12 4 'Structure model' '_struct_conn.ptnr2_auth_asym_id'     
13 4 'Structure model' '_struct_conn.ptnr2_auth_comp_id'     
14 4 'Structure model' '_struct_conn.ptnr2_auth_seq_id'      
15 4 'Structure model' '_struct_conn.ptnr2_label_asym_id'    
16 4 'Structure model' '_struct_conn.ptnr2_label_atom_id'    
17 4 'Structure model' '_struct_conn.ptnr2_label_comp_id'    
18 4 'Structure model' '_struct_conn.ptnr2_label_seq_id'     
19 4 'Structure model' '_struct_conn_type.id'                
20 4 'Structure model' '_struct_site.pdbx_auth_asym_id'      
21 4 'Structure model' '_struct_site.pdbx_auth_comp_id'      
22 4 'Structure model' '_struct_site.pdbx_auth_seq_id'       
# 
loop_
_software.name 
_software.classification 
_software.version 
_software.citation_id 
_software.pdbx_ordinal 
Blu-Ice      'data collection' . ? 1 
CNS          refinement        . ? 2 
CrystalClear 'data reduction'  . ? 3 
CrystalClear 'data scaling'    . ? 4 
CNS          phasing           . ? 5 
# 
loop_
_pdbx_validate_rmsd_angle.id 
_pdbx_validate_rmsd_angle.PDB_model_num 
_pdbx_validate_rmsd_angle.auth_atom_id_1 
_pdbx_validate_rmsd_angle.auth_asym_id_1 
_pdbx_validate_rmsd_angle.auth_comp_id_1 
_pdbx_validate_rmsd_angle.auth_seq_id_1 
_pdbx_validate_rmsd_angle.PDB_ins_code_1 
_pdbx_validate_rmsd_angle.label_alt_id_1 
_pdbx_validate_rmsd_angle.auth_atom_id_2 
_pdbx_validate_rmsd_angle.auth_asym_id_2 
_pdbx_validate_rmsd_angle.auth_comp_id_2 
_pdbx_validate_rmsd_angle.auth_seq_id_2 
_pdbx_validate_rmsd_angle.PDB_ins_code_2 
_pdbx_validate_rmsd_angle.label_alt_id_2 
_pdbx_validate_rmsd_angle.auth_atom_id_3 
_pdbx_validate_rmsd_angle.auth_asym_id_3 
_pdbx_validate_rmsd_angle.auth_comp_id_3 
_pdbx_validate_rmsd_angle.auth_seq_id_3 
_pdbx_validate_rmsd_angle.PDB_ins_code_3 
_pdbx_validate_rmsd_angle.label_alt_id_3 
_pdbx_validate_rmsd_angle.angle_value 
_pdbx_validate_rmsd_angle.angle_target_value 
_pdbx_validate_rmsd_angle.angle_deviation 
_pdbx_validate_rmsd_angle.angle_standard_deviation 
_pdbx_validate_rmsd_angle.linker_flag 
1 1 N9    B G 8 ? B "C1'" B G 8 ? B "C2'" B G 8 ? B 126.81 114.00 12.81 1.30 N 
2 1 "O4'" B G 8 ? B "C1'" B G 8 ? B N9    B G 8 ? B 113.51 108.50 5.01  0.70 N 
3 1 "C5'" P G 6 ? ? "C4'" P G 6 ? ? "C3'" P G 6 ? ? 105.70 115.20 -9.50 1.40 N 
# 
loop_
_chem_comp_atom.comp_id 
_chem_comp_atom.atom_id 
_chem_comp_atom.type_symbol 
_chem_comp_atom.pdbx_aromatic_flag 
_chem_comp_atom.pdbx_stereo_config 
_chem_comp_atom.pdbx_ordinal 
A   OP3    O  N N 1   
A   P      P  N N 2   
A   OP1    O  N N 3   
A   OP2    O  N N 4   
A   "O5'"  O  N N 5   
A   "C5'"  C  N N 6   
A   "C4'"  C  N R 7   
A   "O4'"  O  N N 8   
A   "C3'"  C  N S 9   
A   "O3'"  O  N N 10  
A   "C2'"  C  N R 11  
A   "O2'"  O  N N 12  
A   "C1'"  C  N R 13  
A   N9     N  Y N 14  
A   C8     C  Y N 15  
A   N7     N  Y N 16  
A   C5     C  Y N 17  
A   C6     C  Y N 18  
A   N6     N  N N 19  
A   N1     N  Y N 20  
A   C2     C  Y N 21  
A   N3     N  Y N 22  
A   C4     C  Y N 23  
A   HOP3   H  N N 24  
A   HOP2   H  N N 25  
A   "H5'"  H  N N 26  
A   "H5''" H  N N 27  
A   "H4'"  H  N N 28  
A   "H3'"  H  N N 29  
A   "HO3'" H  N N 30  
A   "H2'"  H  N N 31  
A   "HO2'" H  N N 32  
A   "H1'"  H  N N 33  
A   H8     H  N N 34  
A   H61    H  N N 35  
A   H62    H  N N 36  
A   H2     H  N N 37  
AVC OP3    O  N N 38  
AVC P      P  N N 39  
AVC OP1    O  N N 40  
AVC OP2    O  N N 41  
AVC "O5'"  O  N N 42  
AVC "C5'"  C  N N 43  
AVC "C4'"  C  N R 44  
AVC "O4'"  O  N N 45  
AVC "C3'"  C  N R 46  
AVC "O3'"  O  N N 47  
AVC "C2'"  C  N R 48  
AVC "O2'"  O  N N 49  
AVC "C1'"  C  N R 50  
AVC V      V  N N 51  
AVC O1V    O  N N 52  
AVC O2V    O  N N 53  
AVC N9     N  Y N 54  
AVC C8     C  Y N 55  
AVC N7     N  Y N 56  
AVC C5     C  Y N 57  
AVC C6     C  Y N 58  
AVC N6     N  N N 59  
AVC N1     N  Y N 60  
AVC C2     C  Y N 61  
AVC N3     N  Y N 62  
AVC C4     C  Y N 63  
AVC HOP3   H  N N 64  
AVC HOP2   H  N N 65  
AVC "H5'"  H  N N 66  
AVC "H5''" H  N N 67  
AVC "H4'"  H  N N 68  
AVC "H3'"  H  N N 69  
AVC "H2'"  H  N N 70  
AVC "H1'"  H  N N 71  
AVC HV     H  N N 72  
AVC H8     H  N N 73  
AVC H61    H  N N 74  
AVC H62    H  N N 75  
AVC H2     H  N N 76  
C   OP3    O  N N 77  
C   P      P  N N 78  
C   OP1    O  N N 79  
C   OP2    O  N N 80  
C   "O5'"  O  N N 81  
C   "C5'"  C  N N 82  
C   "C4'"  C  N R 83  
C   "O4'"  O  N N 84  
C   "C3'"  C  N S 85  
C   "O3'"  O  N N 86  
C   "C2'"  C  N R 87  
C   "O2'"  O  N N 88  
C   "C1'"  C  N R 89  
C   N1     N  N N 90  
C   C2     C  N N 91  
C   O2     O  N N 92  
C   N3     N  N N 93  
C   C4     C  N N 94  
C   N4     N  N N 95  
C   C5     C  N N 96  
C   C6     C  N N 97  
C   HOP3   H  N N 98  
C   HOP2   H  N N 99  
C   "H5'"  H  N N 100 
C   "H5''" H  N N 101 
C   "H4'"  H  N N 102 
C   "H3'"  H  N N 103 
C   "HO3'" H  N N 104 
C   "H2'"  H  N N 105 
C   "HO2'" H  N N 106 
C   "H1'"  H  N N 107 
C   H41    H  N N 108 
C   H42    H  N N 109 
C   H5     H  N N 110 
C   H6     H  N N 111 
G   OP3    O  N N 112 
G   P      P  N N 113 
G   OP1    O  N N 114 
G   OP2    O  N N 115 
G   "O5'"  O  N N 116 
G   "C5'"  C  N N 117 
G   "C4'"  C  N R 118 
G   "O4'"  O  N N 119 
G   "C3'"  C  N S 120 
G   "O3'"  O  N N 121 
G   "C2'"  C  N R 122 
G   "O2'"  O  N N 123 
G   "C1'"  C  N R 124 
G   N9     N  Y N 125 
G   C8     C  Y N 126 
G   N7     N  Y N 127 
G   C5     C  Y N 128 
G   C6     C  N N 129 
G   O6     O  N N 130 
G   N1     N  N N 131 
G   C2     C  N N 132 
G   N2     N  N N 133 
G   N3     N  N N 134 
G   C4     C  Y N 135 
G   HOP3   H  N N 136 
G   HOP2   H  N N 137 
G   "H5'"  H  N N 138 
G   "H5''" H  N N 139 
G   "H4'"  H  N N 140 
G   "H3'"  H  N N 141 
G   "HO3'" H  N N 142 
G   "H2'"  H  N N 143 
G   "HO2'" H  N N 144 
G   "H1'"  H  N N 145 
G   H8     H  N N 146 
G   H1     H  N N 147 
G   H21    H  N N 148 
G   H22    H  N N 149 
HOH O      O  N N 150 
HOH H1     H  N N 151 
HOH H2     H  N N 152 
NCO CO     CO N N 153 
NCO N1     N  N N 154 
NCO N2     N  N N 155 
NCO N3     N  N N 156 
NCO N4     N  N N 157 
NCO N5     N  N N 158 
NCO N6     N  N N 159 
NCO HN11   H  N N 160 
NCO HN12   H  N N 161 
NCO HN13   H  N N 162 
NCO HN21   H  N N 163 
NCO HN22   H  N N 164 
NCO HN23   H  N N 165 
NCO HN31   H  N N 166 
NCO HN32   H  N N 167 
NCO HN33   H  N N 168 
NCO HN41   H  N N 169 
NCO HN42   H  N N 170 
NCO HN43   H  N N 171 
NCO HN51   H  N N 172 
NCO HN52   H  N N 173 
NCO HN53   H  N N 174 
NCO HN61   H  N N 175 
NCO HN62   H  N N 176 
NCO HN63   H  N N 177 
S9L O3P    O  N N 178 
S9L P      P  N N 179 
S9L O1P    O  N N 180 
S9L O2P    O  N N 181 
S9L "O5'"  O  N N 182 
S9L C12    C  N N 183 
S9L C22    C  N N 184 
S9L OH3    O  N N 185 
S9L C13    C  N N 186 
S9L C23    C  N N 187 
S9L OH4    O  N N 188 
S9L C14    C  N N 189 
S9L C24    C  N N 190 
S9L "O3'"  O  N N 191 
S9L HO3P   H  N N 192 
S9L HO1P   H  N N 193 
S9L H121   H  N N 194 
S9L H122   H  N N 195 
S9L H221   H  N N 196 
S9L H222   H  N N 197 
S9L H131   H  N N 198 
S9L H132   H  N N 199 
S9L H231   H  N N 200 
S9L H232   H  N N 201 
S9L H141   H  N N 202 
S9L H142   H  N N 203 
S9L H241   H  N N 204 
S9L H242   H  N N 205 
S9L "HO3'" H  N N 206 
SO4 S      S  N N 207 
SO4 O1     O  N N 208 
SO4 O2     O  N N 209 
SO4 O3     O  N N 210 
SO4 O4     O  N N 211 
U   OP3    O  N N 212 
U   P      P  N N 213 
U   OP1    O  N N 214 
U   OP2    O  N N 215 
U   "O5'"  O  N N 216 
U   "C5'"  C  N N 217 
U   "C4'"  C  N R 218 
U   "O4'"  O  N N 219 
U   "C3'"  C  N S 220 
U   "O3'"  O  N N 221 
U   "C2'"  C  N R 222 
U   "O2'"  O  N N 223 
U   "C1'"  C  N R 224 
U   N1     N  N N 225 
U   C2     C  N N 226 
U   O2     O  N N 227 
U   N3     N  N N 228 
U   C4     C  N N 229 
U   O4     O  N N 230 
U   C5     C  N N 231 
U   C6     C  N N 232 
U   HOP3   H  N N 233 
U   HOP2   H  N N 234 
U   "H5'"  H  N N 235 
U   "H5''" H  N N 236 
U   "H4'"  H  N N 237 
U   "H3'"  H  N N 238 
U   "HO3'" H  N N 239 
U   "H2'"  H  N N 240 
U   "HO2'" H  N N 241 
U   "H1'"  H  N N 242 
U   H3     H  N N 243 
U   H5     H  N N 244 
U   H6     H  N N 245 
# 
loop_
_chem_comp_bond.comp_id 
_chem_comp_bond.atom_id_1 
_chem_comp_bond.atom_id_2 
_chem_comp_bond.value_order 
_chem_comp_bond.pdbx_aromatic_flag 
_chem_comp_bond.pdbx_stereo_config 
_chem_comp_bond.pdbx_ordinal 
A   OP3   P      sing N N 1   
A   OP3   HOP3   sing N N 2   
A   P     OP1    doub N N 3   
A   P     OP2    sing N N 4   
A   P     "O5'"  sing N N 5   
A   OP2   HOP2   sing N N 6   
A   "O5'" "C5'"  sing N N 7   
A   "C5'" "C4'"  sing N N 8   
A   "C5'" "H5'"  sing N N 9   
A   "C5'" "H5''" sing N N 10  
A   "C4'" "O4'"  sing N N 11  
A   "C4'" "C3'"  sing N N 12  
A   "C4'" "H4'"  sing N N 13  
A   "O4'" "C1'"  sing N N 14  
A   "C3'" "O3'"  sing N N 15  
A   "C3'" "C2'"  sing N N 16  
A   "C3'" "H3'"  sing N N 17  
A   "O3'" "HO3'" sing N N 18  
A   "C2'" "O2'"  sing N N 19  
A   "C2'" "C1'"  sing N N 20  
A   "C2'" "H2'"  sing N N 21  
A   "O2'" "HO2'" sing N N 22  
A   "C1'" N9     sing N N 23  
A   "C1'" "H1'"  sing N N 24  
A   N9    C8     sing Y N 25  
A   N9    C4     sing Y N 26  
A   C8    N7     doub Y N 27  
A   C8    H8     sing N N 28  
A   N7    C5     sing Y N 29  
A   C5    C6     sing Y N 30  
A   C5    C4     doub Y N 31  
A   C6    N6     sing N N 32  
A   C6    N1     doub Y N 33  
A   N6    H61    sing N N 34  
A   N6    H62    sing N N 35  
A   N1    C2     sing Y N 36  
A   C2    N3     doub Y N 37  
A   C2    H2     sing N N 38  
A   N3    C4     sing Y N 39  
AVC OP3   P      sing N N 40  
AVC OP3   HOP3   sing N N 41  
AVC P     OP1    doub N N 42  
AVC P     OP2    sing N N 43  
AVC P     "O5'"  sing N N 44  
AVC OP2   HOP2   sing N N 45  
AVC "O5'" "C5'"  sing N N 46  
AVC "C5'" "C4'"  sing N N 47  
AVC "C5'" "H5'"  sing N N 48  
AVC "C5'" "H5''" sing N N 49  
AVC "C4'" "O4'"  sing N N 50  
AVC "C4'" "C3'"  sing N N 51  
AVC "C4'" "H4'"  sing N N 52  
AVC "O4'" "C1'"  sing N N 53  
AVC "C3'" "O3'"  sing N N 54  
AVC "C3'" "C2'"  sing N N 55  
AVC "C3'" "H3'"  sing N N 56  
AVC "O3'" V      sing N N 57  
AVC "C2'" "O2'"  sing N N 58  
AVC "C2'" "C1'"  sing N N 59  
AVC "C2'" "H2'"  sing N N 60  
AVC "O2'" V      sing N N 61  
AVC "C1'" N9     sing N N 62  
AVC "C1'" "H1'"  sing N N 63  
AVC V     O1V    doub N N 64  
AVC V     O2V    sing N N 65  
AVC O2V   HV     sing N N 66  
AVC N9    C8     sing Y N 67  
AVC N9    C4     sing Y N 68  
AVC C8    N7     doub Y N 69  
AVC C8    H8     sing N N 70  
AVC N7    C5     sing Y N 71  
AVC C5    C6     sing Y N 72  
AVC C5    C4     doub Y N 73  
AVC C6    N6     sing N N 74  
AVC C6    N1     doub Y N 75  
AVC N6    H61    sing N N 76  
AVC N6    H62    sing N N 77  
AVC N1    C2     sing Y N 78  
AVC C2    N3     doub Y N 79  
AVC C2    H2     sing N N 80  
AVC N3    C4     sing Y N 81  
C   OP3   P      sing N N 82  
C   OP3   HOP3   sing N N 83  
C   P     OP1    doub N N 84  
C   P     OP2    sing N N 85  
C   P     "O5'"  sing N N 86  
C   OP2   HOP2   sing N N 87  
C   "O5'" "C5'"  sing N N 88  
C   "C5'" "C4'"  sing N N 89  
C   "C5'" "H5'"  sing N N 90  
C   "C5'" "H5''" sing N N 91  
C   "C4'" "O4'"  sing N N 92  
C   "C4'" "C3'"  sing N N 93  
C   "C4'" "H4'"  sing N N 94  
C   "O4'" "C1'"  sing N N 95  
C   "C3'" "O3'"  sing N N 96  
C   "C3'" "C2'"  sing N N 97  
C   "C3'" "H3'"  sing N N 98  
C   "O3'" "HO3'" sing N N 99  
C   "C2'" "O2'"  sing N N 100 
C   "C2'" "C1'"  sing N N 101 
C   "C2'" "H2'"  sing N N 102 
C   "O2'" "HO2'" sing N N 103 
C   "C1'" N1     sing N N 104 
C   "C1'" "H1'"  sing N N 105 
C   N1    C2     sing N N 106 
C   N1    C6     sing N N 107 
C   C2    O2     doub N N 108 
C   C2    N3     sing N N 109 
C   N3    C4     doub N N 110 
C   C4    N4     sing N N 111 
C   C4    C5     sing N N 112 
C   N4    H41    sing N N 113 
C   N4    H42    sing N N 114 
C   C5    C6     doub N N 115 
C   C5    H5     sing N N 116 
C   C6    H6     sing N N 117 
G   OP3   P      sing N N 118 
G   OP3   HOP3   sing N N 119 
G   P     OP1    doub N N 120 
G   P     OP2    sing N N 121 
G   P     "O5'"  sing N N 122 
G   OP2   HOP2   sing N N 123 
G   "O5'" "C5'"  sing N N 124 
G   "C5'" "C4'"  sing N N 125 
G   "C5'" "H5'"  sing N N 126 
G   "C5'" "H5''" sing N N 127 
G   "C4'" "O4'"  sing N N 128 
G   "C4'" "C3'"  sing N N 129 
G   "C4'" "H4'"  sing N N 130 
G   "O4'" "C1'"  sing N N 131 
G   "C3'" "O3'"  sing N N 132 
G   "C3'" "C2'"  sing N N 133 
G   "C3'" "H3'"  sing N N 134 
G   "O3'" "HO3'" sing N N 135 
G   "C2'" "O2'"  sing N N 136 
G   "C2'" "C1'"  sing N N 137 
G   "C2'" "H2'"  sing N N 138 
G   "O2'" "HO2'" sing N N 139 
G   "C1'" N9     sing N N 140 
G   "C1'" "H1'"  sing N N 141 
G   N9    C8     sing Y N 142 
G   N9    C4     sing Y N 143 
G   C8    N7     doub Y N 144 
G   C8    H8     sing N N 145 
G   N7    C5     sing Y N 146 
G   C5    C6     sing N N 147 
G   C5    C4     doub Y N 148 
G   C6    O6     doub N N 149 
G   C6    N1     sing N N 150 
G   N1    C2     sing N N 151 
G   N1    H1     sing N N 152 
G   C2    N2     sing N N 153 
G   C2    N3     doub N N 154 
G   N2    H21    sing N N 155 
G   N2    H22    sing N N 156 
G   N3    C4     sing N N 157 
HOH O     H1     sing N N 158 
HOH O     H2     sing N N 159 
NCO CO    N1     sing N N 160 
NCO CO    N2     sing N N 161 
NCO CO    N3     sing N N 162 
NCO CO    N4     sing N N 163 
NCO CO    N5     sing N N 164 
NCO CO    N6     sing N N 165 
NCO N1    HN11   sing N N 166 
NCO N1    HN12   sing N N 167 
NCO N1    HN13   sing N N 168 
NCO N2    HN21   sing N N 169 
NCO N2    HN22   sing N N 170 
NCO N2    HN23   sing N N 171 
NCO N3    HN31   sing N N 172 
NCO N3    HN32   sing N N 173 
NCO N3    HN33   sing N N 174 
NCO N4    HN41   sing N N 175 
NCO N4    HN42   sing N N 176 
NCO N4    HN43   sing N N 177 
NCO N5    HN51   sing N N 178 
NCO N5    HN52   sing N N 179 
NCO N5    HN53   sing N N 180 
NCO N6    HN61   sing N N 181 
NCO N6    HN62   sing N N 182 
NCO N6    HN63   sing N N 183 
S9L O3P   P      sing N N 184 
S9L O3P   HO3P   sing N N 185 
S9L P     O2P    doub N N 186 
S9L P     O1P    sing N N 187 
S9L P     "O5'"  sing N N 188 
S9L O1P   HO1P   sing N N 189 
S9L "O5'" C12    sing N N 190 
S9L C12   C22    sing N N 191 
S9L C12   H121   sing N N 192 
S9L C12   H122   sing N N 193 
S9L C22   OH3    sing N N 194 
S9L C22   H221   sing N N 195 
S9L C22   H222   sing N N 196 
S9L OH3   C23    sing N N 197 
S9L C13   C23    sing N N 198 
S9L C13   OH4    sing N N 199 
S9L C13   H131   sing N N 200 
S9L C13   H132   sing N N 201 
S9L C23   H231   sing N N 202 
S9L C23   H232   sing N N 203 
S9L OH4   C24    sing N N 204 
S9L C14   C24    sing N N 205 
S9L C14   "O3'"  sing N N 206 
S9L C14   H141   sing N N 207 
S9L C14   H142   sing N N 208 
S9L C24   H241   sing N N 209 
S9L C24   H242   sing N N 210 
S9L "O3'" "HO3'" sing N N 211 
SO4 S     O1     doub N N 212 
SO4 S     O2     doub N N 213 
SO4 S     O3     sing N N 214 
SO4 S     O4     sing N N 215 
U   OP3   P      sing N N 216 
U   OP3   HOP3   sing N N 217 
U   P     OP1    doub N N 218 
U   P     OP2    sing N N 219 
U   P     "O5'"  sing N N 220 
U   OP2   HOP2   sing N N 221 
U   "O5'" "C5'"  sing N N 222 
U   "C5'" "C4'"  sing N N 223 
U   "C5'" "H5'"  sing N N 224 
U   "C5'" "H5''" sing N N 225 
U   "C4'" "O4'"  sing N N 226 
U   "C4'" "C3'"  sing N N 227 
U   "C4'" "H4'"  sing N N 228 
U   "O4'" "C1'"  sing N N 229 
U   "C3'" "O3'"  sing N N 230 
U   "C3'" "C2'"  sing N N 231 
U   "C3'" "H3'"  sing N N 232 
U   "O3'" "HO3'" sing N N 233 
U   "C2'" "O2'"  sing N N 234 
U   "C2'" "C1'"  sing N N 235 
U   "C2'" "H2'"  sing N N 236 
U   "O2'" "HO2'" sing N N 237 
U   "C1'" N1     sing N N 238 
U   "C1'" "H1'"  sing N N 239 
U   N1    C2     sing N N 240 
U   N1    C6     sing N N 241 
U   C2    O2     doub N N 242 
U   C2    N3     sing N N 243 
U   N3    C4     sing N N 244 
U   N3    H3     sing N N 245 
U   C4    O4     doub N N 246 
U   C4    C5     sing N N 247 
U   C5    C6     doub N N 248 
U   C5    H5     sing N N 249 
U   C6    H6     sing N N 250 
# 
loop_
_ndb_struct_conf_na.entry_id 
_ndb_struct_conf_na.feature 
2P7E 'double helix'         
2P7E 'a-form double helix'  
2P7E 'bulge loop'           
2P7E 'mismatched base pair' 
2P7E 'internal loop'        
# 
loop_
_ndb_struct_na_base_pair.model_number 
_ndb_struct_na_base_pair.i_label_asym_id 
_ndb_struct_na_base_pair.i_label_comp_id 
_ndb_struct_na_base_pair.i_label_seq_id 
_ndb_struct_na_base_pair.i_symmetry 
_ndb_struct_na_base_pair.j_label_asym_id 
_ndb_struct_na_base_pair.j_label_comp_id 
_ndb_struct_na_base_pair.j_label_seq_id 
_ndb_struct_na_base_pair.j_symmetry 
_ndb_struct_na_base_pair.shear 
_ndb_struct_na_base_pair.stretch 
_ndb_struct_na_base_pair.stagger 
_ndb_struct_na_base_pair.buckle 
_ndb_struct_na_base_pair.propeller 
_ndb_struct_na_base_pair.opening 
_ndb_struct_na_base_pair.pair_number 
_ndb_struct_na_base_pair.pair_name 
_ndb_struct_na_base_pair.i_auth_asym_id 
_ndb_struct_na_base_pair.i_auth_seq_id 
_ndb_struct_na_base_pair.i_PDB_ins_code 
_ndb_struct_na_base_pair.j_auth_asym_id 
_ndb_struct_na_base_pair.j_auth_seq_id 
_ndb_struct_na_base_pair.j_PDB_ins_code 
_ndb_struct_na_base_pair.hbond_type_28 
_ndb_struct_na_base_pair.hbond_type_12 
1 A C   2  1_555 B G 12 1_555 0.198  -0.371 -0.309 6.360   -18.470 -0.090   1  A_C2:G13_B  A 2  ? B 13 ? 19 1  
1 A C   3  1_555 B G 11 1_555 0.062  -0.380 -0.147 -1.227  -7.931  -2.549   2  A_C3:G12_B  A 3  ? B 12 ? 19 1  
1 A C   4  1_555 B G 10 1_555 0.495  -0.223 0.012  2.120   3.491   2.569    3  A_C4:G11_B  A 4  ? B 11 ? 19 1  
1 A AVC 5  1_555 B A 8  1_555 6.675  -4.037 -0.329 8.441   -0.635  -29.697  4  A_AVC5:A9_B A 5  ? B 9  ? ?  10 
1 E U   2  1_555 B G 7  1_555 -8.164 -2.444 0.010  6.119   10.225  -0.603   5  P_U7:G8_B   P 7  ? B 8  ? ?  ?  
1 E C   3  1_555 B A 6  1_555 -1.868 0.489  -0.585 15.494  -14.915 5.283    6  P_C8:A7_B   P 8  ? B 7  ? ?  ?  
1 E C   4  1_555 B G 5  1_555 0.122  0.032  0.073  8.675   -14.318 3.198    7  P_C9:G6_B   P 9  ? B 6  ? 19 1  
1 E A   5  1_555 B U 4  1_555 0.570  -0.087 0.545  9.694   -10.417 -1.445   8  P_A10:U5_B  P 10 ? B 5  ? 20 1  
1 E C   6  1_555 B G 3  1_555 0.215  -0.142 0.449  1.610   -12.272 3.342    9  P_C11:G4_B  P 11 ? B 4  ? 19 1  
1 E C   7  1_555 B G 2  1_555 0.263  -0.401 0.367  0.448   -14.658 -3.549   10 P_C12:G3_B  P 12 ? B 3  ? 19 1  
1 E G   8  1_555 B C 1  1_555 0.346  -0.104 0.080  -0.175  -9.565  2.736    11 P_G13:C2_B  P 13 ? B 2  ? 19 1  
1 C G   1  1_555 D C 19 1_555 -0.422 -0.064 0.731  7.740   -8.889  -1.442   12 C_G15:C49_D C 15 ? D 49 ? 19 1  
1 C G   2  1_555 D C 18 1_555 -0.251 -0.226 0.365  13.388  -12.826 -3.227   13 C_G16:C48_D C 16 ? D 48 ? 19 1  
1 C C   3  1_555 D G 17 1_555 -0.118 -0.104 0.068  4.645   -15.137 1.269    14 C_C17:G47_D C 17 ? D 47 ? 19 1  
1 C A   4  1_555 D U 16 1_555 -0.293 -0.026 0.124  0.584   -11.281 3.380    15 C_A18:U46_D C 18 ? D 46 ? 20 1  
1 C G   5  1_555 D C 15 1_555 -0.397 -0.208 -0.368 -7.172  -7.400  2.861    16 C_G19:C45_D C 19 ? D 45 ? 19 1  
1 C A   6  1_555 D C 14 1_555 2.261  0.208  -0.352 -14.199 -3.190  15.771   17 C_A20:C44_D C 20 ? D 44 ? ?  1  
1 C G   7  1_555 D A 13 1_555 7.014  -4.558 -0.041 -7.662  2.600   -4.447   18 C_G21:A43_D C 21 ? D 43 ? 11 10 
1 C A   8  1_555 D U 11 1_555 -4.110 -1.767 -0.094 -3.530  -9.884  -101.191 19 C_A22:U41_D C 22 ? D 41 ? 24 4  
1 C A   9  1_555 D A 10 1_555 -4.258 1.115  -0.223 0.690   -18.955 -100.202 20 C_A23:A40_D C 23 ? D 40 ? 5  4  
1 C A   10 1_555 D A 8  1_555 5.153  3.527  -0.399 -0.734  -16.073 -159.077 21 C_A24:A38_D C 24 ? D 38 ? ?  ?  
1 C C   11 1_555 E G 1  1_555 0.145  -0.205 0.126  17.661  -12.224 -1.228   22 C_C25:G6_P  C 25 ? P 6  ? 19 1  
1 C A   12 1_555 D G 6  1_555 0.210  1.344  -0.508 -8.919  -16.270 -17.585  23 C_A26:G36_D C 26 ? D 36 ? 8  ?  
1 C C   13 1_555 D G 5  1_555 0.188  -0.154 0.233  3.681   -19.966 0.891    24 C_C27:G35_D C 27 ? D 35 ? 19 1  
1 C A   14 1_555 D U 4  1_555 0.097  -0.243 0.419  6.174   -18.879 0.752    25 C_A28:U34_D C 28 ? D 34 ? 20 1  
1 C C   15 1_555 D G 3  1_555 -0.003 -0.255 0.169  3.897   -13.563 0.774    26 C_C29:G33_D C 29 ? D 33 ? 19 1  
1 C G   16 1_555 D C 2  1_555 -0.206 -0.157 0.053  -8.041  -14.670 -3.294   27 C_G30:C32_D C 30 ? D 32 ? 19 1  
1 C A   17 1_555 D U 1  1_555 0.178  0.012  0.075  -3.983  -5.554  2.262    28 C_A31:U31_D C 31 ? D 31 ? 20 1  
# 
loop_
_ndb_struct_na_base_pair_step.model_number 
_ndb_struct_na_base_pair_step.i_label_asym_id_1 
_ndb_struct_na_base_pair_step.i_label_comp_id_1 
_ndb_struct_na_base_pair_step.i_label_seq_id_1 
_ndb_struct_na_base_pair_step.i_symmetry_1 
_ndb_struct_na_base_pair_step.j_label_asym_id_1 
_ndb_struct_na_base_pair_step.j_label_comp_id_1 
_ndb_struct_na_base_pair_step.j_label_seq_id_1 
_ndb_struct_na_base_pair_step.j_symmetry_1 
_ndb_struct_na_base_pair_step.i_label_asym_id_2 
_ndb_struct_na_base_pair_step.i_label_comp_id_2 
_ndb_struct_na_base_pair_step.i_label_seq_id_2 
_ndb_struct_na_base_pair_step.i_symmetry_2 
_ndb_struct_na_base_pair_step.j_label_asym_id_2 
_ndb_struct_na_base_pair_step.j_label_comp_id_2 
_ndb_struct_na_base_pair_step.j_label_seq_id_2 
_ndb_struct_na_base_pair_step.j_symmetry_2 
_ndb_struct_na_base_pair_step.shift 
_ndb_struct_na_base_pair_step.slide 
_ndb_struct_na_base_pair_step.rise 
_ndb_struct_na_base_pair_step.tilt 
_ndb_struct_na_base_pair_step.roll 
_ndb_struct_na_base_pair_step.twist 
_ndb_struct_na_base_pair_step.x_displacement 
_ndb_struct_na_base_pair_step.y_displacement 
_ndb_struct_na_base_pair_step.helical_rise 
_ndb_struct_na_base_pair_step.inclination 
_ndb_struct_na_base_pair_step.tip 
_ndb_struct_na_base_pair_step.helical_twist 
_ndb_struct_na_base_pair_step.step_number 
_ndb_struct_na_base_pair_step.step_name 
_ndb_struct_na_base_pair_step.i_auth_asym_id_1 
_ndb_struct_na_base_pair_step.i_auth_seq_id_1 
_ndb_struct_na_base_pair_step.i_PDB_ins_code_1 
_ndb_struct_na_base_pair_step.j_auth_asym_id_1 
_ndb_struct_na_base_pair_step.j_auth_seq_id_1 
_ndb_struct_na_base_pair_step.j_PDB_ins_code_1 
_ndb_struct_na_base_pair_step.i_auth_asym_id_2 
_ndb_struct_na_base_pair_step.i_auth_seq_id_2 
_ndb_struct_na_base_pair_step.i_PDB_ins_code_2 
_ndb_struct_na_base_pair_step.j_auth_asym_id_2 
_ndb_struct_na_base_pair_step.j_auth_seq_id_2 
_ndb_struct_na_base_pair_step.j_PDB_ins_code_2 
1 A C   2  1_555 B G 12 1_555 A C   3  1_555 B G 11 1_555 -0.648 -1.775 3.536 -1.124 9.731  31.237 -4.845 0.955  2.889 17.539 
2.026   32.701 1  AA_C2C3:G12G13_BB   A 2  ? B 13 ? A 3  ? B 12 ? 
1 A C   3  1_555 B G 11 1_555 A C   4  1_555 B G 10 1_555 0.813  -1.647 3.374 1.587  8.531  29.345 -4.761 -1.237 2.833 16.393 
-3.049  30.574 2  AA_C3C4:G11G12_BB   A 3  ? B 12 ? A 4  ? B 11 ? 
1 A C   4  1_555 B G 10 1_555 A AVC 5  1_555 B A 8  1_555 -0.020 -1.074 5.280 -2.902 30.050 73.209 -2.178 -0.112 4.630 24.226 
2.339   78.377 3  AA_C4AVC5:A9G11_BB  A 4  ? B 11 ? A 5  ? B 9  ? 
1 A AVC 5  1_555 B A 8  1_555 E U   2  1_555 B G 7  1_555 -0.654 0.378  3.490 6.998  1.080  9.880  0.405  12.050 2.497 5.444  
-35.279 12.150 4  AP_AVC5U7:G8A9_BB   A 5  ? B 9  ? P 7  ? B 8  ? 
1 E U   2  1_555 B G 7  1_555 E C   3  1_555 B A 6  1_555 -0.045 -0.631 3.096 -5.788 12.411 54.144 -1.343 -0.263 2.889 13.396 
6.247   55.722 5  PP_U7C8:A7G8_BB     P 7  ? B 8  ? P 8  ? B 7  ? 
1 E C   3  1_555 B A 6  1_555 E C   4  1_555 B G 5  1_555 -0.198 -1.455 3.511 -6.731 6.119  37.778 -2.970 -0.560 3.232 9.287  
10.216  38.819 6  PP_C8C9:G6A7_BB     P 8  ? B 7  ? P 9  ? B 6  ? 
1 E C   4  1_555 B G 5  1_555 E A   5  1_555 B U 4  1_555 -0.645 -1.801 2.972 -4.847 8.574  35.124 -3.902 0.454  2.541 13.874 
7.844   36.437 7  PP_C9A10:U5G6_BB    P 9  ? B 6  ? P 10 ? B 5  ? 
1 E A   5  1_555 B U 4  1_555 E C   6  1_555 B G 3  1_555 -0.018 -2.007 3.427 -0.288 3.028  26.492 -5.154 -0.038 3.181 6.579  
0.626   26.662 8  PP_A10C11:G4U5_BB   P 10 ? B 5  ? P 11 ? B 4  ? 
1 E C   6  1_555 B G 3  1_555 E C   7  1_555 B G 2  1_555 -0.142 -2.207 3.133 1.518  5.032  32.164 -4.728 0.492  2.756 9.008  
-2.718  32.579 9  PP_C11C12:G3G4_BB   P 11 ? B 4  ? P 12 ? B 3  ? 
1 E C   7  1_555 B G 2  1_555 E G   8  1_555 B C 1  1_555 0.239  -1.943 3.085 3.847  10.551 32.720 -4.673 0.109  2.375 18.078 
-6.591  34.544 10 PP_C12G13:C2G3_BB   P 12 ? B 3  ? P 13 ? B 2  ? 
1 C G   1  1_555 D C 19 1_555 C G   2  1_555 D C 18 1_555 -0.681 -1.212 3.088 -0.676 4.909  34.324 -2.728 1.047  2.904 8.265  
1.139   34.669 11 CC_G15G16:C48C49_DD C 15 ? D 49 ? C 16 ? D 48 ? 
1 C G   2  1_555 D C 18 1_555 C C   3  1_555 D G 17 1_555 0.424  -1.289 3.510 1.837  8.421  33.770 -3.475 -0.420 3.126 14.211 
-3.099  34.822 12 CC_G16C17:G47C48_DD C 16 ? D 48 ? C 17 ? D 47 ? 
1 C C   3  1_555 D G 17 1_555 C A   4  1_555 D U 16 1_555 0.376  -1.836 3.261 -1.606 10.869 31.229 -4.887 -0.907 2.479 19.451 
2.873   33.060 13 CC_C17A18:U46G47_DD C 17 ? D 47 ? C 18 ? D 46 ? 
1 C A   4  1_555 D U 16 1_555 C G   5  1_555 D C 15 1_555 0.190  -2.007 3.502 2.564  7.614  30.105 -5.192 0.135  2.924 14.341 
-4.829  31.135 14 CC_A18G19:C45U46_DD C 18 ? D 46 ? C 19 ? D 45 ? 
1 C G   5  1_555 D C 15 1_555 C A   6  1_555 D C 14 1_555 0.960  -1.421 3.434 1.652  7.818  39.062 -3.004 -1.215 3.139 11.546 
-2.439  39.840 15 CC_G19A20:C44C45_DD C 19 ? D 45 ? C 20 ? D 44 ? 
1 C A   6  1_555 D C 14 1_555 C G   7  1_555 D A 13 1_555 -0.484 -1.037 3.196 5.277  5.081  59.121 -1.289 0.742  3.056 5.128  
-5.326  59.533 16 CC_A20G21:A43C44_DD C 20 ? D 44 ? C 21 ? D 43 ? 
1 C G   7  1_555 D A 13 1_555 C A   8  1_555 D U 11 1_555 -2.376 -0.554 3.408 3.290  -1.924 12.370 -0.392 14.071 2.738 -8.662 
-14.814 12.942 17 CC_G21A22:U41A43_DD C 21 ? D 43 ? C 22 ? D 41 ? 
1 C A   8  1_555 D U 11 1_555 C A   9  1_555 D A 10 1_555 -0.107 -2.337 3.459 -8.764 3.870  44.437 -3.380 -0.663 3.219 5.047  
11.431  45.407 18 CC_A22A23:A40U41_DD C 22 ? D 41 ? C 23 ? D 40 ? 
1 C A   9  1_555 D A 10 1_555 C A   10 1_555 D A 8  1_555 -3.463 -3.256 3.670 -5.597 2.345  74.537 -2.765 2.655  3.795 1.933  
4.614   74.747 19 CC_A23A24:A38A40_DD C 23 ? D 40 ? C 24 ? D 38 ? 
1 C C   11 1_555 E G 1  1_555 C A   12 1_555 D G 6  1_555 0.292  -2.053 3.840 5.506  5.053  48.160 -2.933 0.130  3.631 6.149  
-6.700  48.702 20 CC_C25A26:G36G6_DP  C 25 ? P 6  ? C 26 ? D 36 ? 
1 C A   12 1_555 D G 6  1_555 C C   13 1_555 D G 5  1_555 1.135  -0.658 3.028 -5.861 3.889  29.270 -1.968 -3.243 2.648 7.559  
11.393  30.085 21 CC_A26C27:G35G36_DD C 26 ? D 36 ? C 27 ? D 35 ? 
1 C C   13 1_555 D G 5  1_555 C A   14 1_555 D U 4  1_555 0.205  -1.162 3.097 -0.170 7.101  34.796 -2.855 -0.359 2.812 11.722 
0.280   35.491 22 CC_C27A28:U34G35_DD C 27 ? D 35 ? C 28 ? D 34 ? 
1 C A   14 1_555 D U 4  1_555 C C   15 1_555 D G 3  1_555 0.297  -1.107 3.328 2.673  1.704  31.611 -2.338 -0.047 3.279 3.119  
-4.892  31.766 23 CC_A28C29:G33U34_DD C 28 ? D 34 ? C 29 ? D 33 ? 
1 C C   15 1_555 D G 3  1_555 C G   16 1_555 D C 2  1_555 0.145  -1.578 3.435 2.650  11.050 35.296 -3.944 0.121  2.834 17.668 
-4.236  37.025 24 CC_C29G30:C32G33_DD C 29 ? D 33 ? C 30 ? D 32 ? 
1 C G   16 1_555 D C 2  1_555 C A   17 1_555 D U 1  1_555 0.828  -1.608 3.133 3.267  5.165  31.529 -3.773 -0.951 2.909 9.394  
-5.942  32.101 25 CC_G30A31:U31C32_DD C 30 ? D 32 ? C 31 ? D 31 ? 
# 
loop_
_pdbx_entity_nonpoly.entity_id 
_pdbx_entity_nonpoly.name 
_pdbx_entity_nonpoly.comp_id 
6 'SULFATE ION'           SO4 
7 'COBALT HEXAMMINE(III)' NCO 
8 water                   HOH 
# 
_pdbx_initial_refinement_model.id               1 
_pdbx_initial_refinement_model.entity_id_list   ? 
_pdbx_initial_refinement_model.type             'experimental model' 
_pdbx_initial_refinement_model.source_name      PDB 
_pdbx_initial_refinement_model.accession_code   1ZFR 
_pdbx_initial_refinement_model.details          'PDB ENTRY 1ZFR' 
# 
